data_2IBZ
#
_entry.id   2IBZ
#
_cell.length_a   214.473
_cell.length_b   163.921
_cell.length_c   147.276
_cell.angle_alpha   90.00
_cell.angle_beta   117.50
_cell.angle_gamma   90.00
#
_symmetry.space_group_name_H-M   'C 1 2 1'
#
loop_
_entity.id
_entity.type
_entity.pdbx_description
1 polymer 'Ubiquinol-cytochrome-c reductase complex core protein 1'
2 polymer 'Ubiquinol-cytochrome-c reductase complex core protein 2'
3 polymer 'Cytochrome b'
4 polymer 'Cytochrome c1, heme protein, mitochondrial precursor'
5 polymer 'Ubiquinol-cytochrome c reductase iron-sulfur subunit, mitochondrial precursor'
6 polymer 'Ubiquinol-cytochrome c reductase complex 17 kDa protein'
7 polymer 'Ubiquinol-cytochrome c reductase complex 14 kDa protein'
8 polymer 'Ubiquinol-cytochrome c reductase complex ubiquinone-binding protein QP-C'
9 polymer 'Ubiquinol-cytochrome c reductase complex 7.3 kDa protein'
10 polymer 'Variable Heavy chain of antibody fragment'
11 polymer 'Variable Light chain of antibody fragment'
12 non-polymer 'HEME C'
13 non-polymer 5-(3,7,11,15,19,23-HEXAMETHYL-TETRACOSA-2,6,10,14,18,22-HEXAENYL)-2,3-DIMETHOXY-6-METHYL-BENZENE-1,4-DIOL
14 non-polymer 'STIGMATELLIN A'
15 non-polymer 'FE2/S2 (INORGANIC) CLUSTER'
16 water water
#
loop_
_entity_poly.entity_id
_entity_poly.type
_entity_poly.pdbx_seq_one_letter_code
_entity_poly.pdbx_strand_id
1 'polypeptide(L)'
;AEVTQLSNGIVVATEHNPSAHTASVGVVFGSGAANENPYNNGVSNLWKNIFLSKENSAVAAKEGLALSSNISRDFQSYIV
SSLPGSTDKSLDFLNQSFIQQKANLLSSSNFEATKKSVLKQVQDFEDNDHPNRVLEHLHSTAFQNTPLSLPTRGTLESLE
NLVVADLESFANNHFLNSNAVVVGTGNIKHEDLVNSIESKNLSLQTGTKPVLKKKAAFLGSEVRLRDDTLPKAWISLAVE
GEPVNSPNYFVAKLAAQIFGSYNAFEPASRLQGIKLLDNIQEYQLCDNFNHFSLSYKDSGLWGFSTATRNVTMIDDLIHF
TLKQWNRLTISVTDTEVERAKSLLKLQLGQLYESGNPVNDANLLGAEVLIKGSKLSLGEAFKKIDAITVKDVKAWAGKRL
WDQDIAIAGTGQIEGLLDYMRIRSDMSMMRW
;
A
2 'polypeptide(L)'
;LTVSARDAPTKISTLAVKVHGGSRYATKDGVAHLLNRFNFQNTNTRSALKLVRESELLGGTFKSTLDREYITLKATFLKD
DLPYYVNALADVLYKTAFKPHELTESVLPAARYDYAVAEQCPVKSAEDQLYAITFRKGLGNPLLYDGVERVSLQDIKDFA
DKVYTKENLEVSGENVVEADLKRFVDESLLSTLPAGKSLVSKSEPKFFLGEENRVRFIGDSVAAIGIPVNKASLAQYEVL
ANYLTSALSELSGLISSAKLDKFTDGGLFTLFVRDQDSAVVSSNIKKIVADLKKGKDLSPAINYTKLKNAVQNESVSSPI
ELNFDAVKDFKLGKFNYVAVGDVSNLPYLDEL
;
B
3 'polypeptide(L)'
;MAFRKSNVYLSLVNSYIIDSPQPSSINYWWNMGSLLGLCLVIQIVTGIFMAMHYSSNIELAFSSVEHIMRDVHNGYILRY
LHANGASFFFMVMFMHMAKGLYYGSYRSPRVTLWNVGVIIFTLTIATAFLGYCCVYGQMSHWGATVITNLFSAIPFVGND
IVSWLWGGFSVSNPTIQRFFALHYLVPFIIAAMVIMHLMALHIHGSSNPLGITGNLDRIPMHSYFIFKDLVTVFLFMLIL
ALFVFYSPNTLGHPDNYIPGNPLVTPASIVPEWYLLPFYAILRSIPDKLLGVITMFAAILVLLVLPFTDRSVVRGNTFKV
LSKFFFFIFVFNFVLLGQIGACHVEVPYVLMGQIATFIYFAYFLIIVPVISTIENVLFYIGRVNK
;
C
4 'polypeptide(L)'
;MTAAEHGLHAPAYAWSHNGPFETFDHASIRRGYQVYREVCAACHSLDRVAWRTLVGVSHTNEEVRNMAEEFEYDDEPDEQ
GNPKKRPGKLSDYIPGPYPNEQAARAANQGALPPDLSLIVKARHGGCDYIFSLLTGYPDEPPAGVALPPGSNYNPYFPGG
SIAMARVLFDDMVEYEDGTPATTSQMAKDVTTFLNWCAEPEHDERKRLGLKTVIILSSLYLLSIWVKKFKWAGIKTRKFV
FNPPKPRK
;
D
5 'polypeptide(L)'
;KSTYRTPNFDDVLKENNDADKGRSYAYFMVGAMGLLSSAGAKSTVETFISSMTATADVLAMAKVEVNLAAIPLGKNVVVK
WQGKPVFIRHRTPHEIQEANSVDMSALKDPQTDADRVKDPQWLIMLGICTHLGCVPIGEAGDFGGWFCPCHGSHYDISGR
IRKGPAPLNLEIPAYEFDGDKVIVG
;
E
6 'polypeptide(L)' VTDQLEDLREHFKNTEEGKALVHHYEECAERVKIQQQQPGYADLEHKEDCVEEFFHLQHYLDTATAPRLFDKLK H
7 'polypeptide(L)'
;MPQSFTSIARIGDYILKSPVLSKLCVPVANQFINLAGYKKLGLKFDDLIAEENPIMQTALRRLPEDESYARAYRIIRAHQ
TELTHHLLPRNEWIKAQEDVPYLLPYILEAEAAAKEKDELDNIEVSK
;
F
8 'polypeptide(L)'
;MGPPSGKTYMGWWGHMGGPKQKGITSYAVSPYAQKPLQGIFHNAVFNSFRRFKSQFLYVLIPAGIYWYWWKNGNEYNEFL
YSKAGREELERVNV
;
G
9 'polypeptide(L)' MSFSSLYKTFFKRNAVFVGTIFAGAFVFQTVFDTAITSWYENHNKGKLWKDVKARIAAGDGDDDDE I
10 'polypeptide(L)'
;EVKLQESGAGLVQPSQSLSLTCSVTGYSITSGYYWNWIRLFPGNKLEWVGYISNVGDNNYNPSLKDRLSITRDTSKNQFF
LKLNSVTTEDTATYYCARSEYYSVTGYAMDYWGQGTTVTVSSAWRHP
;
X
11 'polypeptide(L)'
;DIELTQTPVSLAASLGDRVTISCRASQDINNFLNWYQQKPDGTIKLLIYYTSRLHAGVPSRFSGSGSGTDYSLTISNLEP
EDIATYFCQHHIKFPWTFGAGTKLEIK
;
Y
#
loop_
_chem_comp.id
_chem_comp.type
_chem_comp.name
_chem_comp.formula
FES non-polymer 'FE2/S2 (INORGANIC) CLUSTER' 'Fe2 S2'
HEC non-polymer 'HEME C' 'C34 H34 Fe N4 O4'
SMA non-polymer 'STIGMATELLIN A' 'C30 H42 O7'
UQ6 non-polymer 5-(3,7,11,15,19,23-HEXAMETHYL-TETRACOSA-2,6,10,14,18,22-HEXAENYL)-2,3-DIMETHOXY-6-METHYL-BENZENE-1,4-DIOL 'C39 H60 O4'
#
# COMPACT_ATOMS: atom_id res chain seq x y z
N ALA A 1 46.82 35.00 -12.55
CA ALA A 1 45.93 35.15 -11.38
C ALA A 1 45.15 36.47 -11.40
N GLU A 2 45.46 37.32 -12.38
CA GLU A 2 44.80 38.61 -12.53
C GLU A 2 43.73 38.64 -13.63
N VAL A 3 42.55 39.15 -13.27
CA VAL A 3 41.45 39.25 -14.22
C VAL A 3 41.20 40.73 -14.54
N THR A 4 41.85 41.23 -15.59
CA THR A 4 41.70 42.63 -16.00
C THR A 4 40.67 42.80 -17.13
N GLN A 5 39.81 43.79 -16.98
CA GLN A 5 38.77 44.07 -17.97
C GLN A 5 38.35 45.55 -18.00
N LEU A 6 38.47 46.18 -19.17
CA LEU A 6 38.12 47.59 -19.36
C LEU A 6 37.24 47.82 -20.58
N SER A 7 36.45 48.90 -20.54
CA SER A 7 35.55 49.26 -21.64
C SER A 7 35.80 50.68 -22.15
N ASN A 8 35.94 50.81 -23.48
CA ASN A 8 36.21 52.09 -24.14
C ASN A 8 35.14 52.39 -25.20
N GLY A 9 34.92 51.40 -26.06
CA GLY A 9 33.93 51.47 -27.12
C GLY A 9 33.43 50.03 -27.23
N ILE A 10 34.35 49.12 -26.91
CA ILE A 10 34.12 47.67 -26.91
C ILE A 10 34.67 47.21 -25.56
N VAL A 11 34.11 46.15 -25.01
CA VAL A 11 34.59 45.63 -23.73
C VAL A 11 35.71 44.60 -23.93
N VAL A 12 36.91 44.95 -23.47
CA VAL A 12 38.09 44.10 -23.59
C VAL A 12 38.39 43.34 -22.29
N ALA A 13 38.53 42.02 -22.39
CA ALA A 13 38.81 41.18 -21.22
C ALA A 13 40.01 40.27 -21.46
N THR A 14 40.94 40.29 -20.52
CA THR A 14 42.15 39.46 -20.63
C THR A 14 42.60 38.88 -19.31
N GLU A 15 43.51 37.91 -19.42
CA GLU A 15 44.09 37.22 -18.26
C GLU A 15 45.45 36.71 -18.72
N HIS A 16 46.51 37.38 -18.27
CA HIS A 16 47.87 37.03 -18.64
C HIS A 16 48.53 35.95 -17.79
N ASN A 17 49.47 35.25 -18.41
CA ASN A 17 50.22 34.18 -17.78
C ASN A 17 51.51 34.03 -18.59
N PRO A 18 52.58 34.73 -18.18
CA PRO A 18 53.90 34.74 -18.82
C PRO A 18 54.54 33.39 -19.15
N SER A 19 54.25 32.36 -18.36
CA SER A 19 54.83 31.02 -18.59
C SER A 19 54.25 30.31 -19.81
N ALA A 20 53.15 30.84 -20.35
CA ALA A 20 52.51 30.25 -21.52
C ALA A 20 53.29 30.55 -22.80
N HIS A 21 53.50 29.51 -23.60
CA HIS A 21 54.23 29.63 -24.86
C HIS A 21 53.43 30.34 -25.96
N THR A 22 52.12 30.15 -25.96
CA THR A 22 51.25 30.75 -26.97
C THR A 22 50.27 31.78 -26.42
N ALA A 23 49.55 32.45 -27.31
CA ALA A 23 48.56 33.45 -26.95
C ALA A 23 47.32 33.27 -27.82
N SER A 24 46.14 33.35 -27.20
CA SER A 24 44.89 33.18 -27.92
C SER A 24 44.04 34.44 -27.85
N VAL A 25 43.54 34.84 -29.01
CA VAL A 25 42.71 36.03 -29.13
C VAL A 25 41.40 35.68 -29.81
N GLY A 26 40.32 36.27 -29.32
CA GLY A 26 39.03 36.00 -29.91
C GLY A 26 37.89 36.85 -29.40
N VAL A 27 36.79 36.81 -30.14
CA VAL A 27 35.59 37.55 -29.78
C VAL A 27 34.53 36.54 -29.35
N VAL A 28 33.86 36.86 -28.26
CA VAL A 28 32.83 36.02 -27.68
C VAL A 28 31.54 36.82 -27.64
N PHE A 29 30.51 36.35 -28.36
CA PHE A 29 29.21 37.02 -28.42
C PHE A 29 28.22 36.49 -27.38
N GLY A 30 27.44 37.40 -26.80
CA GLY A 30 26.45 37.03 -25.79
C GLY A 30 25.18 36.38 -26.30
N SER A 31 25.33 35.54 -27.33
CA SER A 31 24.20 34.85 -27.91
C SER A 31 24.59 33.52 -28.53
N GLY A 32 23.82 32.48 -28.19
CA GLY A 32 24.07 31.15 -28.70
C GLY A 32 22.79 30.50 -29.17
N ALA A 33 22.77 29.16 -29.12
CA ALA A 33 21.62 28.36 -29.54
C ALA A 33 20.35 28.72 -28.78
N ALA A 34 20.51 29.30 -27.61
CA ALA A 34 19.36 29.71 -26.81
C ALA A 34 18.68 30.94 -27.40
N ASN A 35 19.33 31.56 -28.39
CA ASN A 35 18.77 32.76 -29.02
C ASN A 35 18.12 32.45 -30.37
N GLU A 36 18.37 31.24 -30.87
CA GLU A 36 17.80 30.80 -32.13
C GLU A 36 16.29 30.49 -32.01
N ASN A 37 15.69 30.07 -33.12
CA ASN A 37 14.27 29.70 -33.17
C ASN A 37 14.24 28.22 -33.55
N PRO A 38 13.06 27.58 -33.46
CA PRO A 38 12.99 26.17 -33.84
C PRO A 38 13.29 25.99 -35.32
N TYR A 39 13.06 27.06 -36.09
CA TYR A 39 13.24 26.99 -37.53
C TYR A 39 14.59 27.40 -38.12
N ASN A 40 15.34 28.26 -37.43
CA ASN A 40 16.68 28.62 -37.92
C ASN A 40 17.74 27.98 -37.04
N ASN A 41 17.30 27.02 -36.23
CA ASN A 41 18.13 26.25 -35.28
C ASN A 41 19.28 25.57 -36.01
N GLY A 42 20.51 25.97 -35.67
CA GLY A 42 21.68 25.40 -36.30
C GLY A 42 22.48 26.44 -37.07
N VAL A 43 21.99 27.68 -37.04
CA VAL A 43 22.65 28.78 -37.73
C VAL A 43 24.00 29.11 -37.08
N SER A 44 24.04 29.11 -35.75
CA SER A 44 25.28 29.41 -35.04
C SER A 44 26.33 28.36 -35.35
N ASN A 45 25.92 27.10 -35.35
CA ASN A 45 26.85 26.01 -35.62
C ASN A 45 27.37 26.15 -37.04
N LEU A 46 26.49 26.61 -37.93
CA LEU A 46 26.84 26.79 -39.33
C LEU A 46 27.90 27.89 -39.48
N TRP A 47 27.71 28.99 -38.74
CA TRP A 47 28.66 30.09 -38.75
C TRP A 47 30.02 29.56 -38.36
N LYS A 48 30.08 28.85 -37.23
CA LYS A 48 31.30 28.26 -36.73
C LYS A 48 32.01 27.46 -37.81
N ASN A 49 31.23 26.69 -38.56
CA ASN A 49 31.80 25.85 -39.61
C ASN A 49 32.41 26.55 -40.82
N ILE A 50 31.88 27.73 -41.18
CA ILE A 50 32.46 28.46 -42.29
C ILE A 50 33.68 29.23 -41.80
N PHE A 51 33.63 29.68 -40.54
CA PHE A 51 34.74 30.40 -39.93
C PHE A 51 35.96 29.48 -39.94
N LEU A 52 35.72 28.17 -39.91
CA LEU A 52 36.79 27.17 -39.92
C LEU A 52 36.90 26.51 -41.30
N SER A 53 36.28 27.14 -42.30
CA SER A 53 36.29 26.63 -43.67
C SER A 53 37.71 26.47 -44.19
N LYS A 54 37.89 25.57 -45.17
CA LYS A 54 39.20 25.33 -45.76
C LYS A 54 39.83 26.63 -46.28
N GLU A 55 39.00 27.49 -46.85
CA GLU A 55 39.48 28.77 -47.39
C GLU A 55 39.96 29.72 -46.30
N ASN A 56 39.08 30.02 -45.34
CA ASN A 56 39.43 30.93 -44.26
C ASN A 56 40.53 30.37 -43.37
N SER A 57 40.57 29.05 -43.24
CA SER A 57 41.56 28.39 -42.40
C SER A 57 42.96 28.39 -43.03
N ALA A 58 43.02 28.28 -44.36
CA ALA A 58 44.30 28.28 -45.08
C ALA A 58 44.96 29.65 -45.02
N VAL A 59 44.15 30.70 -45.03
CA VAL A 59 44.64 32.08 -44.97
C VAL A 59 45.34 32.31 -43.63
N ALA A 60 44.81 31.70 -42.57
CA ALA A 60 45.39 31.84 -41.24
C ALA A 60 46.58 30.91 -41.03
N ALA A 61 46.61 29.79 -41.76
CA ALA A 61 47.70 28.82 -41.65
C ALA A 61 48.98 29.33 -42.28
N LYS A 62 48.85 30.10 -43.36
CA LYS A 62 50.01 30.69 -44.04
C LYS A 62 50.66 31.66 -43.07
N GLU A 63 49.81 32.46 -42.41
CA GLU A 63 50.23 33.45 -41.44
C GLU A 63 50.69 32.83 -40.11
N GLY A 64 50.50 31.52 -39.97
CA GLY A 64 50.91 30.82 -38.75
C GLY A 64 49.92 30.92 -37.60
N LEU A 65 48.65 31.11 -37.92
CA LEU A 65 47.59 31.22 -36.93
C LEU A 65 46.67 29.98 -36.96
N ALA A 66 46.19 29.56 -35.78
CA ALA A 66 45.31 28.40 -35.66
C ALA A 66 43.91 28.85 -35.26
N LEU A 67 42.90 28.30 -35.92
CA LEU A 67 41.51 28.66 -35.64
C LEU A 67 40.75 27.70 -34.74
N SER A 68 39.83 28.26 -33.95
CA SER A 68 39.02 27.50 -33.01
C SER A 68 37.72 28.23 -32.69
N SER A 69 36.61 27.50 -32.70
CA SER A 69 35.31 28.08 -32.40
C SER A 69 34.46 27.13 -31.54
N ASN A 70 33.58 27.71 -30.73
CA ASN A 70 32.71 26.94 -29.86
C ASN A 70 31.31 27.53 -29.75
N ILE A 71 30.32 26.73 -30.08
CA ILE A 71 28.92 27.13 -30.01
C ILE A 71 28.30 26.53 -28.75
N SER A 72 27.82 27.40 -27.87
CA SER A 72 27.21 26.96 -26.61
C SER A 72 25.75 27.40 -26.61
N ARG A 73 25.14 27.42 -25.43
CA ARG A 73 23.75 27.81 -25.33
C ARG A 73 23.57 29.30 -25.11
N ASP A 74 24.28 29.86 -24.13
CA ASP A 74 24.16 31.29 -23.82
C ASP A 74 25.13 32.17 -24.62
N PHE A 75 26.16 31.57 -25.19
CA PHE A 75 27.17 32.34 -25.91
C PHE A 75 27.71 31.65 -27.15
N GLN A 76 28.66 32.32 -27.79
CA GLN A 76 29.27 31.85 -29.03
C GLN A 76 30.68 32.48 -29.09
N SER A 77 31.66 31.73 -29.60
CA SER A 77 33.01 32.27 -29.65
C SER A 77 33.86 31.86 -30.84
N TYR A 78 34.66 32.82 -31.32
CA TYR A 78 35.57 32.64 -32.45
C TYR A 78 36.96 33.02 -31.95
N ILE A 79 37.86 32.04 -31.95
CA ILE A 79 39.21 32.20 -31.42
C ILE A 79 40.33 31.90 -32.39
N VAL A 80 41.40 32.69 -32.30
CA VAL A 80 42.59 32.54 -33.12
C VAL A 80 43.78 32.47 -32.18
N SER A 81 44.56 31.40 -32.30
CA SER A 81 45.75 31.21 -31.48
C SER A 81 46.99 31.56 -32.28
N SER A 82 48.02 32.05 -31.59
CA SER A 82 49.27 32.46 -32.24
C SER A 82 50.42 32.50 -31.24
N LEU A 83 51.62 32.79 -31.74
CA LEU A 83 52.79 32.92 -30.87
C LEU A 83 52.67 34.26 -30.16
N PRO A 84 53.35 34.42 -29.01
CA PRO A 84 53.30 35.68 -28.24
C PRO A 84 53.69 36.94 -29.04
N GLY A 85 54.43 36.75 -30.12
CA GLY A 85 54.86 37.87 -30.94
C GLY A 85 53.85 38.28 -32.00
N SER A 86 53.13 37.31 -32.56
CA SER A 86 52.13 37.58 -33.59
C SER A 86 50.76 37.97 -33.04
N THR A 87 50.73 38.47 -31.80
CA THR A 87 49.49 38.89 -31.15
C THR A 87 48.75 40.00 -31.91
N ASP A 88 49.44 40.64 -32.85
CA ASP A 88 48.84 41.71 -33.65
C ASP A 88 48.21 41.13 -34.91
N LYS A 89 48.88 40.14 -35.51
CA LYS A 89 48.39 39.50 -36.72
C LYS A 89 47.12 38.68 -36.52
N SER A 90 46.77 38.41 -35.25
CA SER A 90 45.56 37.68 -34.92
C SER A 90 44.38 38.64 -35.05
N LEU A 91 44.60 39.89 -34.66
CA LEU A 91 43.58 40.92 -34.74
C LEU A 91 43.29 41.31 -36.20
N ASP A 92 44.30 41.18 -37.05
CA ASP A 92 44.14 41.50 -38.47
C ASP A 92 43.22 40.46 -39.09
N PHE A 93 43.46 39.20 -38.73
CA PHE A 93 42.66 38.08 -39.23
C PHE A 93 41.25 38.08 -38.64
N LEU A 94 41.12 38.62 -37.43
CA LEU A 94 39.84 38.69 -36.75
C LEU A 94 38.95 39.74 -37.44
N ASN A 95 39.51 40.93 -37.67
CA ASN A 95 38.80 42.03 -38.31
C ASN A 95 38.53 41.76 -39.80
N GLN A 96 39.50 41.14 -40.46
CA GLN A 96 39.40 40.81 -41.88
C GLN A 96 38.28 39.81 -42.17
N SER A 97 37.91 39.01 -41.18
CA SER A 97 36.85 38.01 -41.34
C SER A 97 35.47 38.46 -40.85
N PHE A 98 35.44 39.40 -39.92
CA PHE A 98 34.17 39.89 -39.37
C PHE A 98 33.67 41.23 -39.93
N ILE A 99 34.42 41.80 -40.88
CA ILE A 99 34.06 43.07 -41.51
C ILE A 99 34.37 43.05 -43.00
N GLN A 100 35.62 42.74 -43.34
CA GLN A 100 36.05 42.69 -44.74
C GLN A 100 35.49 41.48 -45.48
N GLN A 101 35.70 40.29 -44.91
CA GLN A 101 35.22 39.05 -45.52
C GLN A 101 33.87 38.56 -45.00
N LYS A 102 33.05 39.48 -44.49
CA LYS A 102 31.73 39.13 -43.98
C LYS A 102 30.78 38.88 -45.17
N ALA A 103 31.37 38.75 -46.36
CA ALA A 103 30.64 38.51 -47.60
C ALA A 103 31.42 37.57 -48.51
N ASN A 104 32.71 37.37 -48.21
CA ASN A 104 33.56 36.49 -49.00
C ASN A 104 33.52 35.05 -48.48
N LEU A 105 33.10 34.89 -47.23
CA LEU A 105 32.98 33.58 -46.60
C LEU A 105 31.66 32.95 -47.02
N LEU A 106 30.68 33.82 -47.30
CA LEU A 106 29.35 33.40 -47.70
C LEU A 106 29.13 33.27 -49.22
N SER A 107 30.06 32.59 -49.90
CA SER A 107 29.93 32.39 -51.34
C SER A 107 29.10 31.14 -51.60
N SER A 108 28.41 31.10 -52.74
CA SER A 108 27.56 29.96 -53.09
C SER A 108 28.31 28.68 -53.45
N SER A 109 29.60 28.64 -53.14
CA SER A 109 30.44 27.47 -53.41
C SER A 109 31.04 26.99 -52.09
N ASN A 110 31.25 27.94 -51.18
CA ASN A 110 31.80 27.69 -49.86
C ASN A 110 30.68 27.23 -48.94
N PHE A 111 29.56 27.95 -48.98
CA PHE A 111 28.39 27.66 -48.16
C PHE A 111 27.84 26.25 -48.39
N GLU A 112 27.71 25.87 -49.66
CA GLU A 112 27.19 24.55 -50.01
C GLU A 112 28.10 23.41 -49.57
N ALA A 113 29.41 23.59 -49.72
CA ALA A 113 30.37 22.57 -49.33
C ALA A 113 30.43 22.45 -47.80
N THR A 114 30.10 23.53 -47.11
CA THR A 114 30.09 23.56 -45.65
C THR A 114 28.79 22.95 -45.10
N LYS A 115 27.67 23.32 -45.73
CA LYS A 115 26.35 22.81 -45.32
C LYS A 115 26.34 21.29 -45.44
N LYS A 116 26.99 20.77 -46.48
CA LYS A 116 27.07 19.34 -46.70
C LYS A 116 27.91 18.66 -45.61
N SER A 117 28.81 19.43 -45.00
CA SER A 117 29.68 18.92 -43.93
C SER A 117 29.04 18.91 -42.55
N VAL A 118 28.23 19.92 -42.25
CA VAL A 118 27.56 19.96 -40.96
C VAL A 118 26.37 19.01 -40.97
N LEU A 119 25.92 18.64 -42.16
CA LEU A 119 24.81 17.72 -42.28
C LEU A 119 25.29 16.31 -41.97
N LYS A 120 26.46 15.95 -42.50
CA LYS A 120 27.03 14.63 -42.24
C LYS A 120 27.55 14.60 -40.79
N GLN A 121 27.83 15.79 -40.28
CA GLN A 121 28.35 15.99 -38.93
C GLN A 121 27.25 15.77 -37.89
N VAL A 122 26.13 16.48 -38.05
CA VAL A 122 25.01 16.37 -37.13
C VAL A 122 24.31 15.02 -37.25
N GLN A 123 24.40 14.40 -38.43
CA GLN A 123 23.79 13.10 -38.64
C GLN A 123 24.58 12.04 -37.90
N ASP A 124 25.91 12.13 -37.99
CA ASP A 124 26.82 11.18 -37.33
C ASP A 124 26.61 11.19 -35.82
N PHE A 125 26.34 12.37 -35.29
CA PHE A 125 26.11 12.61 -33.87
C PHE A 125 24.90 11.82 -33.40
N GLU A 126 23.76 12.06 -34.05
CA GLU A 126 22.50 11.41 -33.74
C GLU A 126 22.54 9.90 -33.94
N ASP A 127 23.33 9.44 -34.90
CA ASP A 127 23.44 8.01 -35.17
C ASP A 127 24.37 7.25 -34.21
N ASN A 128 25.38 7.92 -33.65
CA ASN A 128 26.34 7.24 -32.80
C ASN A 128 26.71 7.78 -31.41
N ASP A 129 26.63 9.09 -31.21
CA ASP A 129 27.01 9.63 -29.90
C ASP A 129 25.81 9.62 -28.94
N HIS A 130 25.50 8.41 -28.47
CA HIS A 130 24.36 8.18 -27.58
C HIS A 130 24.38 8.94 -26.26
N PRO A 131 25.53 8.97 -25.54
CA PRO A 131 25.51 9.72 -24.28
C PRO A 131 25.26 11.21 -24.44
N ASN A 132 25.89 11.85 -25.43
CA ASN A 132 25.68 13.29 -25.65
C ASN A 132 24.32 13.55 -26.30
N ARG A 133 23.91 12.61 -27.12
CA ARG A 133 22.63 12.63 -27.80
C ARG A 133 21.53 12.63 -26.74
N VAL A 134 21.67 11.75 -25.74
CA VAL A 134 20.72 11.66 -24.65
C VAL A 134 20.76 12.95 -23.80
N LEU A 135 21.95 13.45 -23.51
CA LEU A 135 22.06 14.67 -22.72
C LEU A 135 21.44 15.88 -23.42
N GLU A 136 21.55 15.91 -24.74
CA GLU A 136 20.98 16.98 -25.54
C GLU A 136 19.45 16.90 -25.48
N HIS A 137 18.90 15.70 -25.62
CA HIS A 137 17.44 15.51 -25.52
C HIS A 137 16.91 15.81 -24.12
N LEU A 138 17.78 15.66 -23.12
CA LEU A 138 17.40 15.93 -21.74
C LEU A 138 17.05 17.42 -21.64
N HIS A 139 17.89 18.26 -22.25
CA HIS A 139 17.67 19.72 -22.27
C HIS A 139 16.42 20.02 -23.09
N SER A 140 16.28 19.25 -24.16
CA SER A 140 15.14 19.40 -25.04
C SER A 140 13.80 19.20 -24.35
N THR A 141 13.67 18.15 -23.53
CA THR A 141 12.40 17.93 -22.85
C THR A 141 12.28 18.73 -21.57
N ALA A 142 13.38 18.87 -20.84
CA ALA A 142 13.38 19.61 -19.58
C ALA A 142 12.97 21.06 -19.77
N PHE A 143 13.43 21.66 -20.88
CA PHE A 143 13.15 23.06 -21.17
C PHE A 143 12.31 23.26 -22.43
N GLN A 144 11.47 22.29 -22.78
CA GLN A 144 10.62 22.36 -23.97
C GLN A 144 9.91 23.69 -24.18
N ASN A 145 9.84 24.13 -25.45
CA ASN A 145 9.18 25.38 -25.86
C ASN A 145 9.74 26.59 -25.10
N THR A 146 11.05 26.55 -24.88
CA THR A 146 11.77 27.55 -24.15
C THR A 146 13.16 27.56 -24.79
N PRO A 147 13.90 28.68 -24.69
CA PRO A 147 15.25 28.81 -25.28
C PRO A 147 16.26 27.68 -25.06
N LEU A 148 16.40 27.22 -23.82
CA LEU A 148 17.36 26.15 -23.52
C LEU A 148 17.08 24.79 -24.15
N SER A 149 15.92 24.63 -24.78
CA SER A 149 15.55 23.36 -25.40
C SER A 149 16.24 23.11 -26.73
N LEU A 150 16.62 24.18 -27.42
CA LEU A 150 17.27 24.04 -28.72
C LEU A 150 18.67 23.44 -28.64
N PRO A 151 18.92 22.39 -29.43
CA PRO A 151 20.24 21.76 -29.42
C PRO A 151 21.28 22.64 -30.12
N THR A 152 22.49 22.66 -29.56
CA THR A 152 23.60 23.48 -30.07
C THR A 152 24.02 23.23 -31.51
N ARG A 153 23.99 21.97 -31.92
CA ARG A 153 24.39 21.60 -33.28
C ARG A 153 23.24 21.80 -34.27
N GLY A 154 22.06 22.13 -33.74
CA GLY A 154 20.89 22.32 -34.59
C GLY A 154 20.31 20.98 -35.03
N THR A 155 19.11 20.99 -35.60
CA THR A 155 18.45 19.76 -36.06
C THR A 155 18.60 19.58 -37.56
N LEU A 156 18.68 18.33 -38.01
CA LEU A 156 18.82 18.03 -39.44
C LEU A 156 17.82 18.75 -40.33
N GLU A 157 16.57 18.85 -39.87
CA GLU A 157 15.52 19.49 -40.67
C GLU A 157 15.62 21.00 -40.79
N SER A 158 16.07 21.66 -39.73
CA SER A 158 16.22 23.11 -39.77
C SER A 158 17.52 23.47 -40.47
N LEU A 159 18.48 22.54 -40.44
CA LEU A 159 19.78 22.73 -41.06
C LEU A 159 19.72 22.67 -42.59
N GLU A 160 19.12 21.61 -43.12
CA GLU A 160 19.03 21.43 -44.56
C GLU A 160 18.13 22.46 -45.27
N ASN A 161 17.36 23.21 -44.50
CA ASN A 161 16.47 24.22 -45.05
C ASN A 161 17.00 25.63 -44.77
N LEU A 162 18.26 25.70 -44.36
CA LEU A 162 18.88 26.98 -44.04
C LEU A 162 19.57 27.58 -45.27
N VAL A 163 19.54 28.91 -45.38
CA VAL A 163 20.16 29.61 -46.51
C VAL A 163 21.08 30.75 -46.03
N VAL A 164 21.89 31.27 -46.97
CA VAL A 164 22.83 32.35 -46.72
C VAL A 164 22.20 33.55 -46.02
N ALA A 165 20.95 33.84 -46.37
CA ALA A 165 20.21 34.96 -45.79
C ALA A 165 19.96 34.78 -44.28
N ASP A 166 19.78 33.55 -43.84
CA ASP A 166 19.53 33.24 -42.43
C ASP A 166 20.77 33.53 -41.60
N LEU A 167 21.94 33.22 -42.17
CA LEU A 167 23.22 33.47 -41.53
C LEU A 167 23.33 34.98 -41.32
N GLU A 168 23.11 35.73 -42.40
CA GLU A 168 23.18 37.18 -42.41
C GLU A 168 22.23 37.81 -41.41
N SER A 169 20.98 37.36 -41.44
CA SER A 169 19.94 37.87 -40.54
C SER A 169 20.35 37.69 -39.08
N PHE A 170 20.94 36.53 -38.76
CA PHE A 170 21.39 36.24 -37.40
C PHE A 170 22.59 37.12 -37.07
N ALA A 171 23.56 37.16 -37.97
CA ALA A 171 24.78 37.95 -37.81
C ALA A 171 24.48 39.43 -37.59
N ASN A 172 23.48 39.96 -38.28
CA ASN A 172 23.11 41.37 -38.16
C ASN A 172 22.24 41.67 -36.95
N ASN A 173 21.90 40.64 -36.19
CA ASN A 173 21.06 40.81 -35.00
C ASN A 173 21.76 40.44 -33.71
N HIS A 174 22.83 39.64 -33.80
CA HIS A 174 23.54 39.19 -32.61
C HIS A 174 25.04 39.49 -32.59
N PHE A 175 25.67 39.49 -33.76
CA PHE A 175 27.10 39.77 -33.86
C PHE A 175 27.36 41.27 -33.69
N LEU A 176 26.53 41.91 -32.85
CA LEU A 176 26.63 43.34 -32.58
C LEU A 176 27.74 43.63 -31.57
N ASN A 177 27.96 44.92 -31.34
CA ASN A 177 28.99 45.38 -30.42
C ASN A 177 28.55 45.27 -28.97
N SER A 178 27.33 45.69 -28.67
CA SER A 178 26.80 45.63 -27.31
C SER A 178 26.56 44.19 -26.85
N ASN A 179 26.65 43.26 -27.79
CA ASN A 179 26.46 41.85 -27.50
C ASN A 179 27.77 41.12 -27.83
N ALA A 180 28.88 41.74 -27.44
CA ALA A 180 30.18 41.16 -27.70
C ALA A 180 31.20 41.52 -26.62
N VAL A 181 32.28 40.74 -26.59
CA VAL A 181 33.38 40.92 -25.66
C VAL A 181 34.60 40.33 -26.35
N VAL A 182 35.66 41.12 -26.46
CA VAL A 182 36.90 40.64 -27.07
C VAL A 182 37.75 40.07 -25.93
N VAL A 183 38.17 38.83 -26.11
CA VAL A 183 38.96 38.14 -25.11
C VAL A 183 40.35 37.75 -25.58
N GLY A 184 41.31 37.82 -24.66
CA GLY A 184 42.68 37.47 -24.96
C GLY A 184 43.29 36.75 -23.78
N THR A 185 43.84 35.57 -24.04
CA THR A 185 44.48 34.76 -23.02
C THR A 185 45.80 34.28 -23.59
N GLY A 186 46.69 33.83 -22.72
CA GLY A 186 48.00 33.37 -23.17
C GLY A 186 49.07 33.97 -22.30
N ASN A 187 49.74 35.01 -22.80
CA ASN A 187 50.80 35.68 -22.03
C ASN A 187 50.78 37.19 -22.22
N ILE A 188 50.11 37.64 -23.29
CA ILE A 188 50.00 39.05 -23.61
C ILE A 188 49.36 39.90 -22.51
N LYS A 189 49.85 41.13 -22.35
CA LYS A 189 49.35 42.05 -21.34
C LYS A 189 48.03 42.69 -21.77
N HIS A 190 47.29 43.19 -20.78
CA HIS A 190 46.01 43.85 -21.02
C HIS A 190 46.23 45.15 -21.79
N GLU A 191 47.22 45.91 -21.33
CA GLU A 191 47.57 47.19 -21.94
C GLU A 191 48.13 46.98 -23.34
N ASP A 192 48.71 45.81 -23.57
CA ASP A 192 49.28 45.46 -24.87
C ASP A 192 48.19 45.26 -25.92
N LEU A 193 47.13 44.55 -25.53
CA LEU A 193 46.02 44.26 -26.42
C LEU A 193 45.06 45.44 -26.65
N VAL A 194 44.62 46.07 -25.57
CA VAL A 194 43.69 47.20 -25.66
C VAL A 194 44.17 48.34 -26.57
N ASN A 195 45.49 48.50 -26.67
CA ASN A 195 46.06 49.54 -27.52
C ASN A 195 45.85 49.23 -29.00
N SER A 196 46.12 47.98 -29.37
CA SER A 196 45.95 47.54 -30.76
C SER A 196 44.49 47.57 -31.18
N ILE A 197 43.60 47.54 -30.18
CA ILE A 197 42.16 47.57 -30.41
C ILE A 197 41.64 49.01 -30.46
N GLU A 198 42.06 49.83 -29.50
CA GLU A 198 41.64 51.23 -29.45
C GLU A 198 42.30 52.04 -30.56
N SER A 199 43.29 51.42 -31.23
CA SER A 199 44.01 52.04 -32.34
C SER A 199 43.08 52.12 -33.55
N LYS A 200 42.67 50.95 -34.03
CA LYS A 200 41.77 50.84 -35.17
C LYS A 200 40.37 51.28 -34.71
N ASN A 201 39.90 52.40 -35.26
CA ASN A 201 38.60 52.93 -34.90
C ASN A 201 37.45 52.19 -35.59
N LEU A 202 36.45 52.93 -36.07
CA LEU A 202 35.28 52.37 -36.76
C LEU A 202 34.41 51.53 -35.81
N SER A 203 33.16 51.96 -35.63
CA SER A 203 32.23 51.26 -34.75
C SER A 203 31.57 50.03 -35.38
N LEU A 204 30.97 50.23 -36.57
CA LEU A 204 30.28 49.17 -37.32
C LEU A 204 29.07 48.60 -36.55
N GLN A 205 27.89 49.15 -36.85
CA GLN A 205 26.63 48.74 -36.22
C GLN A 205 26.61 48.96 -34.71
N THR A 206 26.85 50.19 -34.30
CA THR A 206 26.86 50.55 -32.89
C THR A 206 25.48 51.05 -32.46
N GLY A 207 25.15 50.86 -31.19
CA GLY A 207 23.86 51.29 -30.67
C GLY A 207 22.74 50.29 -30.92
N THR A 208 23.00 49.31 -31.79
CA THR A 208 22.03 48.29 -32.13
C THR A 208 22.01 47.21 -31.04
N LYS A 209 20.81 46.79 -30.65
CA LYS A 209 20.64 45.76 -29.63
C LYS A 209 19.95 44.52 -30.20
N PRO A 210 20.29 43.32 -29.68
CA PRO A 210 19.70 42.07 -30.15
C PRO A 210 18.25 41.94 -29.70
N VAL A 211 17.47 41.11 -30.39
CA VAL A 211 16.06 40.92 -30.07
C VAL A 211 15.89 40.19 -28.73
N LEU A 212 14.78 40.44 -28.05
CA LEU A 212 14.46 39.83 -26.76
C LEU A 212 13.59 38.57 -26.95
N LYS A 213 13.25 37.91 -25.85
CA LYS A 213 12.42 36.70 -25.90
C LYS A 213 11.64 36.43 -24.61
N LYS A 214 11.39 35.15 -24.30
CA LYS A 214 10.68 34.74 -23.10
C LYS A 214 11.60 33.91 -22.20
N LYS A 215 11.46 34.05 -20.88
CA LYS A 215 12.28 33.35 -19.89
C LYS A 215 12.20 31.83 -19.90
N ALA A 216 13.36 31.19 -19.77
CA ALA A 216 13.46 29.74 -19.75
C ALA A 216 12.79 29.14 -18.52
N ALA A 217 12.16 27.97 -18.69
CA ALA A 217 11.48 27.29 -17.60
C ALA A 217 11.59 25.78 -17.66
N PHE A 218 11.78 25.18 -16.48
CA PHE A 218 11.90 23.73 -16.35
C PHE A 218 10.51 23.09 -16.28
N LEU A 219 10.33 22.02 -17.02
CA LEU A 219 9.08 21.29 -17.01
C LEU A 219 9.37 19.81 -16.79
N GLY A 220 8.88 19.27 -15.67
CA GLY A 220 9.08 17.86 -15.35
C GLY A 220 8.47 17.02 -16.44
N SER A 221 9.29 16.22 -17.12
CA SER A 221 8.81 15.43 -18.23
C SER A 221 9.85 14.43 -18.68
N GLU A 222 9.60 13.76 -19.80
CA GLU A 222 10.54 12.75 -20.28
C GLU A 222 10.43 12.52 -21.77
N VAL A 223 11.51 12.02 -22.38
CA VAL A 223 11.52 11.65 -23.79
C VAL A 223 12.24 10.30 -23.81
N ARG A 224 11.59 9.29 -24.36
CA ARG A 224 12.18 7.96 -24.37
C ARG A 224 12.48 7.53 -25.81
N LEU A 225 13.76 7.42 -26.12
CA LEU A 225 14.22 7.06 -27.47
C LEU A 225 14.58 5.58 -27.53
N ARG A 226 13.62 4.72 -27.23
CA ARG A 226 13.89 3.29 -27.23
C ARG A 226 14.48 2.78 -28.51
N ASP A 227 15.51 1.95 -28.41
CA ASP A 227 16.14 1.34 -29.56
C ASP A 227 16.76 0.03 -29.06
N ASP A 228 16.06 -1.08 -29.29
CA ASP A 228 16.51 -2.39 -28.84
C ASP A 228 17.71 -2.96 -29.61
N THR A 229 18.15 -2.25 -30.65
CA THR A 229 19.30 -2.74 -31.43
C THR A 229 20.62 -2.28 -30.83
N LEU A 230 20.57 -1.25 -30.00
CA LEU A 230 21.78 -0.73 -29.34
C LEU A 230 22.19 -1.75 -28.25
N PRO A 231 23.51 -1.94 -28.02
CA PRO A 231 23.90 -2.91 -26.99
C PRO A 231 23.79 -2.46 -25.53
N LYS A 232 23.40 -1.22 -25.29
CA LYS A 232 23.27 -0.72 -23.92
C LYS A 232 22.06 0.21 -23.74
N ALA A 233 21.93 0.75 -22.52
CA ALA A 233 20.91 1.73 -22.21
C ALA A 233 21.68 2.93 -21.67
N TRP A 234 21.36 4.11 -22.17
CA TRP A 234 22.02 5.35 -21.76
C TRP A 234 20.93 6.22 -21.24
N ILE A 235 21.04 6.69 -20.01
CA ILE A 235 19.98 7.52 -19.48
C ILE A 235 20.56 8.74 -18.77
N SER A 236 19.78 9.81 -18.70
CA SER A 236 20.16 11.04 -18.03
C SER A 236 18.90 11.46 -17.30
N LEU A 237 19.06 11.90 -16.06
CA LEU A 237 17.91 12.27 -15.26
C LEU A 237 18.36 13.48 -14.46
N ALA A 238 17.49 14.49 -14.31
CA ALA A 238 17.88 15.67 -13.57
C ALA A 238 16.72 16.48 -13.05
N VAL A 239 17.02 17.36 -12.09
CA VAL A 239 16.02 18.26 -11.54
C VAL A 239 16.42 19.69 -11.98
N GLU A 240 15.58 20.68 -11.74
CA GLU A 240 15.96 22.04 -12.11
C GLU A 240 17.13 22.45 -11.23
N GLY A 241 18.25 22.77 -11.87
CA GLY A 241 19.45 23.18 -11.14
C GLY A 241 19.59 24.67 -10.86
N GLU A 242 20.84 25.14 -10.84
CA GLU A 242 21.14 26.54 -10.54
C GLU A 242 21.68 27.36 -11.71
N PRO A 243 21.18 28.58 -11.88
CA PRO A 243 21.70 29.40 -12.99
C PRO A 243 23.04 29.98 -12.53
N VAL A 244 23.90 30.40 -13.46
CA VAL A 244 25.18 31.00 -13.07
C VAL A 244 24.81 32.29 -12.34
N ASN A 245 25.60 32.65 -11.32
CA ASN A 245 25.33 33.86 -10.54
C ASN A 245 24.18 33.60 -9.57
N SER A 246 24.16 32.39 -9.03
CA SER A 246 23.17 31.97 -8.06
C SER A 246 23.93 31.75 -6.75
N PRO A 247 23.32 32.11 -5.62
CA PRO A 247 23.93 31.95 -4.30
C PRO A 247 24.35 30.49 -4.06
N ASN A 248 23.55 29.55 -4.55
CA ASN A 248 23.83 28.13 -4.39
C ASN A 248 24.60 27.52 -5.56
N TYR A 249 25.21 28.37 -6.38
CA TYR A 249 25.97 27.90 -7.53
C TYR A 249 26.99 26.86 -7.10
N PHE A 250 27.67 27.13 -5.99
CA PHE A 250 28.69 26.23 -5.48
C PHE A 250 28.15 25.06 -4.66
N VAL A 251 27.09 25.32 -3.90
CA VAL A 251 26.46 24.26 -3.09
C VAL A 251 26.02 23.13 -4.04
N ALA A 252 25.46 23.52 -5.19
CA ALA A 252 24.99 22.57 -6.20
C ALA A 252 26.14 21.75 -6.76
N LYS A 253 27.22 22.42 -7.16
CA LYS A 253 28.38 21.72 -7.73
C LYS A 253 29.04 20.78 -6.73
N LEU A 254 28.99 21.15 -5.45
CA LEU A 254 29.58 20.33 -4.39
C LEU A 254 28.73 19.06 -4.26
N ALA A 255 27.41 19.25 -4.21
CA ALA A 255 26.43 18.16 -4.11
C ALA A 255 26.64 17.12 -5.20
N ALA A 256 27.01 17.56 -6.39
CA ALA A 256 27.24 16.66 -7.50
C ALA A 256 28.55 15.92 -7.33
N GLN A 257 29.50 16.54 -6.64
CA GLN A 257 30.80 15.93 -6.42
C GLN A 257 30.71 14.81 -5.39
N ILE A 258 29.74 14.93 -4.49
CA ILE A 258 29.51 13.91 -3.46
C ILE A 258 29.28 12.54 -4.12
N PHE A 259 28.47 12.52 -5.18
CA PHE A 259 28.18 11.27 -5.89
C PHE A 259 29.18 11.04 -7.04
N GLY A 260 29.76 12.15 -7.50
CA GLY A 260 30.78 12.14 -8.54
C GLY A 260 30.56 11.30 -9.78
N SER A 261 31.64 10.75 -10.31
CA SER A 261 31.54 9.96 -11.51
C SER A 261 32.16 8.60 -11.26
N TYR A 262 31.82 7.64 -12.11
CA TYR A 262 32.30 6.27 -11.92
C TYR A 262 32.55 5.54 -13.23
N ASN A 263 33.46 4.59 -13.19
CA ASN A 263 33.81 3.78 -14.34
C ASN A 263 34.17 2.41 -13.78
N ALA A 264 33.27 1.45 -13.98
CA ALA A 264 33.41 0.09 -13.49
C ALA A 264 34.66 -0.66 -13.92
N PHE A 265 35.32 -0.23 -14.99
CA PHE A 265 36.50 -0.96 -15.45
C PHE A 265 37.83 -0.46 -14.87
N GLU A 266 37.80 0.75 -14.29
CA GLU A 266 38.96 1.38 -13.67
C GLU A 266 39.02 1.02 -12.19
N PRO A 267 39.98 0.14 -11.82
CA PRO A 267 40.20 -0.33 -10.44
C PRO A 267 40.08 0.77 -9.39
N ALA A 268 40.75 1.88 -9.64
CA ALA A 268 40.73 3.01 -8.70
C ALA A 268 39.36 3.62 -8.53
N SER A 269 38.55 3.60 -9.59
CA SER A 269 37.22 4.20 -9.53
C SER A 269 36.29 3.44 -8.58
N ARG A 270 36.49 2.12 -8.53
CA ARG A 270 35.69 1.24 -7.68
C ARG A 270 36.01 1.44 -6.21
N LEU A 271 37.06 2.21 -5.90
CA LEU A 271 37.47 2.43 -4.52
C LEU A 271 37.10 3.78 -3.90
N GLN A 272 36.51 4.66 -4.70
CA GLN A 272 36.14 5.98 -4.18
C GLN A 272 35.22 5.97 -2.95
N GLY A 273 35.33 7.06 -2.18
CA GLY A 273 34.53 7.23 -0.98
C GLY A 273 33.13 7.68 -1.30
N ILE A 274 32.41 6.83 -2.03
CA ILE A 274 31.04 7.11 -2.42
C ILE A 274 30.16 5.95 -1.97
N LYS A 275 29.22 6.23 -1.08
CA LYS A 275 28.32 5.21 -0.53
C LYS A 275 27.50 4.46 -1.57
N LEU A 276 27.09 5.18 -2.62
CA LEU A 276 26.32 4.59 -3.69
C LEU A 276 27.02 3.38 -4.32
N LEU A 277 28.35 3.35 -4.27
CA LEU A 277 29.12 2.27 -4.87
C LEU A 277 28.98 0.91 -4.21
N ASP A 278 28.58 0.90 -2.95
CA ASP A 278 28.37 -0.35 -2.23
C ASP A 278 27.16 -1.06 -2.85
N ASN A 279 26.14 -0.28 -3.21
CA ASN A 279 24.94 -0.80 -3.80
C ASN A 279 25.07 -1.23 -5.25
N ILE A 280 25.71 -0.39 -6.06
CA ILE A 280 25.79 -0.68 -7.46
C ILE A 280 26.81 -1.71 -7.93
N GLN A 281 27.82 -2.01 -7.11
CA GLN A 281 28.83 -2.98 -7.52
C GLN A 281 28.49 -4.44 -7.29
N GLU A 282 27.59 -4.72 -6.35
CA GLU A 282 27.20 -6.09 -6.05
C GLU A 282 26.74 -6.87 -7.29
N TYR A 283 25.79 -6.30 -8.03
CA TYR A 283 25.27 -6.93 -9.26
C TYR A 283 25.71 -6.17 -10.52
N GLN A 284 26.62 -5.20 -10.34
CA GLN A 284 27.13 -4.38 -11.43
C GLN A 284 26.02 -3.75 -12.25
N LEU A 285 25.35 -2.81 -11.59
CA LEU A 285 24.22 -2.07 -12.15
C LEU A 285 24.53 -1.12 -13.29
N CYS A 286 25.80 -0.87 -13.56
CA CYS A 286 26.16 0.02 -14.67
C CYS A 286 27.63 0.00 -15.00
N ASP A 287 27.95 0.39 -16.22
CA ASP A 287 29.33 0.47 -16.66
C ASP A 287 29.90 1.81 -16.22
N ASN A 288 29.06 2.83 -16.19
CA ASN A 288 29.48 4.14 -15.75
C ASN A 288 28.35 5.12 -15.48
N PHE A 289 28.66 6.16 -14.73
CA PHE A 289 27.72 7.21 -14.41
C PHE A 289 28.53 8.45 -14.05
N ASN A 290 27.89 9.60 -14.11
CA ASN A 290 28.55 10.84 -13.77
C ASN A 290 27.48 11.87 -13.47
N HIS A 291 27.65 12.54 -12.33
CA HIS A 291 26.75 13.59 -11.90
C HIS A 291 27.27 14.95 -12.42
N PHE A 292 26.37 15.90 -12.53
CA PHE A 292 26.72 17.21 -13.05
C PHE A 292 25.81 18.28 -12.50
N SER A 293 26.31 19.51 -12.55
CA SER A 293 25.53 20.66 -12.15
C SER A 293 25.78 21.66 -13.27
N LEU A 294 24.93 21.56 -14.29
CA LEU A 294 24.98 22.41 -15.45
C LEU A 294 24.30 23.73 -15.13
N SER A 295 25.02 24.83 -15.35
CA SER A 295 24.48 26.16 -15.08
C SER A 295 24.50 27.03 -16.32
N TYR A 296 23.40 27.74 -16.53
CA TYR A 296 23.25 28.65 -17.67
C TYR A 296 22.76 29.98 -17.14
N LYS A 297 22.49 30.91 -18.05
CA LYS A 297 22.04 32.24 -17.69
C LYS A 297 20.73 32.27 -16.88
N ASP A 298 19.68 31.64 -17.41
CA ASP A 298 18.38 31.64 -16.73
C ASP A 298 18.09 30.44 -15.84
N SER A 299 18.77 29.33 -16.07
CA SER A 299 18.49 28.13 -15.29
C SER A 299 19.64 27.13 -15.37
N GLY A 300 19.37 25.90 -14.92
CA GLY A 300 20.36 24.84 -14.95
C GLY A 300 19.74 23.49 -14.69
N LEU A 301 20.57 22.45 -14.78
CA LEU A 301 20.15 21.08 -14.55
C LEU A 301 21.10 20.37 -13.60
N TRP A 302 20.54 19.75 -12.56
CA TRP A 302 21.34 18.99 -11.60
C TRP A 302 20.83 17.55 -11.65
N GLY A 303 21.73 16.61 -11.96
CA GLY A 303 21.32 15.22 -12.02
C GLY A 303 22.48 14.34 -12.41
N PHE A 304 22.20 13.24 -13.10
CA PHE A 304 23.28 12.35 -13.49
C PHE A 304 22.98 11.68 -14.81
N SER A 305 24.00 11.07 -15.40
CA SER A 305 23.87 10.34 -16.65
C SER A 305 24.51 8.99 -16.39
N THR A 306 24.05 7.96 -17.07
CA THR A 306 24.63 6.65 -16.86
C THR A 306 24.49 5.77 -18.09
N ALA A 307 25.35 4.77 -18.17
CA ALA A 307 25.33 3.81 -19.27
C ALA A 307 25.40 2.42 -18.64
N THR A 308 24.61 1.47 -19.18
CA THR A 308 24.59 0.11 -18.64
C THR A 308 24.21 -1.03 -19.59
N ARG A 309 24.78 -2.21 -19.35
CA ARG A 309 24.48 -3.40 -20.14
C ARG A 309 23.60 -4.35 -19.30
N ASN A 310 23.34 -3.95 -18.04
CA ASN A 310 22.53 -4.75 -17.16
C ASN A 310 21.11 -4.26 -17.39
N VAL A 311 20.53 -4.72 -18.48
CA VAL A 311 19.21 -4.26 -18.88
C VAL A 311 18.00 -4.73 -18.11
N THR A 312 18.17 -5.73 -17.25
CA THR A 312 17.06 -6.23 -16.44
C THR A 312 17.07 -5.70 -15.02
N MET A 313 18.01 -4.80 -14.72
CA MET A 313 18.13 -4.24 -13.37
C MET A 313 18.24 -2.73 -13.37
N ILE A 314 17.85 -2.12 -14.48
CA ILE A 314 17.87 -0.67 -14.58
C ILE A 314 17.08 -0.03 -13.43
N ASP A 315 16.02 -0.69 -12.98
CA ASP A 315 15.22 -0.13 -11.89
C ASP A 315 16.00 -0.04 -10.58
N ASP A 316 16.95 -0.96 -10.38
CA ASP A 316 17.76 -0.91 -9.17
C ASP A 316 18.79 0.22 -9.26
N LEU A 317 19.31 0.43 -10.47
CA LEU A 317 20.27 1.50 -10.71
C LEU A 317 19.62 2.82 -10.30
N ILE A 318 18.44 3.09 -10.87
CA ILE A 318 17.70 4.32 -10.61
C ILE A 318 17.27 4.47 -9.16
N HIS A 319 16.82 3.36 -8.58
CA HIS A 319 16.35 3.33 -7.20
C HIS A 319 17.49 3.61 -6.19
N PHE A 320 18.62 2.95 -6.34
CA PHE A 320 19.72 3.19 -5.40
C PHE A 320 20.28 4.60 -5.51
N THR A 321 20.39 5.09 -6.74
CA THR A 321 20.90 6.45 -7.01
C THR A 321 19.96 7.48 -6.40
N LEU A 322 18.65 7.32 -6.57
CA LEU A 322 17.72 8.28 -6.00
C LEU A 322 17.63 8.20 -4.47
N LYS A 323 17.86 7.02 -3.89
CA LYS A 323 17.84 6.89 -2.43
C LYS A 323 19.06 7.64 -1.85
N GLN A 324 20.19 7.54 -2.54
CA GLN A 324 21.38 8.28 -2.11
C GLN A 324 21.09 9.79 -2.15
N TRP A 325 20.50 10.30 -3.24
CA TRP A 325 20.19 11.72 -3.33
C TRP A 325 19.23 12.16 -2.24
N ASN A 326 18.38 11.24 -1.76
CA ASN A 326 17.42 11.58 -0.70
C ASN A 326 18.22 11.99 0.52
N ARG A 327 19.36 11.32 0.71
CA ARG A 327 20.21 11.57 1.85
C ARG A 327 20.65 13.03 2.03
N LEU A 328 20.90 13.73 0.92
CA LEU A 328 21.33 15.12 0.97
C LEU A 328 20.41 16.02 1.77
N THR A 329 19.14 15.66 1.87
CA THR A 329 18.18 16.48 2.61
C THR A 329 18.12 16.08 4.07
N ILE A 330 18.43 14.83 4.34
CA ILE A 330 18.29 14.34 5.70
C ILE A 330 19.48 13.78 6.47
N SER A 331 20.46 13.18 5.79
CA SER A 331 21.56 12.57 6.52
C SER A 331 22.97 12.63 5.93
N VAL A 332 23.23 13.57 5.02
CA VAL A 332 24.59 13.67 4.46
C VAL A 332 25.55 13.97 5.64
N THR A 333 26.70 13.31 5.64
CA THR A 333 27.68 13.47 6.71
C THR A 333 28.76 14.54 6.46
N ASP A 334 29.39 14.99 7.54
CA ASP A 334 30.46 15.99 7.48
C ASP A 334 31.57 15.50 6.57
N THR A 335 31.99 14.25 6.75
CA THR A 335 33.07 13.75 5.92
C THR A 335 32.76 13.62 4.43
N GLU A 336 31.49 13.44 4.07
CA GLU A 336 31.12 13.36 2.65
C GLU A 336 31.26 14.77 2.05
N VAL A 337 30.79 15.76 2.80
CA VAL A 337 30.90 17.16 2.38
C VAL A 337 32.38 17.57 2.23
N GLU A 338 33.19 17.22 3.24
CA GLU A 338 34.62 17.52 3.22
C GLU A 338 35.33 16.84 2.08
N ARG A 339 34.93 15.60 1.76
CA ARG A 339 35.57 14.89 0.66
C ARG A 339 35.23 15.64 -0.64
N ALA A 340 34.00 16.14 -0.71
CA ALA A 340 33.54 16.85 -1.90
C ALA A 340 34.28 18.15 -2.12
N LYS A 341 34.47 18.92 -1.05
CA LYS A 341 35.20 20.18 -1.11
C LYS A 341 36.58 19.96 -1.76
N SER A 342 37.33 19.01 -1.21
CA SER A 342 38.65 18.71 -1.73
C SER A 342 38.65 18.31 -3.19
N LEU A 343 37.72 17.44 -3.59
CA LEU A 343 37.66 17.01 -4.97
C LEU A 343 37.11 18.07 -5.93
N LEU A 344 36.26 18.96 -5.40
CA LEU A 344 35.68 20.03 -6.21
C LEU A 344 36.79 21.04 -6.55
N LYS A 345 37.66 21.32 -5.57
CA LYS A 345 38.77 22.25 -5.77
C LYS A 345 39.71 21.70 -6.82
N LEU A 346 40.00 20.41 -6.71
CA LEU A 346 40.90 19.75 -7.65
C LEU A 346 40.39 19.78 -9.07
N GLN A 347 39.08 19.61 -9.26
CA GLN A 347 38.53 19.61 -10.61
C GLN A 347 38.35 21.03 -11.12
N LEU A 348 37.96 21.94 -10.24
CA LEU A 348 37.75 23.33 -10.61
C LEU A 348 39.09 23.96 -10.98
N GLY A 349 40.15 23.50 -10.32
CA GLY A 349 41.48 23.97 -10.59
C GLY A 349 41.89 23.49 -11.97
N GLN A 350 41.84 22.18 -12.18
CA GLN A 350 42.21 21.57 -13.47
C GLN A 350 41.48 22.16 -14.69
N LEU A 351 40.35 22.82 -14.44
CA LEU A 351 39.58 23.45 -15.52
C LEU A 351 40.11 24.85 -15.77
N TYR A 352 40.05 25.68 -14.73
CA TYR A 352 40.50 27.07 -14.78
C TYR A 352 41.98 27.23 -15.11
N GLU A 353 42.77 26.18 -14.89
CA GLU A 353 44.20 26.28 -15.19
C GLU A 353 44.81 25.08 -15.89
N SER A 354 44.47 24.94 -17.15
CA SER A 354 45.01 23.87 -17.98
C SER A 354 46.15 24.47 -18.79
N GLY A 355 46.85 23.62 -19.55
CA GLY A 355 47.94 24.12 -20.37
C GLY A 355 47.46 24.55 -21.75
N ASN A 356 46.22 25.04 -21.82
CA ASN A 356 45.62 25.47 -23.07
C ASN A 356 44.85 26.78 -22.92
N PRO A 357 45.33 27.84 -23.57
CA PRO A 357 44.73 29.17 -23.54
C PRO A 357 43.34 29.27 -24.19
N VAL A 358 43.05 28.39 -25.15
CA VAL A 358 41.74 28.42 -25.80
C VAL A 358 40.64 28.06 -24.81
N ASN A 359 40.96 27.21 -23.84
CA ASN A 359 39.98 26.81 -22.82
C ASN A 359 39.79 28.00 -21.89
N ASP A 360 40.90 28.68 -21.59
CA ASP A 360 40.89 29.84 -20.70
C ASP A 360 40.01 30.96 -21.26
N ALA A 361 40.10 31.16 -22.57
CA ALA A 361 39.31 32.19 -23.25
C ALA A 361 37.82 31.91 -23.11
N ASN A 362 37.41 30.68 -23.40
CA ASN A 362 36.01 30.29 -23.30
C ASN A 362 35.46 30.47 -21.88
N LEU A 363 36.26 30.07 -20.89
CA LEU A 363 35.86 30.20 -19.49
C LEU A 363 35.75 31.67 -19.08
N LEU A 364 36.74 32.46 -19.50
CA LEU A 364 36.78 33.88 -19.19
C LEU A 364 35.66 34.59 -19.92
N GLY A 365 35.59 34.38 -21.23
CA GLY A 365 34.57 35.01 -22.06
C GLY A 365 33.16 34.78 -21.57
N ALA A 366 32.82 33.51 -21.33
CA ALA A 366 31.50 33.12 -20.86
C ALA A 366 31.12 33.78 -19.55
N GLU A 367 32.08 33.90 -18.63
CA GLU A 367 31.82 34.51 -17.34
C GLU A 367 31.58 36.01 -17.39
N VAL A 368 32.47 36.73 -18.09
CA VAL A 368 32.36 38.19 -18.20
C VAL A 368 31.10 38.66 -18.92
N LEU A 369 30.58 37.83 -19.82
CA LEU A 369 29.37 38.17 -20.56
C LEU A 369 28.12 38.16 -19.68
N ILE A 370 28.13 37.35 -18.63
CA ILE A 370 26.97 37.22 -17.73
C ILE A 370 27.01 38.11 -16.49
N LYS A 371 28.15 38.19 -15.81
CA LYS A 371 28.26 38.99 -14.60
C LYS A 371 29.20 40.19 -14.70
N GLY A 372 29.71 40.44 -15.90
CA GLY A 372 30.61 41.56 -16.12
C GLY A 372 32.01 41.40 -15.55
N SER A 373 32.30 40.24 -14.96
CA SER A 373 33.61 39.98 -14.37
C SER A 373 33.82 38.48 -14.16
N LYS A 374 35.02 38.13 -13.72
CA LYS A 374 35.35 36.72 -13.46
C LYS A 374 35.83 36.54 -12.01
N LEU A 375 35.22 35.59 -11.33
CA LEU A 375 35.58 35.27 -9.95
C LEU A 375 36.91 34.51 -10.00
N SER A 376 37.91 35.01 -9.27
CA SER A 376 39.23 34.37 -9.23
C SER A 376 39.17 32.98 -8.61
N LEU A 377 40.02 32.08 -9.10
CA LEU A 377 40.06 30.72 -8.60
C LEU A 377 40.20 30.66 -7.08
N GLY A 378 40.97 31.60 -6.53
CA GLY A 378 41.16 31.67 -5.09
C GLY A 378 39.92 32.13 -4.37
N GLU A 379 39.11 32.93 -5.05
CA GLU A 379 37.86 33.42 -4.48
C GLU A 379 36.83 32.31 -4.39
N ALA A 380 36.88 31.38 -5.35
CA ALA A 380 35.97 30.24 -5.39
C ALA A 380 36.22 29.36 -4.17
N PHE A 381 37.49 28.97 -3.98
CA PHE A 381 37.90 28.13 -2.86
C PHE A 381 37.42 28.69 -1.53
N LYS A 382 37.37 30.00 -1.41
CA LYS A 382 36.90 30.58 -0.15
C LYS A 382 35.42 30.25 0.04
N LYS A 383 34.67 30.31 -1.06
CA LYS A 383 33.24 30.01 -1.05
C LYS A 383 32.98 28.52 -0.83
N ILE A 384 33.80 27.70 -1.49
CA ILE A 384 33.69 26.26 -1.38
C ILE A 384 33.94 25.78 0.06
N ASP A 385 35.03 26.26 0.67
CA ASP A 385 35.36 25.87 2.04
C ASP A 385 34.35 26.31 3.09
N ALA A 386 33.58 27.34 2.75
CA ALA A 386 32.60 27.88 3.70
C ALA A 386 31.27 27.12 3.75
N ILE A 387 31.11 26.16 2.84
CA ILE A 387 29.88 25.37 2.79
C ILE A 387 29.78 24.37 3.94
N THR A 388 28.64 24.38 4.62
CA THR A 388 28.38 23.49 5.74
C THR A 388 27.36 22.42 5.35
N VAL A 389 27.24 21.37 6.18
CA VAL A 389 26.27 20.31 5.95
C VAL A 389 24.89 20.96 5.94
N LYS A 390 24.70 21.94 6.80
CA LYS A 390 23.43 22.64 6.89
C LYS A 390 23.08 23.32 5.57
N ASP A 391 24.09 23.77 4.83
CA ASP A 391 23.85 24.42 3.54
C ASP A 391 23.33 23.40 2.52
N VAL A 392 24.07 22.30 2.36
CA VAL A 392 23.70 21.24 1.42
C VAL A 392 22.27 20.74 1.69
N LYS A 393 21.90 20.58 2.96
CA LYS A 393 20.57 20.12 3.33
C LYS A 393 19.48 21.10 2.93
N ALA A 394 19.73 22.39 3.14
CA ALA A 394 18.76 23.43 2.80
C ALA A 394 18.58 23.48 1.30
N TRP A 395 19.67 23.26 0.58
CA TRP A 395 19.65 23.28 -0.88
C TRP A 395 18.87 22.09 -1.43
N ALA A 396 19.24 20.90 -0.97
CA ALA A 396 18.60 19.64 -1.39
C ALA A 396 17.10 19.64 -1.07
N GLY A 397 16.76 20.13 0.11
CA GLY A 397 15.37 20.18 0.53
C GLY A 397 14.51 21.10 -0.32
N LYS A 398 15.17 21.90 -1.16
CA LYS A 398 14.50 22.85 -2.02
C LYS A 398 14.55 22.39 -3.47
N ARG A 399 15.68 21.84 -3.88
CA ARG A 399 15.87 21.38 -5.26
C ARG A 399 15.66 19.90 -5.58
N LEU A 400 15.95 19.01 -4.63
CA LEU A 400 15.81 17.58 -4.84
C LEU A 400 14.59 16.89 -4.22
N TRP A 401 14.25 17.26 -2.99
CA TRP A 401 13.15 16.64 -2.26
C TRP A 401 11.74 16.86 -2.77
N ASP A 402 11.14 15.75 -3.25
CA ASP A 402 9.77 15.76 -3.77
C ASP A 402 9.60 16.81 -4.87
N GLN A 403 10.54 16.82 -5.80
CA GLN A 403 10.53 17.76 -6.92
C GLN A 403 10.44 16.99 -8.22
N ASP A 404 9.86 17.63 -9.23
CA ASP A 404 9.72 17.03 -10.54
C ASP A 404 11.10 16.74 -11.11
N ILE A 405 11.16 15.81 -12.05
CA ILE A 405 12.42 15.46 -12.69
C ILE A 405 12.20 15.44 -14.19
N ALA A 406 13.31 15.33 -14.92
CA ALA A 406 13.28 15.28 -16.35
C ALA A 406 14.11 14.07 -16.68
N ILE A 407 13.63 13.26 -17.63
CA ILE A 407 14.32 12.03 -18.01
C ILE A 407 14.49 11.91 -19.51
N ALA A 408 15.57 11.29 -19.95
CA ALA A 408 15.83 11.06 -21.37
C ALA A 408 16.63 9.78 -21.45
N GLY A 409 16.37 8.96 -22.48
CA GLY A 409 17.14 7.74 -22.61
C GLY A 409 17.06 7.11 -23.99
N THR A 410 18.03 6.26 -24.31
CA THR A 410 18.00 5.59 -25.60
C THR A 410 18.61 4.20 -25.41
N GLY A 411 18.45 3.33 -26.39
CA GLY A 411 18.96 1.99 -26.25
C GLY A 411 17.91 1.07 -25.66
N GLN A 412 18.36 0.01 -24.98
CA GLN A 412 17.47 -0.96 -24.35
C GLN A 412 16.89 -0.46 -23.03
N ILE A 413 15.97 0.49 -23.10
CA ILE A 413 15.35 1.06 -21.90
C ILE A 413 13.95 0.51 -21.53
N GLU A 414 13.65 -0.71 -21.95
CA GLU A 414 12.37 -1.31 -21.58
C GLU A 414 12.29 -1.44 -20.05
N GLY A 415 13.44 -1.67 -19.42
CA GLY A 415 13.50 -1.80 -17.98
C GLY A 415 13.45 -0.51 -17.18
N LEU A 416 13.48 0.64 -17.85
CA LEU A 416 13.41 1.92 -17.15
C LEU A 416 11.94 2.08 -16.87
N LEU A 417 11.57 2.04 -15.61
CA LEU A 417 10.16 2.15 -15.24
C LEU A 417 9.52 3.49 -15.60
N ASP A 418 8.20 3.56 -15.44
CA ASP A 418 7.43 4.76 -15.73
C ASP A 418 7.85 5.98 -14.92
N TYR A 419 7.41 7.14 -15.39
CA TYR A 419 7.73 8.40 -14.76
C TYR A 419 7.40 8.42 -13.28
N MET A 420 6.13 8.18 -12.93
CA MET A 420 5.70 8.20 -11.53
C MET A 420 6.49 7.36 -10.53
N ARG A 421 7.01 6.23 -11.00
CA ARG A 421 7.81 5.35 -10.16
C ARG A 421 9.13 6.02 -9.85
N ILE A 422 9.69 6.68 -10.86
CA ILE A 422 10.96 7.39 -10.68
C ILE A 422 10.70 8.59 -9.79
N ARG A 423 9.67 9.35 -10.12
CA ARG A 423 9.30 10.57 -9.40
C ARG A 423 9.01 10.31 -7.91
N SER A 424 8.37 9.19 -7.60
CA SER A 424 8.07 8.83 -6.21
C SER A 424 9.36 8.65 -5.38
N ASP A 425 10.43 8.22 -6.03
CA ASP A 425 11.68 8.02 -5.33
C ASP A 425 12.43 9.31 -4.97
N MET A 426 11.86 10.46 -5.31
CA MET A 426 12.49 11.74 -4.99
C MET A 426 12.28 12.09 -3.52
N SER A 427 11.76 11.13 -2.75
CA SER A 427 11.53 11.30 -1.32
C SER A 427 11.39 9.97 -0.58
N MET A 428 11.09 10.05 0.71
CA MET A 428 10.94 8.88 1.54
C MET A 428 9.75 9.03 2.47
N MET A 429 9.17 7.90 2.86
CA MET A 429 8.05 7.84 3.79
C MET A 429 8.61 8.14 5.19
N ARG A 430 7.85 8.85 6.01
CA ARG A 430 8.25 9.17 7.38
C ARG A 430 7.02 9.31 8.29
N TRP A 431 7.21 9.16 9.60
CA TRP A 431 6.10 9.30 10.54
C TRP A 431 5.71 10.77 10.75
N LEU B 1 68.76 10.07 -11.89
CA LEU B 1 67.79 10.68 -10.94
C LEU B 1 67.72 12.19 -11.17
N THR B 2 67.19 12.57 -12.32
CA THR B 2 67.06 13.99 -12.69
C THR B 2 65.78 14.53 -12.04
N VAL B 3 65.91 15.60 -11.27
CA VAL B 3 64.76 16.20 -10.61
C VAL B 3 64.43 17.58 -11.17
N SER B 4 63.54 17.62 -12.17
CA SER B 4 63.13 18.88 -12.78
C SER B 4 61.93 19.48 -12.06
N ALA B 5 61.62 20.74 -12.36
CA ALA B 5 60.50 21.44 -11.75
C ALA B 5 60.28 22.79 -12.43
N ARG B 6 59.24 23.51 -12.01
CA ARG B 6 58.91 24.81 -12.57
C ARG B 6 57.76 25.47 -11.82
N ASP B 7 58.08 26.20 -10.76
CA ASP B 7 57.10 26.87 -9.93
C ASP B 7 56.21 27.88 -10.69
N ALA B 8 55.13 28.31 -10.03
CA ALA B 8 54.16 29.25 -10.58
C ALA B 8 53.16 29.64 -9.48
N PRO B 9 52.39 30.73 -9.68
CA PRO B 9 51.41 31.17 -8.69
C PRO B 9 50.04 30.47 -8.76
N THR B 10 49.98 29.34 -9.47
CA THR B 10 48.73 28.58 -9.63
C THR B 10 48.52 27.61 -8.46
N LYS B 11 47.26 27.24 -8.21
CA LYS B 11 46.92 26.35 -7.10
C LYS B 11 47.02 24.83 -7.30
N ILE B 12 47.21 24.37 -8.54
CA ILE B 12 47.31 22.94 -8.82
C ILE B 12 48.70 22.52 -9.26
N SER B 13 49.32 21.61 -8.50
CA SER B 13 50.65 21.12 -8.84
C SER B 13 50.51 19.74 -9.46
N THR B 14 51.57 19.25 -10.10
CA THR B 14 51.51 17.93 -10.73
C THR B 14 52.84 17.19 -10.79
N LEU B 15 53.07 16.37 -9.78
CA LEU B 15 54.27 15.54 -9.67
C LEU B 15 54.18 14.46 -10.73
N ALA B 16 55.31 14.01 -11.26
CA ALA B 16 55.33 12.96 -12.28
C ALA B 16 56.66 12.25 -12.32
N VAL B 17 56.62 10.92 -12.40
CA VAL B 17 57.83 10.11 -12.43
C VAL B 17 57.91 9.31 -13.72
N LYS B 18 58.60 9.87 -14.72
CA LYS B 18 58.78 9.18 -15.99
C LYS B 18 59.75 8.03 -15.70
N VAL B 19 59.54 6.90 -16.35
CA VAL B 19 60.40 5.73 -16.14
C VAL B 19 60.52 4.96 -17.44
N HIS B 20 61.75 4.72 -17.88
CA HIS B 20 61.98 4.01 -19.12
C HIS B 20 61.65 2.53 -19.03
N GLY B 21 60.35 2.23 -19.12
CA GLY B 21 59.89 0.86 -19.04
C GLY B 21 58.73 0.50 -19.95
N GLY B 22 58.56 1.23 -21.04
CA GLY B 22 57.48 0.96 -21.98
C GLY B 22 57.69 -0.35 -22.73
N SER B 23 56.83 -0.64 -23.70
CA SER B 23 56.93 -1.87 -24.48
C SER B 23 58.25 -2.07 -25.21
N ARG B 24 58.95 -0.96 -25.46
CA ARG B 24 60.23 -0.98 -26.15
C ARG B 24 61.26 -1.81 -25.39
N TYR B 25 61.15 -1.81 -24.07
CA TYR B 25 62.06 -2.55 -23.19
C TYR B 25 61.50 -3.85 -22.66
N ALA B 26 60.18 -4.04 -22.81
CA ALA B 26 59.49 -5.24 -22.30
C ALA B 26 60.13 -6.60 -22.62
N THR B 27 60.46 -7.32 -21.56
CA THR B 27 61.08 -8.65 -21.66
C THR B 27 60.14 -9.72 -22.24
N LYS B 28 58.86 -9.66 -21.86
CA LYS B 28 57.84 -10.58 -22.36
C LYS B 28 56.67 -9.72 -22.87
N ASP B 29 55.91 -10.25 -23.83
CA ASP B 29 54.79 -9.52 -24.42
C ASP B 29 53.74 -9.01 -23.43
N GLY B 30 53.58 -7.69 -23.41
CA GLY B 30 52.61 -7.05 -22.55
C GLY B 30 52.96 -6.87 -21.08
N VAL B 31 54.14 -7.36 -20.66
CA VAL B 31 54.55 -7.25 -19.26
C VAL B 31 54.60 -5.81 -18.78
N ALA B 32 54.95 -4.89 -19.67
CA ALA B 32 55.01 -3.49 -19.31
C ALA B 32 53.59 -3.02 -19.03
N HIS B 33 52.66 -3.53 -19.85
CA HIS B 33 51.23 -3.23 -19.71
C HIS B 33 50.75 -3.66 -18.32
N LEU B 34 51.00 -4.92 -17.98
CA LEU B 34 50.60 -5.46 -16.68
C LEU B 34 51.17 -4.68 -15.51
N LEU B 35 52.44 -4.30 -15.60
CA LEU B 35 53.08 -3.54 -14.54
C LEU B 35 52.44 -2.18 -14.40
N ASN B 36 52.15 -1.54 -15.53
CA ASN B 36 51.53 -0.23 -15.52
C ASN B 36 50.14 -0.34 -14.87
N ARG B 37 49.47 -1.46 -15.13
CA ARG B 37 48.14 -1.72 -14.60
C ARG B 37 48.27 -2.11 -13.10
N PHE B 38 49.47 -2.55 -12.69
CA PHE B 38 49.72 -2.94 -11.30
C PHE B 38 50.06 -1.75 -10.39
N ASN B 39 50.46 -0.62 -10.98
CA ASN B 39 50.78 0.55 -10.17
C ASN B 39 49.55 1.07 -9.45
N PHE B 40 49.75 1.49 -8.20
CA PHE B 40 48.71 2.03 -7.33
C PHE B 40 47.82 0.98 -6.70
N GLN B 41 48.24 -0.28 -6.82
CA GLN B 41 47.56 -1.39 -6.19
C GLN B 41 48.06 -1.34 -4.74
N ASN B 42 48.14 -2.47 -4.07
CA ASN B 42 48.61 -2.45 -2.68
C ASN B 42 50.12 -2.36 -2.53
N THR B 43 50.57 -1.55 -1.57
CA THR B 43 51.98 -1.44 -1.24
C THR B 43 52.10 -2.29 0.01
N ASN B 44 53.28 -2.34 0.62
CA ASN B 44 53.45 -3.13 1.83
C ASN B 44 52.96 -2.43 3.08
N THR B 45 52.69 -1.14 3.01
CA THR B 45 52.21 -0.38 4.17
C THR B 45 50.87 0.33 3.97
N ARG B 46 50.47 0.49 2.72
CA ARG B 46 49.24 1.18 2.37
C ARG B 46 48.48 0.38 1.31
N SER B 47 47.20 0.14 1.54
CA SER B 47 46.38 -0.59 0.56
C SER B 47 45.86 0.39 -0.49
N ALA B 48 45.58 -0.14 -1.69
CA ALA B 48 45.04 0.65 -2.79
C ALA B 48 43.82 1.44 -2.30
N LEU B 49 42.99 0.80 -1.49
CA LEU B 49 41.80 1.45 -0.95
C LEU B 49 42.15 2.70 -0.11
N LYS B 50 43.06 2.53 0.85
CA LYS B 50 43.47 3.65 1.73
C LYS B 50 44.11 4.81 0.96
N LEU B 51 44.93 4.48 -0.04
CA LEU B 51 45.59 5.50 -0.84
C LEU B 51 44.54 6.42 -1.45
N VAL B 52 43.52 5.81 -2.08
CA VAL B 52 42.43 6.55 -2.70
C VAL B 52 41.63 7.34 -1.66
N ARG B 53 41.25 6.68 -0.58
CA ARG B 53 40.47 7.37 0.43
C ARG B 53 41.23 8.56 1.01
N GLU B 54 42.54 8.39 1.24
CA GLU B 54 43.37 9.46 1.78
C GLU B 54 43.55 10.61 0.81
N SER B 55 43.97 10.28 -0.41
CA SER B 55 44.18 11.32 -1.42
C SER B 55 42.91 12.11 -1.72
N GLU B 56 41.75 11.46 -1.67
CA GLU B 56 40.48 12.15 -1.93
C GLU B 56 40.23 13.23 -0.89
N LEU B 57 40.49 12.92 0.37
CA LEU B 57 40.29 13.88 1.45
C LEU B 57 41.28 15.07 1.36
N LEU B 58 42.48 14.81 0.84
CA LEU B 58 43.48 15.85 0.68
C LEU B 58 43.09 16.71 -0.51
N GLY B 59 42.79 16.03 -1.62
CA GLY B 59 42.39 16.71 -2.82
C GLY B 59 43.35 16.46 -3.96
N GLY B 60 43.58 15.19 -4.27
CA GLY B 60 44.49 14.85 -5.36
C GLY B 60 44.25 13.45 -5.87
N THR B 61 44.60 13.20 -7.14
CA THR B 61 44.42 11.88 -7.73
C THR B 61 45.71 11.34 -8.33
N PHE B 62 45.72 10.04 -8.62
CA PHE B 62 46.87 9.39 -9.21
C PHE B 62 46.48 8.84 -10.58
N LYS B 63 47.46 8.39 -11.35
CA LYS B 63 47.22 7.86 -12.69
C LYS B 63 48.53 7.31 -13.22
N SER B 64 48.47 6.18 -13.92
CA SER B 64 49.67 5.55 -14.48
C SER B 64 49.51 5.22 -15.95
N THR B 65 50.18 6.02 -16.80
CA THR B 65 50.14 5.87 -18.25
C THR B 65 51.27 5.03 -18.83
N LEU B 66 50.99 4.38 -19.96
CA LEU B 66 51.96 3.54 -20.66
C LEU B 66 52.23 4.10 -22.07
N ASP B 67 53.51 4.12 -22.44
CA ASP B 67 53.97 4.61 -23.74
C ASP B 67 54.66 3.45 -24.43
N ARG B 68 55.21 3.72 -25.60
CA ARG B 68 55.95 2.68 -26.32
C ARG B 68 57.34 2.66 -25.67
N GLU B 69 57.68 3.75 -24.97
CA GLU B 69 58.97 3.87 -24.30
C GLU B 69 58.90 4.11 -22.79
N TYR B 70 57.92 4.88 -22.34
CA TYR B 70 57.80 5.19 -20.91
C TYR B 70 56.69 4.46 -20.14
N ILE B 71 56.62 4.80 -18.86
CA ILE B 71 55.64 4.34 -17.88
C ILE B 71 55.66 5.50 -16.90
N THR B 72 54.70 6.40 -17.03
CA THR B 72 54.66 7.56 -16.16
C THR B 72 53.67 7.46 -15.01
N LEU B 73 54.14 7.74 -13.79
CA LEU B 73 53.30 7.72 -12.61
C LEU B 73 53.07 9.17 -12.22
N LYS B 74 51.98 9.75 -12.71
CA LYS B 74 51.64 11.15 -12.44
C LYS B 74 50.70 11.31 -11.24
N ALA B 75 50.74 12.48 -10.62
CA ALA B 75 49.89 12.77 -9.46
C ALA B 75 49.52 14.25 -9.45
N THR B 76 48.23 14.53 -9.64
CA THR B 76 47.73 15.90 -9.67
C THR B 76 47.11 16.19 -8.31
N PHE B 77 47.39 17.38 -7.76
CA PHE B 77 46.89 17.72 -6.42
C PHE B 77 46.99 19.19 -6.11
N LEU B 78 46.58 19.55 -4.89
CA LEU B 78 46.66 20.93 -4.41
C LEU B 78 48.09 21.19 -3.96
N LYS B 79 48.65 22.31 -4.45
CA LYS B 79 50.03 22.75 -4.21
C LYS B 79 50.76 22.41 -2.90
N ASP B 80 50.25 22.87 -1.77
CA ASP B 80 50.86 22.66 -0.47
C ASP B 80 50.94 21.23 0.09
N ASP B 81 50.39 20.25 -0.63
CA ASP B 81 50.42 18.87 -0.13
C ASP B 81 51.52 18.02 -0.74
N LEU B 82 52.44 18.69 -1.43
CA LEU B 82 53.57 18.04 -2.12
C LEU B 82 54.25 16.83 -1.47
N PRO B 83 54.71 16.94 -0.21
CA PRO B 83 55.37 15.80 0.44
C PRO B 83 54.61 14.47 0.36
N TYR B 84 53.30 14.51 0.62
CA TYR B 84 52.46 13.33 0.61
C TYR B 84 52.56 12.52 -0.68
N TYR B 85 52.38 13.21 -1.81
CA TYR B 85 52.43 12.56 -3.12
C TYR B 85 53.82 12.10 -3.54
N VAL B 86 54.86 12.73 -2.98
CA VAL B 86 56.23 12.33 -3.27
C VAL B 86 56.45 10.95 -2.64
N ASN B 87 56.02 10.84 -1.38
CA ASN B 87 56.17 9.57 -0.68
C ASN B 87 55.24 8.47 -1.19
N ALA B 88 54.08 8.87 -1.72
CA ALA B 88 53.13 7.92 -2.27
C ALA B 88 53.77 7.26 -3.49
N LEU B 89 54.27 8.09 -4.41
CA LEU B 89 54.93 7.62 -5.62
C LEU B 89 56.16 6.79 -5.28
N ALA B 90 56.90 7.24 -4.26
CA ALA B 90 58.10 6.54 -3.80
C ALA B 90 57.69 5.14 -3.35
N ASP B 91 56.65 5.08 -2.52
CA ASP B 91 56.12 3.84 -2.00
C ASP B 91 55.79 2.83 -3.08
N VAL B 92 55.15 3.29 -4.15
CA VAL B 92 54.75 2.43 -5.26
C VAL B 92 55.96 1.81 -5.96
N LEU B 93 56.94 2.65 -6.29
CA LEU B 93 58.16 2.23 -6.97
C LEU B 93 59.01 1.28 -6.14
N TYR B 94 59.07 1.53 -4.84
CA TYR B 94 59.88 0.72 -3.95
C TYR B 94 59.25 -0.54 -3.38
N LYS B 95 57.97 -0.48 -3.02
CA LYS B 95 57.35 -1.65 -2.40
C LYS B 95 55.88 -2.00 -2.68
N THR B 96 55.52 -2.24 -3.94
CA THR B 96 54.15 -2.66 -4.21
C THR B 96 54.12 -4.16 -3.90
N ALA B 97 53.11 -4.59 -3.16
CA ALA B 97 52.94 -5.97 -2.72
C ALA B 97 52.97 -7.09 -3.77
N PHE B 98 52.31 -6.88 -4.90
CA PHE B 98 52.23 -7.88 -5.97
C PHE B 98 51.59 -9.19 -5.49
N LYS B 99 50.46 -9.09 -4.79
CA LYS B 99 49.75 -10.27 -4.31
C LYS B 99 49.12 -11.02 -5.48
N PRO B 100 49.15 -12.36 -5.46
CA PRO B 100 48.57 -13.17 -6.54
C PRO B 100 47.09 -12.88 -6.81
N HIS B 101 46.35 -12.52 -5.77
CA HIS B 101 44.94 -12.23 -5.93
C HIS B 101 44.68 -10.87 -6.56
N GLU B 102 45.65 -9.96 -6.41
CA GLU B 102 45.51 -8.63 -7.01
C GLU B 102 45.67 -8.79 -8.51
N LEU B 103 46.46 -9.78 -8.90
CA LEU B 103 46.69 -10.06 -10.30
C LEU B 103 45.37 -10.48 -10.93
N THR B 104 44.82 -11.59 -10.43
CA THR B 104 43.57 -12.16 -10.94
C THR B 104 42.29 -11.33 -10.80
N GLU B 105 42.18 -10.56 -9.72
CA GLU B 105 41.00 -9.76 -9.47
C GLU B 105 40.97 -8.33 -9.99
N SER B 106 42.13 -7.69 -10.14
CA SER B 106 42.15 -6.29 -10.61
C SER B 106 43.01 -5.99 -11.81
N VAL B 107 44.21 -6.57 -11.86
CA VAL B 107 45.15 -6.32 -12.94
C VAL B 107 44.77 -6.96 -14.28
N LEU B 108 44.54 -8.26 -14.27
CA LEU B 108 44.15 -8.96 -15.49
C LEU B 108 42.85 -8.40 -16.09
N PRO B 109 41.80 -8.18 -15.26
CA PRO B 109 40.56 -7.64 -15.81
C PRO B 109 40.76 -6.26 -16.43
N ALA B 110 41.47 -5.39 -15.73
CA ALA B 110 41.74 -4.03 -16.21
C ALA B 110 42.51 -4.06 -17.52
N ALA B 111 43.44 -4.99 -17.64
CA ALA B 111 44.25 -5.15 -18.84
C ALA B 111 43.45 -5.74 -19.99
N ARG B 112 42.54 -6.67 -19.68
CA ARG B 112 41.71 -7.33 -20.69
C ARG B 112 40.78 -6.29 -21.34
N TYR B 113 40.31 -5.35 -20.53
CA TYR B 113 39.45 -4.26 -20.98
C TYR B 113 40.24 -3.33 -21.89
N ASP B 114 41.49 -3.04 -21.51
CA ASP B 114 42.37 -2.19 -22.29
C ASP B 114 42.55 -2.79 -23.68
N TYR B 115 42.89 -4.07 -23.73
CA TYR B 115 43.08 -4.74 -25.01
C TYR B 115 41.80 -4.78 -25.83
N ALA B 116 40.66 -4.93 -25.15
CA ALA B 116 39.36 -4.99 -25.82
C ALA B 116 39.00 -3.68 -26.50
N VAL B 117 39.27 -2.56 -25.84
CA VAL B 117 39.00 -1.21 -26.37
C VAL B 117 39.83 -0.97 -27.63
N ALA B 118 41.09 -1.36 -27.55
CA ALA B 118 42.04 -1.21 -28.65
C ALA B 118 41.77 -2.17 -29.82
N GLU B 119 41.25 -3.35 -29.52
CA GLU B 119 40.97 -4.35 -30.54
C GLU B 119 39.80 -3.95 -31.44
N GLN B 120 39.09 -2.89 -31.06
CA GLN B 120 37.95 -2.42 -31.81
C GLN B 120 38.18 -1.16 -32.66
N CYS B 121 39.37 -0.56 -32.54
CA CYS B 121 39.72 0.62 -33.32
C CYS B 121 40.73 0.20 -34.40
N PRO B 122 40.31 0.22 -35.69
CA PRO B 122 41.16 -0.16 -36.82
C PRO B 122 42.43 0.65 -37.04
N VAL B 123 42.43 1.93 -36.66
CA VAL B 123 43.61 2.75 -36.84
C VAL B 123 44.72 2.27 -35.88
N LYS B 124 44.32 1.90 -34.66
CA LYS B 124 45.26 1.42 -33.65
C LYS B 124 45.80 0.03 -34.00
N SER B 125 44.98 -0.79 -34.64
CA SER B 125 45.41 -2.13 -35.04
C SER B 125 46.49 -1.92 -36.10
N ALA B 126 46.29 -0.88 -36.91
CA ALA B 126 47.20 -0.51 -37.98
C ALA B 126 48.50 0.04 -37.38
N GLU B 127 48.36 1.07 -36.54
CA GLU B 127 49.50 1.70 -35.89
C GLU B 127 50.39 0.67 -35.19
N ASP B 128 49.79 -0.41 -34.70
CA ASP B 128 50.55 -1.46 -34.06
C ASP B 128 51.29 -2.27 -35.11
N GLN B 129 50.61 -2.54 -36.22
CA GLN B 129 51.19 -3.30 -37.32
C GLN B 129 52.33 -2.53 -37.96
N LEU B 130 52.22 -1.21 -37.97
CA LEU B 130 53.25 -0.34 -38.53
C LEU B 130 54.56 -0.51 -37.74
N TYR B 131 54.47 -0.36 -36.43
CA TYR B 131 55.64 -0.51 -35.56
C TYR B 131 56.28 -1.89 -35.65
N ALA B 132 55.44 -2.92 -35.67
CA ALA B 132 55.94 -4.29 -35.74
C ALA B 132 56.74 -4.65 -36.99
N ILE B 133 56.43 -3.98 -38.10
CA ILE B 133 57.14 -4.26 -39.35
C ILE B 133 58.36 -3.36 -39.57
N THR B 134 58.26 -2.09 -39.18
CA THR B 134 59.40 -1.18 -39.33
C THR B 134 60.49 -1.65 -38.37
N PHE B 135 60.21 -1.56 -37.06
CA PHE B 135 61.16 -1.99 -36.02
C PHE B 135 60.76 -3.41 -35.61
N ARG B 136 61.24 -4.39 -36.36
CA ARG B 136 60.91 -5.80 -36.14
C ARG B 136 61.03 -6.45 -34.74
N LYS B 137 61.43 -5.70 -33.72
CA LYS B 137 61.57 -6.27 -32.37
C LYS B 137 61.95 -5.30 -31.26
N GLY B 138 62.11 -4.02 -31.60
CA GLY B 138 62.47 -3.04 -30.60
C GLY B 138 61.25 -2.27 -30.12
N LEU B 139 60.86 -1.27 -30.91
CA LEU B 139 59.69 -0.46 -30.62
C LEU B 139 58.52 -1.16 -31.32
N GLY B 140 58.83 -2.26 -32.00
CA GLY B 140 57.82 -3.03 -32.68
C GLY B 140 57.23 -4.09 -31.77
N ASN B 141 57.55 -3.97 -30.48
CA ASN B 141 57.05 -4.88 -29.47
C ASN B 141 55.60 -4.49 -29.17
N PRO B 142 54.74 -5.50 -28.92
CA PRO B 142 53.33 -5.31 -28.60
C PRO B 142 53.19 -4.36 -27.42
N LEU B 143 52.33 -3.35 -27.58
CA LEU B 143 52.09 -2.37 -26.52
C LEU B 143 51.29 -2.96 -25.34
N LEU B 144 50.22 -3.68 -25.65
CA LEU B 144 49.35 -4.26 -24.62
C LEU B 144 49.43 -5.79 -24.54
N TYR B 145 49.04 -6.32 -23.38
CA TYR B 145 49.04 -7.75 -23.10
C TYR B 145 47.86 -8.45 -23.78
N ASP B 146 48.11 -9.60 -24.39
CA ASP B 146 47.05 -10.36 -25.05
C ASP B 146 47.12 -11.88 -24.83
N GLY B 147 48.01 -12.29 -23.95
CA GLY B 147 48.16 -13.69 -23.63
C GLY B 147 48.84 -14.64 -24.59
N VAL B 148 49.43 -14.17 -25.69
CA VAL B 148 50.11 -15.09 -26.62
C VAL B 148 51.26 -15.85 -25.96
N GLU B 149 51.99 -15.18 -25.08
CA GLU B 149 53.05 -15.87 -24.34
C GLU B 149 52.78 -15.66 -22.85
N ARG B 150 52.96 -16.73 -22.08
CA ARG B 150 52.71 -16.71 -20.63
C ARG B 150 53.43 -15.58 -19.92
N VAL B 151 52.80 -15.06 -18.87
CA VAL B 151 53.37 -13.99 -18.04
C VAL B 151 52.88 -14.27 -16.64
N SER B 152 53.78 -14.75 -15.77
CA SER B 152 53.43 -15.03 -14.39
C SER B 152 53.61 -13.79 -13.54
N LEU B 153 53.21 -13.89 -12.27
CA LEU B 153 53.30 -12.79 -11.32
C LEU B 153 54.78 -12.43 -11.13
N GLN B 154 55.63 -13.46 -11.20
CA GLN B 154 57.08 -13.32 -11.03
C GLN B 154 57.69 -12.49 -12.18
N ASP B 155 57.26 -12.78 -13.41
CA ASP B 155 57.75 -12.04 -14.59
C ASP B 155 57.45 -10.55 -14.42
N ILE B 156 56.28 -10.22 -13.87
CA ILE B 156 55.89 -8.83 -13.64
C ILE B 156 56.77 -8.25 -12.53
N LYS B 157 57.15 -9.09 -11.59
CA LYS B 157 57.99 -8.68 -10.47
C LYS B 157 59.42 -8.45 -10.97
N ASP B 158 59.93 -9.40 -11.76
CA ASP B 158 61.27 -9.30 -12.32
C ASP B 158 61.41 -8.03 -13.17
N PHE B 159 60.41 -7.77 -14.02
CA PHE B 159 60.44 -6.59 -14.87
C PHE B 159 60.42 -5.31 -14.05
N ALA B 160 59.72 -5.32 -12.92
CA ALA B 160 59.67 -4.14 -12.07
C ALA B 160 61.04 -3.89 -11.46
N ASP B 161 61.78 -4.97 -11.22
CA ASP B 161 63.12 -4.90 -10.65
C ASP B 161 64.08 -4.19 -11.60
N LYS B 162 64.02 -4.56 -12.87
CA LYS B 162 64.88 -3.96 -13.89
C LYS B 162 64.57 -2.48 -14.11
N VAL B 163 63.32 -2.20 -14.41
CA VAL B 163 62.84 -0.86 -14.71
C VAL B 163 62.76 0.18 -13.59
N TYR B 164 62.43 -0.24 -12.38
CA TYR B 164 62.32 0.70 -11.25
C TYR B 164 63.64 0.88 -10.50
N THR B 165 64.51 1.73 -11.04
CA THR B 165 65.82 2.02 -10.47
C THR B 165 66.14 3.52 -10.62
N LYS B 166 67.00 4.05 -9.76
CA LYS B 166 67.37 5.47 -9.81
C LYS B 166 68.04 5.89 -11.12
N GLU B 167 68.80 4.98 -11.71
CA GLU B 167 69.49 5.26 -12.97
C GLU B 167 68.63 5.01 -14.21
N ASN B 168 67.32 4.85 -14.02
CA ASN B 168 66.42 4.60 -15.14
C ASN B 168 65.12 5.39 -15.07
N LEU B 169 65.04 6.33 -14.12
CA LEU B 169 63.84 7.13 -13.97
C LEU B 169 64.17 8.61 -13.81
N GLU B 170 63.15 9.45 -13.96
CA GLU B 170 63.32 10.89 -13.85
C GLU B 170 62.10 11.53 -13.19
N VAL B 171 62.32 12.22 -12.07
CA VAL B 171 61.23 12.90 -11.39
C VAL B 171 60.99 14.20 -12.15
N SER B 172 59.77 14.69 -12.17
CA SER B 172 59.44 15.92 -12.89
C SER B 172 58.16 16.54 -12.34
N GLY B 173 58.32 17.56 -11.49
CA GLY B 173 57.16 18.20 -10.91
C GLY B 173 56.82 19.55 -11.51
N GLU B 174 55.69 19.61 -12.21
CA GLU B 174 55.23 20.85 -12.83
C GLU B 174 54.49 21.69 -11.79
N ASN B 175 54.79 22.98 -11.75
CA ASN B 175 54.18 23.91 -10.81
C ASN B 175 54.57 23.64 -9.37
N VAL B 176 55.84 23.30 -9.15
CA VAL B 176 56.37 22.99 -7.83
C VAL B 176 57.75 23.64 -7.64
N VAL B 177 58.04 24.07 -6.41
CA VAL B 177 59.33 24.69 -6.07
C VAL B 177 60.44 23.64 -6.06
N GLU B 178 61.35 23.73 -7.02
CA GLU B 178 62.47 22.80 -7.15
C GLU B 178 63.24 22.57 -5.85
N ALA B 179 63.29 23.60 -5.01
CA ALA B 179 63.99 23.54 -3.73
C ALA B 179 63.44 22.43 -2.84
N ASP B 180 62.15 22.53 -2.52
CA ASP B 180 61.48 21.54 -1.68
C ASP B 180 61.37 20.17 -2.38
N LEU B 181 61.20 20.18 -3.69
CA LEU B 181 61.08 18.93 -4.44
C LEU B 181 62.32 18.06 -4.32
N LYS B 182 63.49 18.63 -4.61
CA LYS B 182 64.75 17.88 -4.50
C LYS B 182 64.95 17.39 -3.08
N ARG B 183 64.60 18.26 -2.13
CA ARG B 183 64.70 17.96 -0.71
C ARG B 183 63.88 16.73 -0.33
N PHE B 184 62.61 16.72 -0.75
CA PHE B 184 61.70 15.62 -0.46
C PHE B 184 62.04 14.32 -1.18
N VAL B 185 62.51 14.43 -2.41
CA VAL B 185 62.89 13.26 -3.20
C VAL B 185 64.04 12.50 -2.51
N ASP B 186 65.06 13.25 -2.08
CA ASP B 186 66.22 12.67 -1.41
C ASP B 186 65.91 12.25 0.02
N GLU B 187 64.92 12.90 0.61
CA GLU B 187 64.47 12.62 1.97
C GLU B 187 63.53 11.40 2.01
N SER B 188 62.96 11.06 0.85
CA SER B 188 62.03 9.94 0.71
C SER B 188 62.72 8.61 0.40
N LEU B 189 61.99 7.70 -0.24
CA LEU B 189 62.50 6.38 -0.60
C LEU B 189 63.05 6.30 -2.02
N LEU B 190 63.00 7.40 -2.75
CA LEU B 190 63.53 7.42 -4.12
C LEU B 190 65.03 7.14 -4.09
N SER B 191 65.72 7.76 -3.14
CA SER B 191 67.17 7.60 -2.98
C SER B 191 67.59 6.22 -2.48
N THR B 192 66.64 5.45 -1.95
CA THR B 192 66.90 4.11 -1.44
C THR B 192 66.77 3.06 -2.55
N LEU B 193 66.16 3.46 -3.67
CA LEU B 193 65.97 2.56 -4.80
C LEU B 193 67.32 2.14 -5.37
N PRO B 194 67.54 0.83 -5.53
CA PRO B 194 68.81 0.33 -6.06
C PRO B 194 69.03 0.80 -7.51
N ALA B 195 69.78 1.89 -7.67
CA ALA B 195 70.06 2.46 -8.99
C ALA B 195 70.81 1.50 -9.90
N GLY B 196 70.12 1.00 -10.92
CA GLY B 196 70.73 0.06 -11.85
C GLY B 196 71.29 0.76 -13.06
N LYS B 197 70.93 0.28 -14.25
CA LYS B 197 71.40 0.86 -15.50
C LYS B 197 70.26 1.53 -16.27
N SER B 198 70.63 2.43 -17.17
CA SER B 198 69.67 3.14 -18.00
C SER B 198 69.60 2.36 -19.31
N LEU B 199 68.43 1.82 -19.64
CA LEU B 199 68.26 1.04 -20.86
C LEU B 199 68.10 1.90 -22.11
N VAL B 200 68.21 3.21 -21.95
CA VAL B 200 68.08 4.15 -23.07
C VAL B 200 69.29 4.05 -24.00
N SER B 201 69.10 3.42 -25.15
CA SER B 201 70.17 3.26 -26.13
C SER B 201 70.20 4.46 -27.07
N LYS B 202 71.41 4.93 -27.39
CA LYS B 202 71.58 6.08 -28.29
C LYS B 202 71.63 5.67 -29.77
N SER B 203 72.16 4.47 -30.02
CA SER B 203 72.27 3.94 -31.38
C SER B 203 70.90 3.80 -32.04
N GLU B 204 70.79 4.27 -33.27
CA GLU B 204 69.54 4.21 -34.03
C GLU B 204 69.03 2.78 -34.18
N PRO B 205 67.71 2.58 -34.01
CA PRO B 205 67.07 1.26 -34.13
C PRO B 205 67.20 0.74 -35.56
N LYS B 206 67.44 -0.56 -35.71
CA LYS B 206 67.58 -1.12 -37.04
C LYS B 206 66.20 -1.26 -37.70
N PHE B 207 65.77 -0.21 -38.38
CA PHE B 207 64.48 -0.21 -39.06
C PHE B 207 64.50 -0.87 -40.44
N PHE B 208 63.32 -1.25 -40.91
CA PHE B 208 63.18 -1.89 -42.22
C PHE B 208 62.29 -1.05 -43.13
N LEU B 209 62.38 -1.29 -44.43
CA LEU B 209 61.61 -0.55 -45.42
C LEU B 209 61.02 -1.48 -46.49
N GLY B 210 59.97 -1.01 -47.16
CA GLY B 210 59.33 -1.80 -48.20
C GLY B 210 58.60 -3.01 -47.64
N GLU B 211 58.12 -2.89 -46.41
CA GLU B 211 57.39 -3.97 -45.72
C GLU B 211 55.90 -3.65 -45.68
N GLU B 212 55.07 -4.68 -45.86
CA GLU B 212 53.62 -4.50 -45.84
C GLU B 212 52.86 -5.63 -45.14
N ASN B 213 51.76 -5.28 -44.48
CA ASN B 213 50.93 -6.26 -43.78
C ASN B 213 49.44 -5.99 -44.01
N ARG B 214 48.68 -7.06 -44.22
CA ARG B 214 47.23 -6.96 -44.46
C ARG B 214 46.41 -7.72 -43.42
N VAL B 215 45.57 -7.00 -42.68
CA VAL B 215 44.72 -7.62 -41.65
C VAL B 215 43.23 -7.47 -41.95
N ARG B 216 42.55 -8.62 -42.03
CA ARG B 216 41.11 -8.66 -42.28
C ARG B 216 40.43 -8.15 -41.02
N PHE B 217 39.46 -7.25 -41.19
CA PHE B 217 38.77 -6.65 -40.05
C PHE B 217 37.33 -6.26 -40.40
N ILE B 218 36.42 -6.53 -39.47
CA ILE B 218 35.02 -6.21 -39.64
C ILE B 218 34.74 -4.80 -39.09
N GLY B 219 34.46 -3.86 -40.00
CA GLY B 219 34.19 -2.49 -39.61
C GLY B 219 34.78 -1.55 -40.65
N ASP B 220 35.22 -0.36 -40.22
CA ASP B 220 35.83 0.63 -41.12
C ASP B 220 37.15 0.11 -41.71
N SER B 221 37.40 0.46 -42.97
CA SER B 221 38.63 0.08 -43.63
C SER B 221 39.66 1.18 -43.43
N VAL B 222 40.93 0.79 -43.30
CA VAL B 222 41.99 1.76 -43.09
C VAL B 222 43.31 1.35 -43.75
N ALA B 223 43.87 2.27 -44.52
CA ALA B 223 45.14 2.08 -45.20
C ALA B 223 46.10 3.06 -44.56
N ALA B 224 47.26 2.58 -44.15
CA ALA B 224 48.22 3.45 -43.49
C ALA B 224 49.67 3.22 -43.94
N ILE B 225 50.46 4.29 -43.89
CA ILE B 225 51.88 4.21 -44.26
C ILE B 225 52.74 4.68 -43.09
N GLY B 226 53.89 4.03 -42.92
CA GLY B 226 54.80 4.38 -41.86
C GLY B 226 56.23 4.55 -42.34
N ILE B 227 56.86 5.66 -41.94
CA ILE B 227 58.23 5.98 -42.35
C ILE B 227 59.20 6.21 -41.18
N PRO B 228 60.27 5.41 -41.11
CA PRO B 228 61.29 5.51 -40.06
C PRO B 228 62.14 6.76 -40.31
N VAL B 229 62.14 7.69 -39.36
CA VAL B 229 62.92 8.91 -39.53
C VAL B 229 64.26 8.93 -38.79
N ASN B 230 65.13 9.86 -39.18
CA ASN B 230 66.45 10.02 -38.58
C ASN B 230 66.39 10.94 -37.36
N LYS B 231 67.44 10.90 -36.55
CA LYS B 231 67.53 11.72 -35.35
C LYS B 231 67.60 13.21 -35.69
N ALA B 232 68.06 13.53 -36.90
CA ALA B 232 68.20 14.92 -37.34
C ALA B 232 67.18 15.28 -38.42
N SER B 233 66.75 14.29 -39.19
CA SER B 233 65.78 14.49 -40.26
C SER B 233 64.32 14.46 -39.79
N LEU B 234 64.11 14.53 -38.48
CA LEU B 234 62.76 14.48 -37.92
C LEU B 234 62.00 15.81 -37.90
N ALA B 235 62.72 16.92 -38.01
CA ALA B 235 62.10 18.24 -38.00
C ALA B 235 61.29 18.51 -39.27
N GLN B 236 61.71 17.92 -40.39
CA GLN B 236 61.00 18.11 -41.66
C GLN B 236 59.71 17.29 -41.64
N TYR B 237 59.79 16.07 -41.12
CA TYR B 237 58.62 15.20 -41.04
C TYR B 237 57.57 15.77 -40.10
N GLU B 238 58.02 16.58 -39.13
CA GLU B 238 57.11 17.20 -38.18
C GLU B 238 56.23 18.21 -38.92
N VAL B 239 56.86 19.03 -39.77
CA VAL B 239 56.14 20.03 -40.55
C VAL B 239 55.26 19.34 -41.58
N LEU B 240 55.74 18.20 -42.07
CA LEU B 240 55.03 17.39 -43.06
C LEU B 240 53.69 16.95 -42.49
N ALA B 241 53.72 16.44 -41.26
CA ALA B 241 52.53 15.98 -40.57
C ALA B 241 51.55 17.12 -40.33
N ASN B 242 52.06 18.27 -39.90
CA ASN B 242 51.21 19.44 -39.65
C ASN B 242 50.73 20.08 -40.96
N TYR B 243 51.45 19.81 -42.05
CA TYR B 243 51.10 20.32 -43.36
C TYR B 243 49.92 19.49 -43.87
N LEU B 244 50.07 18.17 -43.77
CA LEU B 244 49.03 17.24 -44.21
C LEU B 244 47.76 17.35 -43.36
N THR B 245 47.89 17.91 -42.16
CA THR B 245 46.77 18.09 -41.24
C THR B 245 46.45 19.58 -41.12
N SER B 246 46.37 20.26 -42.25
CA SER B 246 46.07 21.69 -42.27
C SER B 246 45.38 22.11 -43.56
N ALA B 247 44.81 23.32 -43.53
CA ALA B 247 44.09 23.86 -44.68
C ALA B 247 45.00 24.20 -45.86
N LEU B 248 46.31 24.15 -45.63
CA LEU B 248 47.29 24.44 -46.67
C LEU B 248 47.35 23.31 -47.69
N SER B 249 47.36 22.08 -47.20
CA SER B 249 47.39 20.92 -48.08
C SER B 249 46.00 20.65 -48.64
N GLU B 250 45.93 20.39 -49.94
CA GLU B 250 44.66 20.11 -50.59
C GLU B 250 44.17 18.74 -50.18
N LEU B 251 45.12 17.81 -50.04
CA LEU B 251 44.81 16.44 -49.67
C LEU B 251 44.64 16.19 -48.16
N SER B 252 44.34 17.26 -47.41
CA SER B 252 44.13 17.14 -45.96
C SER B 252 42.78 16.49 -45.67
N GLY B 253 41.83 16.66 -46.58
CA GLY B 253 40.51 16.09 -46.41
C GLY B 253 40.41 14.67 -46.95
N LEU B 254 41.55 14.12 -47.38
CA LEU B 254 41.60 12.76 -47.91
C LEU B 254 42.20 11.77 -46.93
N ILE B 255 42.64 12.28 -45.78
CA ILE B 255 43.24 11.45 -44.73
C ILE B 255 42.55 11.68 -43.40
N SER B 256 42.66 10.71 -42.51
CA SER B 256 42.05 10.81 -41.18
C SER B 256 43.02 11.49 -40.21
N SER B 257 44.29 11.10 -40.28
CA SER B 257 45.31 11.68 -39.41
C SER B 257 46.73 11.36 -39.86
N ALA B 258 47.66 12.21 -39.43
CA ALA B 258 49.07 12.06 -39.74
C ALA B 258 49.87 12.65 -38.59
N LYS B 259 50.89 11.93 -38.14
CA LYS B 259 51.70 12.40 -37.01
C LYS B 259 53.12 11.84 -37.01
N LEU B 260 53.94 12.42 -36.14
CA LEU B 260 55.32 12.00 -35.97
C LEU B 260 55.58 11.64 -34.50
N ASP B 261 55.87 10.37 -34.25
CA ASP B 261 56.14 9.91 -32.91
C ASP B 261 57.61 10.12 -32.59
N LYS B 262 57.88 11.16 -31.82
CA LYS B 262 59.23 11.53 -31.41
C LYS B 262 59.71 10.74 -30.21
N PHE B 263 60.86 10.10 -30.35
CA PHE B 263 61.44 9.31 -29.28
C PHE B 263 62.76 9.93 -28.82
N THR B 264 63.64 9.08 -28.29
CA THR B 264 64.95 9.53 -27.82
C THR B 264 66.04 9.18 -28.83
N ASP B 265 65.81 8.13 -29.61
CA ASP B 265 66.77 7.67 -30.61
C ASP B 265 66.20 7.57 -32.04
N GLY B 266 65.35 8.51 -32.41
CA GLY B 266 64.77 8.50 -33.74
C GLY B 266 63.30 8.84 -33.72
N GLY B 267 62.53 8.22 -34.61
CA GLY B 267 61.10 8.48 -34.67
C GLY B 267 60.35 7.66 -35.70
N LEU B 268 59.07 7.95 -35.83
CA LEU B 268 58.21 7.26 -36.79
C LEU B 268 57.09 8.16 -37.28
N PHE B 269 56.97 8.28 -38.59
CA PHE B 269 55.95 9.09 -39.21
C PHE B 269 54.81 8.20 -39.65
N THR B 270 53.58 8.58 -39.31
CA THR B 270 52.40 7.78 -39.67
C THR B 270 51.34 8.58 -40.41
N LEU B 271 50.69 7.92 -41.37
CA LEU B 271 49.63 8.51 -42.16
C LEU B 271 48.46 7.52 -42.17
N PHE B 272 47.30 8.01 -41.75
CA PHE B 272 46.10 7.18 -41.67
C PHE B 272 44.92 7.57 -42.56
N VAL B 273 44.50 6.63 -43.41
CA VAL B 273 43.36 6.84 -44.30
C VAL B 273 42.29 5.85 -43.81
N ARG B 274 41.23 6.38 -43.22
CA ARG B 274 40.14 5.54 -42.71
C ARG B 274 38.76 5.97 -43.22
N ASP B 275 37.97 4.99 -43.65
CA ASP B 275 36.62 5.23 -44.15
C ASP B 275 35.79 3.94 -44.16
N GLN B 276 34.48 4.09 -44.25
CA GLN B 276 33.54 2.97 -44.28
C GLN B 276 33.77 1.98 -45.41
N ASP B 277 33.65 2.43 -46.66
CA ASP B 277 33.86 1.54 -47.79
C ASP B 277 35.28 1.56 -48.35
N SER B 278 35.72 0.40 -48.79
CA SER B 278 37.06 0.19 -49.35
C SER B 278 37.40 1.04 -50.57
N ALA B 279 36.42 1.27 -51.43
CA ALA B 279 36.63 2.05 -52.64
C ALA B 279 37.19 3.44 -52.35
N VAL B 280 36.65 4.11 -51.33
CA VAL B 280 37.11 5.45 -50.97
C VAL B 280 38.49 5.42 -50.29
N VAL B 281 38.81 4.31 -49.63
CA VAL B 281 40.10 4.18 -48.96
C VAL B 281 41.20 3.97 -49.99
N SER B 282 40.90 3.17 -51.01
CA SER B 282 41.86 2.88 -52.08
C SER B 282 42.26 4.15 -52.84
N SER B 283 41.28 4.90 -53.30
CA SER B 283 41.52 6.13 -54.05
C SER B 283 42.26 7.19 -53.23
N ASN B 284 41.80 7.43 -52.01
CA ASN B 284 42.42 8.42 -51.15
C ASN B 284 43.88 8.19 -50.81
N ILE B 285 44.29 6.94 -50.65
CA ILE B 285 45.69 6.66 -50.33
C ILE B 285 46.54 6.59 -51.59
N LYS B 286 45.95 6.07 -52.66
CA LYS B 286 46.62 5.95 -53.96
C LYS B 286 47.00 7.34 -54.49
N LYS B 287 46.16 8.32 -54.17
CA LYS B 287 46.36 9.71 -54.56
C LYS B 287 47.51 10.30 -53.73
N ILE B 288 47.46 10.08 -52.42
CA ILE B 288 48.49 10.57 -51.50
C ILE B 288 49.88 10.09 -51.89
N VAL B 289 50.01 8.78 -52.11
CA VAL B 289 51.28 8.18 -52.49
C VAL B 289 51.80 8.79 -53.80
N ALA B 290 50.89 9.10 -54.72
CA ALA B 290 51.24 9.69 -56.00
C ALA B 290 51.67 11.15 -55.85
N ASP B 291 50.92 11.91 -55.04
CA ASP B 291 51.22 13.32 -54.82
C ASP B 291 52.44 13.55 -53.93
N LEU B 292 52.79 12.55 -53.13
CA LEU B 292 53.96 12.66 -52.25
C LEU B 292 55.23 12.24 -52.98
N LYS B 293 55.11 11.36 -53.97
CA LYS B 293 56.24 10.91 -54.76
C LYS B 293 56.76 12.11 -55.55
N LYS B 294 55.83 12.90 -56.07
CA LYS B 294 56.15 14.11 -56.82
C LYS B 294 56.08 15.20 -55.73
N GLY B 295 56.79 14.94 -54.64
CA GLY B 295 56.81 15.82 -53.48
C GLY B 295 56.97 17.31 -53.69
N LYS B 296 56.51 18.07 -52.71
CA LYS B 296 56.57 19.53 -52.72
C LYS B 296 56.29 20.04 -51.33
N ASP B 297 56.72 21.27 -51.04
CA ASP B 297 56.49 21.87 -49.73
C ASP B 297 56.66 23.39 -49.78
N LEU B 298 57.90 23.83 -50.01
CA LEU B 298 58.27 25.25 -50.07
C LEU B 298 58.17 25.95 -48.71
N SER B 299 57.91 25.14 -47.67
CA SER B 299 57.80 25.58 -46.28
C SER B 299 56.84 26.73 -45.94
N PRO B 300 55.61 26.71 -46.46
CA PRO B 300 54.66 27.78 -46.16
C PRO B 300 54.10 27.58 -44.75
N ALA B 301 54.12 26.32 -44.32
CA ALA B 301 53.63 25.91 -43.01
C ALA B 301 54.72 25.96 -41.94
N ILE B 302 55.74 26.77 -42.18
CA ILE B 302 56.86 26.91 -41.24
C ILE B 302 56.43 27.60 -39.94
N ASN B 303 55.56 28.59 -40.05
CA ASN B 303 55.08 29.33 -38.90
C ASN B 303 53.94 28.58 -38.21
N TYR B 304 53.28 27.70 -38.96
CA TYR B 304 52.18 26.90 -38.43
C TYR B 304 52.71 25.70 -37.65
N THR B 305 53.63 24.96 -38.27
CA THR B 305 54.22 23.78 -37.62
C THR B 305 55.04 24.19 -36.39
N LYS B 306 55.40 25.46 -36.32
CA LYS B 306 56.15 25.99 -35.19
C LYS B 306 55.18 26.41 -34.10
N LEU B 307 54.00 26.88 -34.51
CA LEU B 307 52.96 27.32 -33.57
C LEU B 307 52.25 26.12 -32.95
N LYS B 308 51.95 25.11 -33.76
CA LYS B 308 51.27 23.91 -33.28
C LYS B 308 52.20 23.03 -32.45
N ASN B 309 53.50 23.20 -32.64
CA ASN B 309 54.48 22.42 -31.89
C ASN B 309 54.87 23.14 -30.61
N ALA B 310 54.20 24.24 -30.34
CA ALA B 310 54.45 25.04 -29.14
C ALA B 310 53.28 24.95 -28.15
N VAL B 311 52.12 24.50 -28.64
CA VAL B 311 50.93 24.35 -27.81
C VAL B 311 51.06 23.18 -26.83
N GLN B 312 52.21 22.51 -26.89
CA GLN B 312 52.50 21.37 -26.02
C GLN B 312 53.36 21.85 -24.85
N ASN B 313 52.71 22.51 -23.89
CA ASN B 313 53.37 23.05 -22.70
C ASN B 313 53.83 21.98 -21.70
N GLU B 314 53.43 20.73 -21.93
CA GLU B 314 53.81 19.64 -21.03
C GLU B 314 55.15 19.02 -21.45
N SER B 315 55.56 19.27 -22.68
CA SER B 315 56.82 18.75 -23.21
C SER B 315 57.85 19.86 -23.41
N VAL B 316 58.13 20.62 -22.35
CA VAL B 316 59.11 21.71 -22.42
C VAL B 316 60.50 21.11 -22.18
N SER B 317 60.83 20.12 -23.00
CA SER B 317 62.10 19.41 -22.96
C SER B 317 62.30 18.73 -24.32
N SER B 318 61.59 19.25 -25.32
CA SER B 318 61.64 18.75 -26.70
C SER B 318 63.02 18.88 -27.34
N PRO B 319 63.35 18.01 -28.32
CA PRO B 319 64.63 17.99 -29.03
C PRO B 319 65.03 19.31 -29.70
N ILE B 320 65.13 19.31 -31.03
CA ILE B 320 65.51 20.51 -31.77
C ILE B 320 64.29 21.38 -32.07
N GLU B 321 64.46 22.69 -31.89
CA GLU B 321 63.38 23.65 -32.12
C GLU B 321 63.62 24.50 -33.36
N LEU B 322 64.87 24.92 -33.56
CA LEU B 322 65.24 25.77 -34.71
C LEU B 322 65.68 25.00 -35.97
N ASN B 323 65.54 23.67 -35.94
CA ASN B 323 65.92 22.85 -37.08
C ASN B 323 64.85 22.97 -38.17
N PHE B 324 63.66 23.42 -37.76
CA PHE B 324 62.53 23.61 -38.67
C PHE B 324 62.88 24.70 -39.69
N ASP B 325 63.48 25.79 -39.20
CA ASP B 325 63.88 26.91 -40.04
C ASP B 325 65.12 26.53 -40.83
N ALA B 326 64.97 25.53 -41.70
CA ALA B 326 66.07 25.04 -42.53
C ALA B 326 65.53 24.39 -43.80
N VAL B 327 65.30 23.07 -43.73
CA VAL B 327 64.78 22.33 -44.87
C VAL B 327 63.39 22.81 -45.27
N LYS B 328 63.11 22.78 -46.57
CA LYS B 328 61.82 23.23 -47.09
C LYS B 328 61.27 22.33 -48.20
N ASP B 329 61.94 21.22 -48.48
CA ASP B 329 61.48 20.30 -49.53
C ASP B 329 61.35 18.88 -49.05
N PHE B 330 60.36 18.17 -49.58
CA PHE B 330 60.11 16.78 -49.23
C PHE B 330 59.72 15.92 -50.42
N LYS B 331 60.23 14.69 -50.43
CA LYS B 331 59.98 13.70 -51.46
C LYS B 331 59.17 12.54 -50.83
N LEU B 332 59.54 11.30 -51.13
CA LEU B 332 58.89 10.12 -50.57
C LEU B 332 59.62 8.88 -51.05
N GLY B 333 60.58 8.43 -50.26
CA GLY B 333 61.34 7.24 -50.60
C GLY B 333 60.56 5.98 -50.32
N LYS B 334 61.24 4.98 -49.79
CA LYS B 334 60.58 3.73 -49.46
C LYS B 334 59.91 3.88 -48.09
N PHE B 335 58.73 3.29 -47.96
CA PHE B 335 57.96 3.34 -46.72
C PHE B 335 57.35 1.97 -46.42
N ASN B 336 56.49 1.93 -45.40
CA ASN B 336 55.83 0.70 -45.02
C ASN B 336 54.32 0.87 -45.09
N TYR B 337 53.64 -0.16 -45.58
CA TYR B 337 52.20 -0.12 -45.78
C TYR B 337 51.42 -1.22 -45.04
N VAL B 338 50.22 -0.86 -44.58
CA VAL B 338 49.34 -1.81 -43.90
C VAL B 338 47.88 -1.59 -44.29
N ALA B 339 47.26 -2.67 -44.76
CA ALA B 339 45.87 -2.67 -45.16
C ALA B 339 45.08 -3.36 -44.05
N VAL B 340 44.07 -2.66 -43.53
CA VAL B 340 43.22 -3.19 -42.48
C VAL B 340 41.75 -2.96 -42.83
N GLY B 341 40.98 -4.05 -42.83
CA GLY B 341 39.57 -3.95 -43.14
C GLY B 341 39.15 -4.82 -44.29
N ASP B 342 38.49 -4.20 -45.27
CA ASP B 342 38.04 -4.90 -46.47
C ASP B 342 39.27 -5.13 -47.35
N VAL B 343 40.13 -6.02 -46.87
CA VAL B 343 41.39 -6.38 -47.51
C VAL B 343 41.34 -6.73 -49.00
N SER B 344 40.38 -7.57 -49.39
CA SER B 344 40.24 -7.99 -50.78
C SER B 344 39.91 -6.84 -51.74
N ASN B 345 39.62 -5.67 -51.19
CA ASN B 345 39.30 -4.49 -52.01
C ASN B 345 40.18 -3.32 -51.61
N LEU B 346 41.41 -3.63 -51.23
CA LEU B 346 42.36 -2.61 -50.82
C LEU B 346 43.66 -2.73 -51.62
N PRO B 347 44.33 -1.60 -51.87
CA PRO B 347 45.59 -1.52 -52.62
C PRO B 347 46.71 -2.33 -52.01
N TYR B 348 47.72 -2.62 -52.81
CA TYR B 348 48.90 -3.33 -52.35
C TYR B 348 50.07 -2.35 -52.42
N LEU B 349 51.23 -2.78 -51.95
CA LEU B 349 52.42 -1.92 -51.97
C LEU B 349 52.86 -1.67 -53.42
N ASP B 350 52.47 -2.57 -54.31
CA ASP B 350 52.79 -2.49 -55.74
C ASP B 350 52.14 -1.30 -56.42
N GLU B 351 50.82 -1.36 -56.56
CA GLU B 351 50.04 -0.32 -57.22
C GLU B 351 50.04 1.07 -56.58
N LEU B 352 50.90 1.27 -55.59
CA LEU B 352 51.00 2.57 -54.92
C LEU B 352 52.08 3.44 -55.56
N MET C 1 20.38 -5.60 -4.95
CA MET C 1 19.04 -5.23 -5.48
C MET C 1 18.13 -4.80 -4.34
N ALA C 2 17.00 -4.20 -4.66
CA ALA C 2 16.06 -3.74 -3.63
C ALA C 2 15.60 -4.92 -2.75
N PHE C 3 15.40 -4.64 -1.46
CA PHE C 3 14.98 -5.66 -0.50
C PHE C 3 13.68 -6.36 -0.90
N ARG C 4 12.73 -5.61 -1.48
CA ARG C 4 11.45 -6.16 -1.90
C ARG C 4 11.67 -7.29 -2.94
N LYS C 5 12.81 -7.26 -3.62
CA LYS C 5 13.19 -8.26 -4.62
C LYS C 5 14.05 -9.40 -4.06
N SER C 6 14.93 -9.09 -3.10
CA SER C 6 15.83 -10.10 -2.55
C SER C 6 15.24 -11.02 -1.49
N ASN C 7 14.37 -10.50 -0.64
CA ASN C 7 13.75 -11.30 0.42
C ASN C 7 12.84 -12.38 -0.16
N VAL C 8 12.92 -13.58 0.40
CA VAL C 8 12.14 -14.72 -0.05
C VAL C 8 10.60 -14.51 -0.06
N TYR C 9 10.07 -13.85 0.97
CA TYR C 9 8.64 -13.62 1.08
C TYR C 9 8.20 -12.39 0.31
N LEU C 10 8.95 -11.30 0.48
CA LEU C 10 8.61 -10.07 -0.21
C LEU C 10 8.68 -10.14 -1.72
N SER C 11 9.60 -10.94 -2.26
CA SER C 11 9.70 -11.03 -3.71
C SER C 11 8.42 -11.58 -4.33
N LEU C 12 7.70 -12.44 -3.59
CA LEU C 12 6.44 -12.98 -4.07
C LEU C 12 5.50 -11.81 -4.18
N VAL C 13 5.46 -11.02 -3.11
CA VAL C 13 4.59 -9.85 -3.09
C VAL C 13 4.95 -8.89 -4.22
N ASN C 14 6.25 -8.71 -4.45
CA ASN C 14 6.73 -7.81 -5.48
C ASN C 14 6.37 -8.28 -6.89
N SER C 15 6.59 -9.55 -7.15
CA SER C 15 6.31 -10.06 -8.48
C SER C 15 4.81 -10.14 -8.79
N TYR C 16 3.97 -10.27 -7.77
CA TYR C 16 2.54 -10.36 -8.01
C TYR C 16 1.77 -9.06 -7.85
N ILE C 17 2.27 -8.13 -7.04
CA ILE C 17 1.53 -6.90 -6.75
C ILE C 17 2.22 -5.57 -6.98
N ILE C 18 3.54 -5.58 -7.08
CA ILE C 18 4.25 -4.32 -7.25
C ILE C 18 4.83 -4.09 -8.64
N ASP C 19 5.76 -4.95 -9.06
CA ASP C 19 6.41 -4.82 -10.35
C ASP C 19 5.77 -5.60 -11.49
N SER C 20 4.72 -6.37 -11.18
CA SER C 20 4.01 -7.18 -12.18
C SER C 20 3.66 -6.32 -13.39
N PRO C 21 4.21 -6.65 -14.57
CA PRO C 21 3.94 -5.88 -15.80
C PRO C 21 2.53 -6.08 -16.34
N GLN C 22 1.74 -5.01 -16.33
CA GLN C 22 0.37 -5.09 -16.82
C GLN C 22 0.24 -4.40 -18.18
N PRO C 23 -0.66 -4.91 -19.06
CA PRO C 23 -0.84 -4.30 -20.38
C PRO C 23 -1.46 -2.95 -20.06
N SER C 24 -0.93 -1.89 -20.67
CA SER C 24 -1.39 -0.52 -20.41
C SER C 24 -2.84 -0.25 -20.61
N SER C 25 -3.46 -1.03 -21.49
CA SER C 25 -4.85 -0.79 -21.83
C SER C 25 -5.98 -1.56 -21.14
N ILE C 26 -5.68 -2.38 -20.14
CA ILE C 26 -6.79 -3.08 -19.51
C ILE C 26 -7.81 -2.09 -18.92
N ASN C 27 -9.09 -2.37 -19.07
CA ASN C 27 -10.13 -1.49 -18.57
C ASN C 27 -10.70 -1.97 -17.24
N TYR C 28 -11.68 -1.24 -16.71
CA TYR C 28 -12.30 -1.58 -15.43
C TYR C 28 -12.89 -2.98 -15.31
N TRP C 29 -13.05 -3.66 -16.44
CA TRP C 29 -13.56 -5.03 -16.43
C TRP C 29 -12.51 -5.95 -15.82
N TRP C 30 -11.25 -5.50 -15.81
CA TRP C 30 -10.16 -6.27 -15.23
C TRP C 30 -10.02 -6.04 -13.72
N ASN C 31 -10.93 -5.26 -13.14
CA ASN C 31 -10.93 -5.02 -11.70
C ASN C 31 -11.75 -6.06 -10.91
N MET C 32 -12.49 -6.93 -11.60
CA MET C 32 -13.34 -7.93 -10.92
C MET C 32 -12.58 -8.95 -10.07
N GLY C 33 -11.41 -9.38 -10.54
CA GLY C 33 -10.61 -10.35 -9.80
C GLY C 33 -10.20 -9.95 -8.38
N SER C 34 -9.78 -8.69 -8.22
CA SER C 34 -9.39 -8.20 -6.92
C SER C 34 -10.66 -8.14 -6.05
N LEU C 35 -11.78 -7.77 -6.68
CA LEU C 35 -13.07 -7.71 -5.99
C LEU C 35 -13.49 -9.10 -5.50
N LEU C 36 -13.10 -10.13 -6.24
CA LEU C 36 -13.39 -11.50 -5.82
C LEU C 36 -12.53 -11.93 -4.61
N GLY C 37 -11.28 -11.46 -4.57
CA GLY C 37 -10.41 -11.81 -3.47
C GLY C 37 -10.95 -11.12 -2.23
N LEU C 38 -11.37 -9.87 -2.40
CA LEU C 38 -11.94 -9.07 -1.32
C LEU C 38 -13.20 -9.79 -0.80
N CYS C 39 -14.04 -10.29 -1.71
CA CYS C 39 -15.26 -11.00 -1.31
C CYS C 39 -14.93 -12.24 -0.50
N LEU C 40 -13.89 -12.95 -0.94
CA LEU C 40 -13.47 -14.16 -0.24
C LEU C 40 -13.09 -13.80 1.21
N VAL C 41 -12.34 -12.71 1.36
CA VAL C 41 -11.92 -12.24 2.68
C VAL C 41 -13.13 -11.85 3.53
N ILE C 42 -14.05 -11.04 2.99
CA ILE C 42 -15.25 -10.67 3.74
C ILE C 42 -16.05 -11.89 4.23
N GLN C 43 -16.15 -12.93 3.40
CA GLN C 43 -16.91 -14.11 3.78
C GLN C 43 -16.23 -14.90 4.88
N ILE C 44 -14.92 -15.02 4.79
CA ILE C 44 -14.18 -15.75 5.78
C ILE C 44 -14.14 -15.07 7.15
N VAL C 45 -13.79 -13.78 7.15
CA VAL C 45 -13.72 -13.03 8.39
C VAL C 45 -15.08 -13.00 9.13
N THR C 46 -16.15 -12.62 8.42
CA THR C 46 -17.49 -12.56 9.03
C THR C 46 -18.02 -13.93 9.48
N GLY C 47 -17.63 -14.97 8.75
CA GLY C 47 -18.07 -16.30 9.11
C GLY C 47 -17.38 -16.84 10.36
N ILE C 48 -16.11 -16.52 10.54
CA ILE C 48 -15.39 -16.98 11.70
C ILE C 48 -15.93 -16.29 12.95
N PHE C 49 -16.18 -14.99 12.88
CA PHE C 49 -16.71 -14.27 14.03
C PHE C 49 -18.12 -14.75 14.39
N MET C 50 -18.90 -15.12 13.40
CA MET C 50 -20.24 -15.63 13.67
C MET C 50 -20.17 -17.07 14.23
N ALA C 51 -19.21 -17.85 13.73
CA ALA C 51 -19.04 -19.24 14.17
C ALA C 51 -18.85 -19.31 15.68
N MET C 52 -18.29 -18.24 16.20
CA MET C 52 -18.03 -18.11 17.61
C MET C 52 -19.32 -18.11 18.43
N HIS C 53 -20.45 -17.80 17.79
CA HIS C 53 -21.74 -17.73 18.47
C HIS C 53 -22.79 -18.69 17.89
N TYR C 54 -22.36 -19.56 16.98
CA TYR C 54 -23.29 -20.47 16.30
C TYR C 54 -23.31 -21.89 16.81
N SER C 55 -24.50 -22.48 16.87
CA SER C 55 -24.66 -23.87 17.31
C SER C 55 -25.24 -24.63 16.14
N SER C 56 -24.56 -25.70 15.73
CA SER C 56 -24.99 -26.50 14.61
C SER C 56 -26.09 -27.54 14.85
N ASN C 57 -26.40 -27.87 16.11
CA ASN C 57 -27.46 -28.83 16.44
C ASN C 57 -28.73 -28.37 15.81
N ILE C 58 -29.45 -29.30 15.19
CA ILE C 58 -30.68 -29.00 14.50
C ILE C 58 -31.74 -28.33 15.37
N GLU C 59 -31.69 -28.56 16.67
CA GLU C 59 -32.64 -27.93 17.58
C GLU C 59 -32.24 -26.50 17.92
N LEU C 60 -30.97 -26.16 17.74
CA LEU C 60 -30.50 -24.84 18.11
C LEU C 60 -30.00 -23.94 16.99
N ALA C 61 -29.80 -24.50 15.80
CA ALA C 61 -29.26 -23.74 14.69
C ALA C 61 -30.00 -22.43 14.36
N PHE C 62 -31.30 -22.53 14.15
CA PHE C 62 -32.11 -21.36 13.82
C PHE C 62 -32.10 -20.32 14.95
N SER C 63 -32.24 -20.78 16.18
CA SER C 63 -32.23 -19.84 17.31
C SER C 63 -30.85 -19.25 17.53
N SER C 64 -29.81 -20.01 17.23
CA SER C 64 -28.46 -19.49 17.43
C SER C 64 -28.21 -18.36 16.46
N VAL C 65 -28.86 -18.41 15.29
CA VAL C 65 -28.69 -17.34 14.31
C VAL C 65 -29.53 -16.13 14.75
N GLU C 66 -30.70 -16.38 15.35
CA GLU C 66 -31.53 -15.30 15.89
C GLU C 66 -30.76 -14.62 17.04
N HIS C 67 -30.00 -15.42 17.80
CA HIS C 67 -29.17 -14.94 18.89
C HIS C 67 -28.06 -14.01 18.35
N ILE C 68 -27.51 -14.35 17.19
CA ILE C 68 -26.48 -13.53 16.58
C ILE C 68 -27.15 -12.21 16.17
N MET C 69 -28.37 -12.32 15.67
CA MET C 69 -29.12 -11.15 15.22
C MET C 69 -29.54 -10.20 16.34
N ARG C 70 -29.90 -10.78 17.48
CA ARG C 70 -30.41 -9.98 18.59
C ARG C 70 -29.48 -9.64 19.74
N ASP C 71 -28.72 -10.62 20.22
CA ASP C 71 -27.83 -10.46 21.38
C ASP C 71 -26.35 -10.15 21.16
N VAL C 72 -25.79 -10.53 20.00
CA VAL C 72 -24.39 -10.31 19.72
C VAL C 72 -24.18 -8.86 19.30
N HIS C 73 -23.27 -8.14 19.96
CA HIS C 73 -23.05 -6.75 19.56
C HIS C 73 -22.56 -6.66 18.13
N ASN C 74 -23.33 -5.96 17.31
CA ASN C 74 -23.05 -5.80 15.89
C ASN C 74 -23.30 -7.12 15.14
N GLY C 75 -23.96 -8.06 15.79
CA GLY C 75 -24.26 -9.35 15.20
C GLY C 75 -25.06 -9.28 13.91
N TYR C 76 -26.05 -8.41 13.86
CA TYR C 76 -26.86 -8.28 12.66
C TYR C 76 -26.01 -7.78 11.51
N ILE C 77 -24.98 -7.00 11.80
CA ILE C 77 -24.09 -6.47 10.77
C ILE C 77 -23.26 -7.61 10.21
N LEU C 78 -22.78 -8.50 11.07
CA LEU C 78 -22.00 -9.62 10.61
C LEU C 78 -22.84 -10.57 9.73
N ARG C 79 -24.05 -10.88 10.18
CA ARG C 79 -24.91 -11.79 9.44
C ARG C 79 -25.34 -11.18 8.13
N TYR C 80 -25.77 -9.91 8.15
CA TYR C 80 -26.19 -9.26 6.92
C TYR C 80 -25.03 -9.08 5.93
N LEU C 81 -23.81 -8.87 6.43
CA LEU C 81 -22.63 -8.74 5.56
C LEU C 81 -22.37 -10.09 4.88
N HIS C 82 -22.37 -11.13 5.69
CA HIS C 82 -22.16 -12.50 5.22
C HIS C 82 -23.19 -12.91 4.17
N ALA C 83 -24.48 -12.69 4.46
CA ALA C 83 -25.57 -13.08 3.55
C ALA C 83 -25.58 -12.27 2.26
N ASN C 84 -25.52 -10.96 2.40
CA ASN C 84 -25.50 -10.08 1.23
C ASN C 84 -24.19 -10.19 0.48
N GLY C 85 -23.12 -10.46 1.20
CA GLY C 85 -21.81 -10.62 0.60
C GLY C 85 -21.76 -11.85 -0.28
N ALA C 86 -22.44 -12.91 0.11
CA ALA C 86 -22.49 -14.13 -0.69
C ALA C 86 -23.12 -13.79 -2.05
N SER C 87 -24.17 -12.99 -2.04
CA SER C 87 -24.85 -12.57 -3.26
C SER C 87 -23.96 -11.71 -4.11
N PHE C 88 -23.24 -10.79 -3.46
CA PHE C 88 -22.34 -9.90 -4.18
C PHE C 88 -21.18 -10.69 -4.79
N PHE C 89 -20.78 -11.75 -4.10
CA PHE C 89 -19.70 -12.64 -4.53
C PHE C 89 -20.13 -13.26 -5.88
N PHE C 90 -21.41 -13.65 -6.00
CA PHE C 90 -21.92 -14.24 -7.26
C PHE C 90 -22.09 -13.22 -8.37
N MET C 91 -22.58 -12.03 -8.04
CA MET C 91 -22.75 -10.99 -9.05
C MET C 91 -21.37 -10.72 -9.68
N VAL C 92 -20.35 -10.56 -8.84
CA VAL C 92 -19.00 -10.27 -9.32
C VAL C 92 -18.39 -11.44 -10.09
N MET C 93 -18.63 -12.67 -9.62
CA MET C 93 -18.12 -13.84 -10.30
C MET C 93 -18.71 -13.97 -11.73
N PHE C 94 -20.02 -13.70 -11.88
CA PHE C 94 -20.67 -13.77 -13.18
C PHE C 94 -20.04 -12.73 -14.13
N MET C 95 -19.75 -11.55 -13.58
CA MET C 95 -19.13 -10.49 -14.36
C MET C 95 -17.72 -10.86 -14.76
N HIS C 96 -16.98 -11.46 -13.82
CA HIS C 96 -15.62 -11.91 -14.05
C HIS C 96 -15.64 -12.98 -15.16
N MET C 97 -16.59 -13.91 -15.08
CA MET C 97 -16.75 -14.95 -16.09
C MET C 97 -17.20 -14.38 -17.44
N ALA C 98 -18.18 -13.49 -17.43
CA ALA C 98 -18.70 -12.87 -18.65
C ALA C 98 -17.60 -12.09 -19.37
N LYS C 99 -16.72 -11.46 -18.59
CA LYS C 99 -15.60 -10.69 -19.10
C LYS C 99 -14.67 -11.68 -19.85
N GLY C 100 -14.48 -12.85 -19.25
CA GLY C 100 -13.61 -13.85 -19.84
C GLY C 100 -14.13 -14.33 -21.17
N LEU C 101 -15.44 -14.54 -21.21
CA LEU C 101 -16.19 -15.01 -22.37
C LEU C 101 -16.07 -14.03 -23.53
N TYR C 102 -16.32 -12.76 -23.23
CA TYR C 102 -16.26 -11.70 -24.20
C TYR C 102 -14.87 -11.43 -24.80
N TYR C 103 -13.84 -11.43 -23.96
CA TYR C 103 -12.49 -11.11 -24.42
C TYR C 103 -11.62 -12.29 -24.81
N GLY C 104 -12.21 -13.48 -24.85
CA GLY C 104 -11.45 -14.65 -25.23
C GLY C 104 -10.35 -15.01 -24.24
N SER C 105 -10.59 -14.72 -22.97
CA SER C 105 -9.62 -15.00 -21.91
C SER C 105 -9.42 -16.49 -21.68
N TYR C 106 -10.41 -17.29 -22.07
CA TYR C 106 -10.34 -18.75 -21.92
C TYR C 106 -9.41 -19.36 -22.98
N ARG C 107 -9.01 -18.56 -23.97
CA ARG C 107 -8.17 -19.08 -25.04
C ARG C 107 -6.74 -19.36 -24.63
N SER C 108 -6.08 -20.14 -25.50
CA SER C 108 -4.69 -20.48 -25.37
C SER C 108 -3.91 -19.15 -25.38
N PRO C 109 -2.88 -19.02 -24.52
CA PRO C 109 -2.34 -19.95 -23.53
C PRO C 109 -2.94 -19.88 -22.12
N ARG C 110 -4.18 -19.45 -21.99
CA ARG C 110 -4.82 -19.33 -20.69
C ARG C 110 -5.88 -20.38 -20.38
N VAL C 111 -5.79 -21.52 -21.08
CA VAL C 111 -6.78 -22.59 -20.88
C VAL C 111 -6.78 -23.09 -19.43
N THR C 112 -5.60 -23.41 -18.92
CA THR C 112 -5.44 -23.87 -17.53
C THR C 112 -6.05 -22.84 -16.56
N LEU C 113 -5.80 -21.56 -16.80
CA LEU C 113 -6.33 -20.50 -15.99
C LEU C 113 -7.86 -20.60 -15.93
N TRP C 114 -8.48 -20.78 -17.09
CA TRP C 114 -9.93 -20.91 -17.25
C TRP C 114 -10.48 -22.17 -16.58
N ASN C 115 -9.78 -23.29 -16.73
CA ASN C 115 -10.24 -24.54 -16.14
C ASN C 115 -10.24 -24.49 -14.63
N VAL C 116 -9.22 -23.87 -14.05
CA VAL C 116 -9.16 -23.73 -12.60
C VAL C 116 -10.31 -22.84 -12.14
N GLY C 117 -10.61 -21.83 -12.93
CA GLY C 117 -11.72 -20.94 -12.62
C GLY C 117 -13.05 -21.68 -12.58
N VAL C 118 -13.22 -22.65 -13.46
CA VAL C 118 -14.47 -23.41 -13.49
C VAL C 118 -14.60 -24.23 -12.20
N ILE C 119 -13.48 -24.78 -11.75
CA ILE C 119 -13.47 -25.54 -10.52
C ILE C 119 -13.85 -24.65 -9.31
N ILE C 120 -13.27 -23.45 -9.25
CA ILE C 120 -13.56 -22.49 -8.19
C ILE C 120 -15.06 -22.18 -8.16
N PHE C 121 -15.64 -21.98 -9.34
CA PHE C 121 -17.07 -21.69 -9.49
C PHE C 121 -17.92 -22.82 -8.89
N THR C 122 -17.60 -24.06 -9.22
CA THR C 122 -18.32 -25.20 -8.68
C THR C 122 -18.18 -25.21 -7.16
N LEU C 123 -16.96 -25.00 -6.66
CA LEU C 123 -16.69 -25.00 -5.21
C LEU C 123 -17.43 -23.89 -4.46
N THR C 124 -17.57 -22.75 -5.13
CA THR C 124 -18.24 -21.59 -4.56
C THR C 124 -19.72 -21.86 -4.47
N ILE C 125 -20.29 -22.48 -5.51
CA ILE C 125 -21.71 -22.84 -5.51
C ILE C 125 -21.93 -23.82 -4.34
N ALA C 126 -21.08 -24.83 -4.22
CA ALA C 126 -21.24 -25.80 -3.13
C ALA C 126 -21.10 -25.16 -1.73
N THR C 127 -20.16 -24.22 -1.59
CA THR C 127 -19.94 -23.56 -0.32
C THR C 127 -21.17 -22.75 0.12
N ALA C 128 -21.77 -22.01 -0.79
CA ALA C 128 -22.94 -21.19 -0.48
C ALA C 128 -24.14 -22.06 -0.11
N PHE C 129 -24.29 -23.20 -0.77
CA PHE C 129 -25.38 -24.13 -0.46
C PHE C 129 -25.21 -24.64 0.99
N LEU C 130 -24.00 -25.05 1.33
CA LEU C 130 -23.70 -25.54 2.68
C LEU C 130 -24.02 -24.49 3.75
N GLY C 131 -23.70 -23.24 3.44
CA GLY C 131 -23.98 -22.15 4.39
C GLY C 131 -25.46 -21.88 4.55
N TYR C 132 -26.16 -21.87 3.42
CA TYR C 132 -27.58 -21.64 3.42
C TYR C 132 -28.30 -22.66 4.29
N CYS C 133 -27.84 -23.91 4.28
CA CYS C 133 -28.43 -24.98 5.11
C CYS C 133 -28.21 -24.76 6.60
N CYS C 134 -27.16 -24.03 6.95
CA CYS C 134 -26.81 -23.79 8.36
C CYS C 134 -27.79 -22.95 9.15
N VAL C 135 -28.54 -22.09 8.46
CA VAL C 135 -29.56 -21.24 9.07
C VAL C 135 -30.70 -22.09 9.61
N TYR C 136 -30.96 -23.18 8.90
CA TYR C 136 -32.02 -24.13 9.15
C TYR C 136 -33.42 -23.56 9.17
N GLY C 137 -33.69 -22.70 8.20
CA GLY C 137 -35.02 -22.14 8.01
C GLY C 137 -35.75 -23.13 7.09
N GLN C 138 -36.92 -22.76 6.55
CA GLN C 138 -37.65 -23.67 5.66
C GLN C 138 -36.90 -23.92 4.36
N MET C 139 -36.38 -22.85 3.76
CA MET C 139 -35.61 -22.99 2.53
C MET C 139 -34.35 -23.81 2.77
N SER C 140 -33.78 -23.74 3.97
CA SER C 140 -32.59 -24.51 4.28
C SER C 140 -32.88 -26.02 4.22
N HIS C 141 -33.91 -26.42 4.95
CA HIS C 141 -34.27 -27.83 5.01
C HIS C 141 -34.58 -28.46 3.65
N TRP C 142 -35.43 -27.80 2.87
CA TRP C 142 -35.82 -28.31 1.57
C TRP C 142 -34.72 -28.17 0.54
N GLY C 143 -33.90 -27.13 0.68
CA GLY C 143 -32.75 -26.98 -0.21
C GLY C 143 -31.83 -28.17 0.06
N ALA C 144 -31.54 -28.44 1.33
CA ALA C 144 -30.67 -29.57 1.66
C ALA C 144 -31.26 -30.91 1.16
N THR C 145 -32.57 -31.03 1.27
CA THR C 145 -33.29 -32.24 0.83
C THR C 145 -33.19 -32.44 -0.69
N VAL C 146 -33.59 -31.41 -1.42
CA VAL C 146 -33.57 -31.45 -2.88
C VAL C 146 -32.17 -31.69 -3.46
N ILE C 147 -31.19 -30.92 -2.99
CA ILE C 147 -29.83 -31.02 -3.46
C ILE C 147 -29.09 -32.29 -3.10
N THR C 148 -29.32 -32.84 -1.91
CA THR C 148 -28.64 -34.08 -1.59
C THR C 148 -29.30 -35.16 -2.45
N ASN C 149 -30.58 -34.98 -2.78
CA ASN C 149 -31.28 -35.95 -3.59
C ASN C 149 -30.80 -35.98 -5.05
N LEU C 150 -30.12 -34.94 -5.49
CA LEU C 150 -29.59 -34.91 -6.85
C LEU C 150 -28.78 -36.19 -7.13
N PHE C 151 -28.13 -36.70 -6.09
CA PHE C 151 -27.29 -37.88 -6.20
C PHE C 151 -28.07 -39.19 -6.25
N SER C 152 -29.36 -39.15 -5.93
CA SER C 152 -30.14 -40.38 -5.99
C SER C 152 -30.32 -40.82 -7.45
N ALA C 153 -30.11 -39.89 -8.40
CA ALA C 153 -30.24 -40.18 -9.81
C ALA C 153 -29.13 -41.10 -10.31
N ILE C 154 -28.12 -41.33 -9.49
CA ILE C 154 -27.03 -42.22 -9.88
C ILE C 154 -27.53 -43.65 -9.79
N PRO C 155 -27.43 -44.39 -10.90
CA PRO C 155 -27.90 -45.78 -10.92
C PRO C 155 -27.21 -46.68 -9.90
N PHE C 156 -27.99 -47.57 -9.30
CA PHE C 156 -27.54 -48.56 -8.31
C PHE C 156 -27.22 -48.03 -6.91
N VAL C 157 -26.14 -47.27 -6.80
CA VAL C 157 -25.70 -46.73 -5.51
C VAL C 157 -26.22 -45.35 -5.08
N GLY C 158 -26.99 -44.69 -5.93
CA GLY C 158 -27.49 -43.35 -5.62
C GLY C 158 -28.18 -43.12 -4.29
N ASN C 159 -29.09 -44.02 -3.91
CA ASN C 159 -29.81 -43.89 -2.66
C ASN C 159 -28.90 -44.13 -1.49
N ASP C 160 -27.83 -44.91 -1.72
CA ASP C 160 -26.87 -45.21 -0.69
C ASP C 160 -26.00 -43.97 -0.43
N ILE C 161 -25.66 -43.26 -1.49
CA ILE C 161 -24.85 -42.05 -1.37
C ILE C 161 -25.63 -41.02 -0.54
N VAL C 162 -26.93 -40.92 -0.82
CA VAL C 162 -27.82 -39.99 -0.16
C VAL C 162 -27.98 -40.27 1.33
N SER C 163 -28.15 -41.54 1.69
CA SER C 163 -28.33 -41.88 3.09
C SER C 163 -27.01 -41.64 3.82
N TRP C 164 -25.91 -41.81 3.09
CA TRP C 164 -24.58 -41.59 3.64
C TRP C 164 -24.38 -40.07 3.82
N LEU C 165 -24.78 -39.25 2.84
CA LEU C 165 -24.65 -37.80 2.96
C LEU C 165 -25.51 -37.30 4.13
N TRP C 166 -26.71 -37.84 4.26
CA TRP C 166 -27.62 -37.44 5.33
C TRP C 166 -27.19 -37.90 6.71
N GLY C 167 -26.60 -39.09 6.79
CA GLY C 167 -26.20 -39.63 8.06
C GLY C 167 -27.42 -40.25 8.73
N GLY C 168 -28.44 -40.56 7.94
CA GLY C 168 -29.64 -41.16 8.47
C GLY C 168 -30.79 -41.33 7.48
N PHE C 169 -32.01 -41.39 8.04
CA PHE C 169 -33.23 -41.59 7.26
C PHE C 169 -33.70 -40.37 6.47
N SER C 170 -33.28 -39.19 6.89
CA SER C 170 -33.65 -37.93 6.24
C SER C 170 -32.75 -36.81 6.74
N VAL C 171 -32.95 -35.60 6.20
CA VAL C 171 -32.17 -34.46 6.62
C VAL C 171 -32.50 -34.22 8.08
N SER C 172 -31.50 -34.45 8.93
CA SER C 172 -31.65 -34.33 10.37
C SER C 172 -30.41 -33.71 11.05
N ASN C 173 -30.29 -33.90 12.37
CA ASN C 173 -29.16 -33.34 13.12
C ASN C 173 -27.79 -33.68 12.51
N PRO C 174 -27.50 -34.97 12.25
CA PRO C 174 -26.23 -35.39 11.67
C PRO C 174 -25.94 -34.58 10.40
N THR C 175 -26.99 -34.32 9.64
CA THR C 175 -26.89 -33.60 8.38
C THR C 175 -26.43 -32.16 8.53
N ILE C 176 -27.09 -31.43 9.41
CA ILE C 176 -26.78 -30.04 9.64
C ILE C 176 -25.41 -29.84 10.31
N GLN C 177 -25.06 -30.73 11.22
CA GLN C 177 -23.77 -30.63 11.87
C GLN C 177 -22.63 -30.89 10.88
N ARG C 178 -22.78 -31.86 9.97
CA ARG C 178 -21.72 -32.12 9.01
C ARG C 178 -21.64 -31.02 7.93
N PHE C 179 -22.79 -30.41 7.62
CA PHE C 179 -22.84 -29.34 6.64
C PHE C 179 -22.16 -28.08 7.19
N PHE C 180 -22.27 -27.84 8.50
CA PHE C 180 -21.58 -26.69 9.08
C PHE C 180 -20.07 -26.95 9.05
N ALA C 181 -19.66 -28.16 9.41
CA ALA C 181 -18.25 -28.50 9.41
C ALA C 181 -17.66 -28.35 8.01
N LEU C 182 -18.39 -28.83 7.01
CA LEU C 182 -17.98 -28.73 5.61
C LEU C 182 -18.02 -27.28 5.11
N HIS C 183 -18.97 -26.49 5.62
CA HIS C 183 -19.07 -25.10 5.18
C HIS C 183 -17.86 -24.30 5.64
N TYR C 184 -17.31 -24.69 6.78
CA TYR C 184 -16.16 -24.04 7.34
C TYR C 184 -14.90 -24.44 6.54
N LEU C 185 -14.82 -25.69 6.11
CA LEU C 185 -13.67 -26.22 5.35
C LEU C 185 -13.50 -25.72 3.91
N VAL C 186 -14.56 -25.80 3.10
CA VAL C 186 -14.44 -25.45 1.70
C VAL C 186 -13.83 -24.08 1.36
N PRO C 187 -14.21 -23.00 2.10
CA PRO C 187 -13.61 -21.68 1.82
C PRO C 187 -12.08 -21.73 1.78
N PHE C 188 -11.47 -22.55 2.63
CA PHE C 188 -10.01 -22.69 2.63
C PHE C 188 -9.49 -23.45 1.40
N ILE C 189 -10.27 -24.40 0.89
CA ILE C 189 -9.88 -25.12 -0.33
C ILE C 189 -10.02 -24.14 -1.52
N ILE C 190 -11.02 -23.26 -1.45
CA ILE C 190 -11.21 -22.26 -2.49
C ILE C 190 -9.99 -21.33 -2.49
N ALA C 191 -9.54 -20.96 -1.30
CA ALA C 191 -8.36 -20.09 -1.15
C ALA C 191 -7.12 -20.73 -1.82
N ALA C 192 -6.97 -22.04 -1.66
CA ALA C 192 -5.83 -22.74 -2.27
C ALA C 192 -5.97 -22.80 -3.78
N MET C 193 -7.20 -22.89 -4.27
CA MET C 193 -7.49 -22.91 -5.69
C MET C 193 -7.26 -21.51 -6.29
N VAL C 194 -7.54 -20.47 -5.51
CA VAL C 194 -7.30 -19.11 -5.97
C VAL C 194 -5.80 -18.87 -6.19
N ILE C 195 -4.97 -19.46 -5.33
CA ILE C 195 -3.52 -19.34 -5.44
C ILE C 195 -3.08 -20.04 -6.73
N MET C 196 -3.63 -21.22 -7.00
CA MET C 196 -3.32 -21.96 -8.23
C MET C 196 -3.78 -21.15 -9.46
N HIS C 197 -4.89 -20.43 -9.30
CA HIS C 197 -5.46 -19.60 -10.34
C HIS C 197 -4.50 -18.43 -10.60
N LEU C 198 -3.98 -17.81 -9.54
CA LEU C 198 -3.04 -16.70 -9.71
C LEU C 198 -1.70 -17.17 -10.26
N MET C 199 -1.32 -18.41 -9.97
CA MET C 199 -0.08 -18.96 -10.47
C MET C 199 -0.14 -19.10 -11.99
N ALA C 200 -1.27 -19.56 -12.50
CA ALA C 200 -1.43 -19.75 -13.95
C ALA C 200 -1.54 -18.40 -14.65
N LEU C 201 -2.08 -17.42 -13.94
CA LEU C 201 -2.24 -16.07 -14.44
C LEU C 201 -0.87 -15.39 -14.60
N HIS C 202 0.01 -15.62 -13.63
CA HIS C 202 1.36 -15.03 -13.58
C HIS C 202 2.28 -15.45 -14.72
N ILE C 203 2.21 -16.72 -15.16
CA ILE C 203 3.10 -17.14 -16.24
C ILE C 203 2.82 -16.50 -17.60
N HIS C 204 1.58 -16.12 -17.86
CA HIS C 204 1.26 -15.48 -19.15
C HIS C 204 0.75 -14.05 -19.02
N GLY C 205 0.47 -13.65 -17.79
CA GLY C 205 -0.04 -12.30 -17.58
C GLY C 205 -1.46 -12.16 -18.09
N SER C 206 -2.04 -11.03 -17.78
CA SER C 206 -3.40 -10.71 -18.19
C SER C 206 -3.44 -10.46 -19.68
N SER C 207 -4.64 -10.60 -20.23
CA SER C 207 -4.90 -10.30 -21.62
C SER C 207 -5.36 -8.84 -21.60
N ASN C 208 -5.83 -8.32 -22.72
CA ASN C 208 -6.30 -6.92 -22.76
C ASN C 208 -7.50 -6.80 -23.73
N PRO C 209 -8.21 -5.67 -23.71
CA PRO C 209 -9.37 -5.50 -24.59
C PRO C 209 -9.17 -5.59 -26.12
N LEU C 210 -7.95 -5.39 -26.59
CA LEU C 210 -7.68 -5.48 -28.02
C LEU C 210 -7.50 -6.95 -28.46
N GLY C 211 -7.25 -7.84 -27.51
CA GLY C 211 -7.06 -9.25 -27.81
C GLY C 211 -5.70 -9.62 -28.36
N ILE C 212 -4.83 -8.63 -28.46
CA ILE C 212 -3.49 -8.87 -28.98
C ILE C 212 -2.43 -8.76 -27.88
N THR C 213 -1.17 -8.97 -28.24
CA THR C 213 -0.05 -8.92 -27.32
C THR C 213 0.05 -7.64 -26.50
N GLY C 214 0.44 -7.80 -25.23
CA GLY C 214 0.61 -6.68 -24.33
C GLY C 214 2.09 -6.44 -24.07
N ASN C 215 2.94 -7.25 -24.71
CA ASN C 215 4.38 -7.19 -24.53
C ASN C 215 5.13 -5.93 -24.95
N LEU C 216 4.54 -5.11 -25.80
CA LEU C 216 5.19 -3.91 -26.30
C LEU C 216 5.01 -2.68 -25.41
N ASP C 217 4.07 -2.75 -24.48
CA ASP C 217 3.79 -1.62 -23.61
C ASP C 217 3.21 -2.01 -22.25
N ARG C 218 4.05 -2.32 -21.28
CA ARG C 218 3.53 -2.66 -19.96
C ARG C 218 3.82 -1.54 -18.97
N ILE C 219 2.98 -1.44 -17.93
CA ILE C 219 3.17 -0.50 -16.84
C ILE C 219 3.02 -1.34 -15.55
N PRO C 220 3.82 -1.02 -14.52
CA PRO C 220 3.81 -1.73 -13.22
C PRO C 220 2.44 -1.75 -12.54
N MET C 221 2.18 -2.86 -11.86
CA MET C 221 0.94 -2.98 -11.11
C MET C 221 0.97 -1.88 -10.07
N HIS C 222 2.08 -1.74 -9.36
CA HIS C 222 2.14 -0.73 -8.34
C HIS C 222 2.10 0.68 -8.80
N SER C 223 1.09 1.28 -8.18
CA SER C 223 0.62 2.63 -8.28
C SER C 223 -0.59 2.61 -9.18
N TYR C 224 -0.36 2.42 -10.47
CA TYR C 224 -1.46 2.47 -11.44
C TYR C 224 -2.69 1.65 -11.17
N PHE C 225 -2.50 0.33 -11.09
CA PHE C 225 -3.62 -0.56 -10.86
C PHE C 225 -3.99 -0.76 -9.39
N ILE C 226 -3.05 -0.45 -8.50
CA ILE C 226 -3.34 -0.55 -7.08
C ILE C 226 -4.39 0.52 -6.80
N PHE C 227 -4.14 1.75 -7.28
CA PHE C 227 -5.09 2.82 -7.07
C PHE C 227 -6.34 2.71 -7.93
N LYS C 228 -6.20 2.16 -9.13
CA LYS C 228 -7.35 1.95 -9.98
C LYS C 228 -8.25 0.87 -9.31
N ASP C 229 -7.64 -0.14 -8.67
CA ASP C 229 -8.42 -1.17 -7.97
C ASP C 229 -9.20 -0.53 -6.83
N LEU C 230 -8.55 0.42 -6.16
CA LEU C 230 -9.14 1.13 -5.02
C LEU C 230 -10.47 1.79 -5.36
N VAL C 231 -10.56 2.34 -6.57
CA VAL C 231 -11.77 3.00 -7.05
C VAL C 231 -12.97 2.05 -7.02
N THR C 232 -12.80 0.84 -7.55
CA THR C 232 -13.90 -0.12 -7.58
C THR C 232 -14.13 -0.80 -6.25
N VAL C 233 -13.09 -0.88 -5.42
CA VAL C 233 -13.22 -1.45 -4.08
C VAL C 233 -14.19 -0.60 -3.26
N PHE C 234 -14.05 0.72 -3.35
CA PHE C 234 -14.93 1.61 -2.61
C PHE C 234 -16.35 1.62 -3.17
N LEU C 235 -16.47 1.63 -4.49
CA LEU C 235 -17.79 1.60 -5.12
C LEU C 235 -18.47 0.31 -4.72
N PHE C 236 -17.72 -0.78 -4.68
CA PHE C 236 -18.26 -2.08 -4.28
C PHE C 236 -18.75 -2.01 -2.82
N MET C 237 -17.92 -1.48 -1.94
CA MET C 237 -18.31 -1.37 -0.52
C MET C 237 -19.54 -0.47 -0.31
N LEU C 238 -19.60 0.65 -1.04
CA LEU C 238 -20.72 1.59 -0.96
C LEU C 238 -22.05 0.86 -1.26
N ILE C 239 -22.08 0.16 -2.39
CA ILE C 239 -23.28 -0.56 -2.79
C ILE C 239 -23.62 -1.69 -1.80
N LEU C 240 -22.60 -2.44 -1.36
CA LEU C 240 -22.85 -3.51 -0.41
C LEU C 240 -23.43 -2.92 0.88
N ALA C 241 -22.91 -1.75 1.26
CA ALA C 241 -23.36 -1.01 2.45
C ALA C 241 -24.82 -0.62 2.33
N LEU C 242 -25.23 -0.13 1.16
CA LEU C 242 -26.65 0.24 0.95
C LEU C 242 -27.57 -0.94 1.21
N PHE C 243 -27.16 -2.13 0.77
CA PHE C 243 -27.98 -3.31 1.04
C PHE C 243 -27.92 -3.73 2.51
N VAL C 244 -26.71 -3.83 3.07
CA VAL C 244 -26.56 -4.28 4.45
C VAL C 244 -27.31 -3.45 5.47
N PHE C 245 -27.26 -2.13 5.31
CA PHE C 245 -27.91 -1.22 6.24
C PHE C 245 -29.34 -0.79 5.85
N TYR C 246 -29.59 -0.61 4.56
CA TYR C 246 -30.91 -0.15 4.13
C TYR C 246 -31.89 -1.17 3.57
N SER C 247 -31.40 -2.32 3.10
CA SER C 247 -32.29 -3.31 2.49
C SER C 247 -31.66 -4.68 2.59
N PRO C 248 -31.33 -5.12 3.81
CA PRO C 248 -30.69 -6.38 4.16
C PRO C 248 -31.37 -7.71 3.77
N ASN C 249 -32.68 -7.68 3.53
CA ASN C 249 -33.41 -8.90 3.20
C ASN C 249 -33.99 -8.95 1.81
N THR C 250 -33.71 -7.95 1.02
CA THR C 250 -34.22 -7.90 -0.34
C THR C 250 -33.72 -9.02 -1.26
N LEU C 251 -32.53 -9.55 -0.99
CA LEU C 251 -31.97 -10.60 -1.83
C LEU C 251 -32.15 -12.01 -1.24
N GLY C 252 -32.98 -12.12 -0.21
CA GLY C 252 -33.20 -13.41 0.40
C GLY C 252 -34.63 -13.85 0.24
N HIS C 253 -35.01 -14.89 0.98
CA HIS C 253 -36.34 -15.43 0.91
C HIS C 253 -37.00 -15.42 2.29
N PRO C 254 -38.18 -14.81 2.41
CA PRO C 254 -38.93 -14.72 3.67
C PRO C 254 -39.17 -16.06 4.33
N ASP C 255 -39.22 -17.14 3.57
CA ASP C 255 -39.44 -18.45 4.18
C ASP C 255 -38.30 -18.91 5.05
N ASN C 256 -37.13 -18.30 4.90
CA ASN C 256 -36.01 -18.72 5.72
C ASN C 256 -36.00 -18.07 7.09
N TYR C 257 -37.07 -17.33 7.38
CA TYR C 257 -37.27 -16.73 8.69
C TYR C 257 -38.31 -17.59 9.42
N ILE C 258 -38.51 -18.82 8.93
CA ILE C 258 -39.43 -19.79 9.52
C ILE C 258 -38.58 -21.03 9.76
N PRO C 259 -38.60 -21.56 10.98
CA PRO C 259 -37.80 -22.76 11.27
C PRO C 259 -38.19 -23.91 10.35
N GLY C 260 -37.21 -24.72 9.96
CA GLY C 260 -37.44 -25.84 9.08
C GLY C 260 -38.44 -26.83 9.64
N ASN C 261 -39.35 -27.31 8.78
CA ASN C 261 -40.38 -28.26 9.18
C ASN C 261 -40.33 -29.45 8.21
N PRO C 262 -39.90 -30.62 8.70
CA PRO C 262 -39.80 -31.84 7.89
C PRO C 262 -41.10 -32.35 7.27
N LEU C 263 -42.25 -31.89 7.75
CA LEU C 263 -43.55 -32.36 7.25
C LEU C 263 -44.27 -31.43 6.27
N VAL C 264 -43.70 -30.26 6.02
CA VAL C 264 -44.35 -29.28 5.16
C VAL C 264 -43.38 -28.52 4.27
N THR C 265 -43.61 -28.58 2.97
CA THR C 265 -42.81 -27.84 2.01
C THR C 265 -43.68 -26.66 1.56
N PRO C 266 -43.25 -25.42 1.84
CA PRO C 266 -44.00 -24.23 1.46
C PRO C 266 -44.27 -24.21 -0.03
N ALA C 267 -45.44 -23.67 -0.40
CA ALA C 267 -45.79 -23.57 -1.81
C ALA C 267 -44.96 -22.45 -2.44
N SER C 268 -44.42 -21.59 -1.58
CA SER C 268 -43.63 -20.44 -2.02
C SER C 268 -42.12 -20.70 -2.21
N ILE C 269 -41.71 -21.95 -2.04
CA ILE C 269 -40.30 -22.31 -2.20
C ILE C 269 -39.72 -21.85 -3.54
N VAL C 270 -38.58 -21.16 -3.45
CA VAL C 270 -37.87 -20.67 -4.63
C VAL C 270 -36.37 -20.70 -4.30
N PRO C 271 -35.53 -21.20 -5.20
CA PRO C 271 -34.10 -21.23 -4.91
C PRO C 271 -33.52 -19.81 -4.81
N GLU C 272 -32.35 -19.72 -4.20
CA GLU C 272 -31.61 -18.47 -4.09
C GLU C 272 -31.45 -17.94 -5.52
N TRP C 273 -31.52 -16.62 -5.70
CA TRP C 273 -31.43 -16.03 -7.03
C TRP C 273 -30.28 -16.42 -7.94
N TYR C 274 -29.08 -16.61 -7.38
CA TYR C 274 -27.91 -16.95 -8.19
C TYR C 274 -27.91 -18.38 -8.71
N LEU C 275 -28.84 -19.19 -8.20
CA LEU C 275 -28.98 -20.56 -8.62
C LEU C 275 -30.17 -20.76 -9.58
N LEU C 276 -30.98 -19.73 -9.79
CA LEU C 276 -32.16 -19.81 -10.66
C LEU C 276 -31.98 -20.27 -12.12
N PRO C 277 -30.95 -19.76 -12.83
CA PRO C 277 -30.77 -20.19 -14.22
C PRO C 277 -30.52 -21.70 -14.34
N PHE C 278 -29.81 -22.25 -13.35
CA PHE C 278 -29.46 -23.66 -13.35
C PHE C 278 -30.65 -24.50 -12.98
N TYR C 279 -31.42 -23.99 -12.04
CA TYR C 279 -32.63 -24.62 -11.57
C TYR C 279 -33.63 -24.72 -12.75
N ALA C 280 -33.75 -23.64 -13.51
CA ALA C 280 -34.63 -23.61 -14.66
C ALA C 280 -34.23 -24.67 -15.68
N ILE C 281 -32.93 -24.81 -15.91
CA ILE C 281 -32.43 -25.79 -16.86
C ILE C 281 -32.90 -27.17 -16.43
N LEU C 282 -32.70 -27.50 -15.16
CA LEU C 282 -33.11 -28.80 -14.65
C LEU C 282 -34.62 -29.03 -14.77
N ARG C 283 -35.41 -28.03 -14.40
CA ARG C 283 -36.87 -28.10 -14.44
C ARG C 283 -37.40 -28.32 -15.86
N SER C 284 -36.68 -27.84 -16.86
CA SER C 284 -37.08 -27.98 -18.25
C SER C 284 -37.03 -29.42 -18.80
N ILE C 285 -36.36 -30.33 -18.10
CA ILE C 285 -36.28 -31.70 -18.57
C ILE C 285 -37.23 -32.56 -17.74
N PRO C 286 -38.32 -33.05 -18.35
CA PRO C 286 -39.30 -33.88 -17.64
C PRO C 286 -38.84 -35.30 -17.25
N ASP C 287 -37.56 -35.46 -16.96
CA ASP C 287 -37.02 -36.76 -16.56
C ASP C 287 -36.04 -36.49 -15.42
N LYS C 288 -36.13 -37.31 -14.38
CA LYS C 288 -35.28 -37.19 -13.21
C LYS C 288 -33.78 -37.22 -13.53
N LEU C 289 -33.31 -38.34 -14.08
CA LEU C 289 -31.91 -38.50 -14.41
C LEU C 289 -31.39 -37.46 -15.39
N LEU C 290 -32.12 -37.27 -16.48
CA LEU C 290 -31.69 -36.34 -17.50
C LEU C 290 -31.71 -34.91 -17.05
N GLY C 291 -32.63 -34.61 -16.13
CA GLY C 291 -32.73 -33.27 -15.57
C GLY C 291 -31.46 -32.93 -14.83
N VAL C 292 -31.00 -33.83 -13.95
CA VAL C 292 -29.78 -33.57 -13.21
C VAL C 292 -28.52 -33.62 -14.08
N ILE C 293 -28.50 -34.46 -15.12
CA ILE C 293 -27.33 -34.55 -16.01
C ILE C 293 -27.19 -33.27 -16.83
N THR C 294 -28.30 -32.82 -17.39
CA THR C 294 -28.29 -31.61 -18.20
C THR C 294 -27.89 -30.39 -17.37
N MET C 295 -28.33 -30.33 -16.11
CA MET C 295 -27.99 -29.21 -15.28
C MET C 295 -26.48 -29.15 -15.01
N PHE C 296 -25.89 -30.28 -14.66
CA PHE C 296 -24.46 -30.34 -14.42
C PHE C 296 -23.68 -30.03 -15.70
N ALA C 297 -24.24 -30.46 -16.83
CA ALA C 297 -23.60 -30.24 -18.12
C ALA C 297 -23.58 -28.76 -18.46
N ALA C 298 -24.56 -28.02 -17.94
CA ALA C 298 -24.64 -26.59 -18.18
C ALA C 298 -23.42 -25.89 -17.59
N ILE C 299 -22.83 -26.49 -16.55
CA ILE C 299 -21.63 -25.92 -15.95
C ILE C 299 -20.37 -26.44 -16.68
N LEU C 300 -20.29 -27.74 -16.92
CA LEU C 300 -19.14 -28.33 -17.59
C LEU C 300 -18.93 -27.86 -19.03
N VAL C 301 -19.99 -27.42 -19.70
CA VAL C 301 -19.85 -27.01 -21.09
C VAL C 301 -18.94 -25.79 -21.25
N LEU C 302 -18.70 -25.09 -20.15
CA LEU C 302 -17.80 -23.93 -20.14
C LEU C 302 -16.37 -24.38 -20.52
N LEU C 303 -16.07 -25.65 -20.28
CA LEU C 303 -14.76 -26.22 -20.56
C LEU C 303 -14.49 -26.43 -22.06
N VAL C 304 -15.55 -26.40 -22.85
CA VAL C 304 -15.52 -26.64 -24.28
C VAL C 304 -15.12 -25.44 -25.15
N LEU C 305 -15.33 -24.24 -24.62
CA LEU C 305 -15.07 -23.02 -25.35
C LEU C 305 -13.70 -22.82 -26.02
N PRO C 306 -12.60 -23.29 -25.39
CA PRO C 306 -11.31 -23.11 -26.07
C PRO C 306 -11.24 -23.88 -27.39
N PHE C 307 -12.00 -24.97 -27.49
CA PHE C 307 -12.02 -25.82 -28.68
C PHE C 307 -13.06 -25.39 -29.72
N THR C 308 -14.24 -24.93 -29.29
CA THR C 308 -15.27 -24.51 -30.23
C THR C 308 -15.11 -23.09 -30.76
N ASP C 309 -14.26 -22.28 -30.12
CA ASP C 309 -14.03 -20.93 -30.65
C ASP C 309 -12.98 -21.14 -31.74
N ARG C 310 -13.41 -21.06 -33.00
CA ARG C 310 -12.53 -21.30 -34.16
C ARG C 310 -11.81 -20.07 -34.69
N SER C 311 -12.22 -18.90 -34.20
CA SER C 311 -11.61 -17.66 -34.62
C SER C 311 -10.09 -17.66 -34.56
N VAL C 312 -9.50 -16.76 -35.32
CA VAL C 312 -8.07 -16.63 -35.40
C VAL C 312 -7.61 -15.41 -34.56
N VAL C 313 -8.58 -14.67 -34.02
CA VAL C 313 -8.33 -13.52 -33.17
C VAL C 313 -9.03 -13.71 -31.81
N ARG C 314 -8.36 -13.27 -30.76
CA ARG C 314 -8.87 -13.39 -29.39
C ARG C 314 -9.82 -12.27 -29.05
N GLY C 315 -11.01 -12.62 -28.58
CA GLY C 315 -11.96 -11.59 -28.16
C GLY C 315 -12.97 -11.09 -29.16
N ASN C 316 -14.02 -10.47 -28.64
CA ASN C 316 -15.09 -9.97 -29.48
C ASN C 316 -15.06 -8.48 -29.85
N THR C 317 -14.05 -7.73 -29.42
CA THR C 317 -14.01 -6.30 -29.72
C THR C 317 -14.21 -5.85 -31.17
N PHE C 318 -13.62 -6.58 -32.10
CA PHE C 318 -13.73 -6.24 -33.50
C PHE C 318 -14.55 -7.28 -34.27
N LYS C 319 -15.52 -7.89 -33.61
CA LYS C 319 -16.36 -8.92 -34.23
C LYS C 319 -17.84 -8.63 -34.08
N VAL C 320 -18.45 -8.14 -35.15
CA VAL C 320 -19.86 -7.78 -35.19
C VAL C 320 -20.85 -8.90 -34.88
N LEU C 321 -20.72 -10.07 -35.50
CA LEU C 321 -21.66 -11.15 -35.21
C LEU C 321 -21.48 -11.75 -33.81
N SER C 322 -20.23 -11.90 -33.40
CA SER C 322 -19.91 -12.43 -32.08
C SER C 322 -20.40 -11.53 -30.96
N LYS C 323 -20.31 -10.21 -31.14
CA LYS C 323 -20.80 -9.32 -30.10
C LYS C 323 -22.30 -9.48 -29.92
N PHE C 324 -23.02 -9.53 -31.04
CA PHE C 324 -24.45 -9.67 -31.05
C PHE C 324 -24.89 -10.94 -30.33
N PHE C 325 -24.35 -12.08 -30.75
CA PHE C 325 -24.70 -13.33 -30.11
C PHE C 325 -24.23 -13.45 -28.66
N PHE C 326 -23.21 -12.69 -28.29
CA PHE C 326 -22.73 -12.74 -26.90
C PHE C 326 -23.86 -12.17 -26.04
N PHE C 327 -24.43 -11.06 -26.48
CA PHE C 327 -25.51 -10.44 -25.74
C PHE C 327 -26.80 -11.25 -25.79
N ILE C 328 -26.93 -12.09 -26.83
CA ILE C 328 -28.11 -12.97 -26.91
C ILE C 328 -27.92 -13.95 -25.75
N PHE C 329 -26.68 -14.44 -25.61
CA PHE C 329 -26.33 -15.38 -24.53
C PHE C 329 -26.58 -14.82 -23.13
N VAL C 330 -26.14 -13.59 -22.90
CA VAL C 330 -26.30 -12.94 -21.61
C VAL C 330 -27.77 -12.77 -21.24
N PHE C 331 -28.55 -12.17 -22.14
CA PHE C 331 -29.96 -11.96 -21.87
C PHE C 331 -30.73 -13.26 -21.83
N ASN C 332 -30.25 -14.27 -22.53
CA ASN C 332 -30.91 -15.56 -22.51
C ASN C 332 -30.73 -16.18 -21.13
N PHE C 333 -29.57 -15.89 -20.52
CA PHE C 333 -29.22 -16.39 -19.19
C PHE C 333 -30.10 -15.71 -18.13
N VAL C 334 -30.32 -14.41 -18.29
CA VAL C 334 -31.20 -13.67 -17.38
C VAL C 334 -32.62 -14.23 -17.50
N LEU C 335 -33.03 -14.60 -18.73
CA LEU C 335 -34.37 -15.16 -18.95
C LEU C 335 -34.50 -16.49 -18.19
N LEU C 336 -33.49 -17.32 -18.33
CA LEU C 336 -33.46 -18.60 -17.65
C LEU C 336 -33.70 -18.37 -16.15
N GLY C 337 -33.16 -17.26 -15.64
CA GLY C 337 -33.31 -16.93 -14.23
C GLY C 337 -34.71 -16.46 -13.92
N GLN C 338 -35.28 -15.68 -14.81
CA GLN C 338 -36.64 -15.21 -14.61
C GLN C 338 -37.65 -16.40 -14.71
N ILE C 339 -37.32 -17.39 -15.53
CA ILE C 339 -38.16 -18.59 -15.68
C ILE C 339 -38.05 -19.41 -14.41
N GLY C 340 -36.84 -19.51 -13.85
CA GLY C 340 -36.65 -20.25 -12.61
C GLY C 340 -37.51 -19.71 -11.47
N ALA C 341 -37.71 -18.40 -11.47
CA ALA C 341 -38.51 -17.73 -10.45
C ALA C 341 -40.03 -17.85 -10.70
N CYS C 342 -40.42 -18.44 -11.82
CA CYS C 342 -41.84 -18.58 -12.14
C CYS C 342 -42.41 -19.95 -11.89
N HIS C 343 -43.73 -20.05 -11.98
CA HIS C 343 -44.42 -21.32 -11.78
C HIS C 343 -44.28 -22.24 -12.99
N VAL C 344 -44.37 -23.54 -12.74
CA VAL C 344 -44.28 -24.51 -13.81
C VAL C 344 -45.66 -24.43 -14.48
N GLU C 345 -45.81 -23.42 -15.34
CA GLU C 345 -47.04 -23.15 -16.05
C GLU C 345 -46.78 -22.92 -17.52
N VAL C 346 -47.83 -23.13 -18.32
CA VAL C 346 -47.82 -23.07 -19.77
C VAL C 346 -46.86 -22.22 -20.61
N PRO C 347 -47.01 -20.89 -20.58
CA PRO C 347 -46.02 -20.24 -21.43
C PRO C 347 -44.57 -20.50 -20.96
N TYR C 348 -44.38 -20.51 -19.64
CA TYR C 348 -43.07 -20.66 -19.01
C TYR C 348 -42.28 -21.92 -19.28
N VAL C 349 -42.96 -23.06 -19.23
CA VAL C 349 -42.33 -24.36 -19.47
C VAL C 349 -41.67 -24.45 -20.84
N LEU C 350 -42.35 -23.97 -21.86
CA LEU C 350 -41.82 -24.01 -23.21
C LEU C 350 -40.69 -23.00 -23.39
N MET C 351 -40.87 -21.80 -22.83
CA MET C 351 -39.84 -20.76 -22.94
C MET C 351 -38.54 -21.23 -22.28
N GLY C 352 -38.67 -21.94 -21.16
CA GLY C 352 -37.51 -22.44 -20.45
C GLY C 352 -36.81 -23.51 -21.26
N GLN C 353 -37.58 -24.33 -21.95
CA GLN C 353 -37.00 -25.38 -22.78
C GLN C 353 -36.26 -24.82 -23.97
N ILE C 354 -36.78 -23.73 -24.55
CA ILE C 354 -36.13 -23.10 -25.69
C ILE C 354 -34.87 -22.35 -25.23
N ALA C 355 -34.98 -21.62 -24.12
CA ALA C 355 -33.84 -20.89 -23.55
C ALA C 355 -32.73 -21.88 -23.19
N THR C 356 -33.12 -23.06 -22.68
CA THR C 356 -32.13 -24.08 -22.36
C THR C 356 -31.39 -24.50 -23.62
N PHE C 357 -32.10 -24.64 -24.73
CA PHE C 357 -31.48 -25.04 -25.98
C PHE C 357 -30.51 -23.95 -26.41
N ILE C 358 -30.97 -22.72 -26.40
CA ILE C 358 -30.14 -21.59 -26.78
C ILE C 358 -28.83 -21.55 -25.93
N TYR C 359 -28.94 -21.86 -24.64
CA TYR C 359 -27.79 -21.88 -23.74
C TYR C 359 -26.69 -22.83 -24.24
N PHE C 360 -27.06 -24.08 -24.51
CA PHE C 360 -26.12 -25.07 -25.00
C PHE C 360 -25.69 -24.83 -26.47
N ALA C 361 -26.64 -24.35 -27.28
CA ALA C 361 -26.38 -24.10 -28.71
C ALA C 361 -25.31 -23.04 -28.90
N TYR C 362 -25.25 -22.11 -27.96
CA TYR C 362 -24.27 -21.03 -27.99
C TYR C 362 -22.84 -21.59 -28.03
N PHE C 363 -22.52 -22.47 -27.10
CA PHE C 363 -21.18 -23.05 -27.04
C PHE C 363 -20.88 -24.08 -28.11
N LEU C 364 -21.85 -24.95 -28.37
CA LEU C 364 -21.67 -26.04 -29.30
C LEU C 364 -21.96 -25.79 -30.79
N ILE C 365 -22.76 -24.77 -31.10
CA ILE C 365 -23.15 -24.49 -32.48
C ILE C 365 -22.89 -23.05 -32.94
N ILE C 366 -23.46 -22.08 -32.23
CA ILE C 366 -23.29 -20.70 -32.62
C ILE C 366 -21.85 -20.23 -32.70
N VAL C 367 -21.08 -20.40 -31.63
CA VAL C 367 -19.69 -19.95 -31.64
C VAL C 367 -18.83 -20.57 -32.74
N PRO C 368 -18.84 -21.91 -32.89
CA PRO C 368 -18.00 -22.47 -33.97
C PRO C 368 -18.44 -22.04 -35.37
N VAL C 369 -19.76 -21.93 -35.60
CA VAL C 369 -20.27 -21.53 -36.92
C VAL C 369 -19.96 -20.07 -37.25
N ILE C 370 -20.29 -19.20 -36.30
CA ILE C 370 -20.09 -17.77 -36.43
C ILE C 370 -18.62 -17.37 -36.50
N SER C 371 -17.79 -18.00 -35.66
CA SER C 371 -16.37 -17.66 -35.67
C SER C 371 -15.74 -18.08 -36.99
N THR C 372 -16.20 -19.18 -37.56
CA THR C 372 -15.72 -19.64 -38.86
C THR C 372 -16.13 -18.63 -39.95
N ILE C 373 -17.39 -18.20 -39.93
CA ILE C 373 -17.87 -17.24 -40.90
C ILE C 373 -17.07 -15.94 -40.79
N GLU C 374 -16.88 -15.44 -39.56
CA GLU C 374 -16.12 -14.21 -39.36
C GLU C 374 -14.69 -14.36 -39.88
N ASN C 375 -14.10 -15.54 -39.70
CA ASN C 375 -12.74 -15.78 -40.21
C ASN C 375 -12.68 -15.52 -41.70
N VAL C 376 -13.62 -16.13 -42.42
CA VAL C 376 -13.72 -16.00 -43.87
C VAL C 376 -14.06 -14.58 -44.30
N LEU C 377 -14.96 -13.93 -43.58
CA LEU C 377 -15.34 -12.56 -43.92
C LEU C 377 -14.13 -11.62 -43.83
N PHE C 378 -13.30 -11.80 -42.80
CA PHE C 378 -12.10 -10.98 -42.61
C PHE C 378 -11.15 -11.13 -43.78
N TYR C 379 -11.08 -12.35 -44.32
CA TYR C 379 -10.20 -12.66 -45.45
C TYR C 379 -10.62 -12.09 -46.83
N ILE C 380 -11.82 -12.46 -47.28
CA ILE C 380 -12.34 -12.02 -48.58
C ILE C 380 -12.56 -10.51 -48.66
N GLY C 381 -12.60 -9.84 -47.51
CA GLY C 381 -12.81 -8.41 -47.51
C GLY C 381 -11.55 -7.61 -47.78
N ARG C 382 -10.42 -8.30 -47.91
CA ARG C 382 -9.14 -7.62 -48.17
C ARG C 382 -8.27 -8.25 -49.25
N VAL C 383 -8.45 -9.54 -49.50
CA VAL C 383 -7.66 -10.22 -50.52
C VAL C 383 -8.25 -9.97 -51.91
N ASN C 384 -7.44 -9.41 -52.80
CA ASN C 384 -7.88 -9.09 -54.15
C ASN C 384 -7.41 -10.08 -55.22
N LYS C 385 -7.85 -11.33 -55.07
CA LYS C 385 -7.52 -12.42 -56.00
C LYS C 385 -8.05 -13.76 -55.47
N MET D 1 -51.02 -18.27 -12.27
CA MET D 1 -51.85 -18.98 -11.25
C MET D 1 -53.05 -18.07 -10.97
N THR D 2 -54.19 -18.63 -10.52
CA THR D 2 -55.36 -17.79 -10.27
C THR D 2 -55.14 -16.74 -9.17
N ALA D 3 -55.83 -15.61 -9.30
CA ALA D 3 -55.73 -14.50 -8.35
C ALA D 3 -56.05 -14.92 -6.93
N ALA D 4 -57.04 -15.79 -6.78
CA ALA D 4 -57.46 -16.28 -5.47
C ALA D 4 -56.34 -17.09 -4.82
N GLU D 5 -55.72 -17.97 -5.60
CA GLU D 5 -54.62 -18.80 -5.10
C GLU D 5 -53.39 -17.96 -4.73
N HIS D 6 -53.11 -16.90 -5.47
CA HIS D 6 -51.97 -16.02 -5.18
C HIS D 6 -52.24 -15.15 -3.97
N GLY D 7 -53.48 -14.66 -3.88
CA GLY D 7 -53.88 -13.78 -2.81
C GLY D 7 -53.81 -12.35 -3.32
N LEU D 8 -54.63 -11.47 -2.76
CA LEU D 8 -54.66 -10.07 -3.19
C LEU D 8 -53.38 -9.37 -2.80
N HIS D 9 -52.81 -8.63 -3.74
CA HIS D 9 -51.59 -7.88 -3.49
C HIS D 9 -51.89 -6.78 -2.46
N ALA D 10 -51.09 -6.73 -1.41
CA ALA D 10 -51.26 -5.72 -0.37
C ALA D 10 -50.71 -4.40 -0.90
N PRO D 11 -51.45 -3.30 -0.68
CA PRO D 11 -51.06 -1.96 -1.12
C PRO D 11 -50.03 -1.35 -0.18
N ALA D 12 -49.40 -0.26 -0.63
CA ALA D 12 -48.36 0.40 0.15
C ALA D 12 -48.83 1.58 1.02
N TYR D 13 -48.95 1.32 2.33
CA TYR D 13 -49.35 2.35 3.30
C TYR D 13 -48.14 3.21 3.66
N ALA D 14 -48.38 4.45 4.09
CA ALA D 14 -47.29 5.36 4.43
C ALA D 14 -46.77 5.20 5.87
N TRP D 15 -46.06 4.11 6.11
CA TRP D 15 -45.52 3.85 7.43
C TRP D 15 -44.51 4.93 7.75
N SER D 16 -44.54 5.41 9.00
CA SER D 16 -43.63 6.48 9.41
C SER D 16 -42.18 6.00 9.46
N HIS D 17 -41.98 4.69 9.57
CA HIS D 17 -40.62 4.13 9.58
C HIS D 17 -40.04 3.84 8.19
N ASN D 18 -40.85 4.03 7.12
CA ASN D 18 -40.37 3.82 5.75
C ASN D 18 -39.48 5.01 5.45
N GLY D 19 -38.39 4.79 4.73
CA GLY D 19 -37.50 5.89 4.43
C GLY D 19 -36.17 5.65 5.12
N PRO D 20 -35.06 5.94 4.44
CA PRO D 20 -33.71 5.73 4.98
C PRO D 20 -33.38 6.48 6.26
N PHE D 21 -33.97 7.67 6.43
CA PHE D 21 -33.70 8.48 7.61
C PHE D 21 -34.72 8.31 8.73
N GLU D 22 -35.70 7.44 8.55
CA GLU D 22 -36.76 7.26 9.55
C GLU D 22 -36.66 6.17 10.62
N THR D 23 -36.85 6.56 11.88
CA THR D 23 -36.84 5.61 12.99
C THR D 23 -38.27 5.11 13.19
N PHE D 24 -38.44 4.11 14.04
CA PHE D 24 -39.79 3.64 14.34
C PHE D 24 -40.44 4.76 15.15
N ASP D 25 -41.77 4.74 15.23
CA ASP D 25 -42.50 5.68 16.05
C ASP D 25 -42.69 4.87 17.33
N HIS D 26 -41.98 5.24 18.39
CA HIS D 26 -42.04 4.51 19.65
C HIS D 26 -43.35 4.53 20.44
N ALA D 27 -44.18 5.55 20.22
CA ALA D 27 -45.49 5.61 20.89
C ALA D 27 -46.35 4.51 20.27
N SER D 28 -46.26 4.36 18.95
CA SER D 28 -47.00 3.33 18.25
C SER D 28 -46.52 1.95 18.73
N ILE D 29 -45.21 1.83 19.00
CA ILE D 29 -44.70 0.54 19.49
C ILE D 29 -45.33 0.27 20.84
N ARG D 30 -45.34 1.30 21.70
CA ARG D 30 -45.93 1.20 23.04
C ARG D 30 -47.39 0.72 22.97
N ARG D 31 -48.17 1.35 22.11
CA ARG D 31 -49.57 0.97 21.93
C ARG D 31 -49.71 -0.43 21.36
N GLY D 32 -48.85 -0.76 20.37
CA GLY D 32 -48.88 -2.07 19.73
C GLY D 32 -48.74 -3.19 20.73
N TYR D 33 -47.87 -2.97 21.73
CA TYR D 33 -47.67 -3.96 22.77
C TYR D 33 -48.98 -4.25 23.52
N GLN D 34 -49.76 -3.19 23.80
CA GLN D 34 -51.02 -3.35 24.52
C GLN D 34 -52.00 -4.19 23.71
N VAL D 35 -52.10 -3.89 22.42
CA VAL D 35 -52.97 -4.63 21.52
C VAL D 35 -52.53 -6.08 21.52
N TYR D 36 -51.22 -6.30 21.52
CA TYR D 36 -50.70 -7.66 21.53
C TYR D 36 -51.10 -8.37 22.83
N ARG D 37 -50.91 -7.70 23.94
CA ARG D 37 -51.22 -8.26 25.24
C ARG D 37 -52.72 -8.56 25.44
N GLU D 38 -53.56 -7.59 25.09
CA GLU D 38 -55.00 -7.74 25.26
C GLU D 38 -55.80 -8.51 24.22
N VAL D 39 -55.27 -8.64 23.01
CA VAL D 39 -55.97 -9.37 21.95
C VAL D 39 -55.20 -10.62 21.48
N CYS D 40 -54.09 -10.38 20.77
CA CYS D 40 -53.25 -11.43 20.19
C CYS D 40 -52.66 -12.51 21.09
N ALA D 41 -52.11 -12.10 22.23
CA ALA D 41 -51.46 -13.02 23.18
C ALA D 41 -52.25 -14.23 23.62
N ALA D 42 -53.57 -14.21 23.40
CA ALA D 42 -54.41 -15.33 23.80
C ALA D 42 -54.18 -16.57 22.93
N CYS D 43 -53.68 -16.34 21.70
CA CYS D 43 -53.41 -17.44 20.77
C CYS D 43 -51.99 -17.43 20.20
N HIS D 44 -51.32 -16.28 20.23
CA HIS D 44 -49.98 -16.12 19.67
C HIS D 44 -48.83 -15.94 20.65
N SER D 45 -47.82 -16.80 20.53
CA SER D 45 -46.63 -16.69 21.35
C SER D 45 -45.73 -15.61 20.75
N LEU D 46 -44.70 -15.21 21.49
CA LEU D 46 -43.76 -14.18 21.07
C LEU D 46 -42.45 -14.59 21.74
N ASP D 47 -42.09 -15.85 21.49
CA ASP D 47 -40.93 -16.54 22.06
C ASP D 47 -39.53 -15.92 22.02
N ARG D 48 -39.23 -15.17 20.98
CA ARG D 48 -37.90 -14.61 20.83
C ARG D 48 -37.69 -13.25 21.47
N VAL D 49 -38.74 -12.70 22.05
CA VAL D 49 -38.65 -11.38 22.70
C VAL D 49 -38.49 -11.45 24.22
N ALA D 50 -37.35 -10.95 24.71
CA ALA D 50 -37.07 -10.94 26.15
C ALA D 50 -37.55 -9.62 26.73
N TRP D 51 -38.10 -9.68 27.95
CA TRP D 51 -38.63 -8.50 28.64
C TRP D 51 -37.71 -7.31 28.61
N ARG D 52 -36.42 -7.53 28.92
CA ARG D 52 -35.42 -6.46 28.94
C ARG D 52 -35.32 -5.60 27.67
N THR D 53 -35.65 -6.18 26.52
CA THR D 53 -35.58 -5.43 25.26
C THR D 53 -36.64 -4.32 25.15
N LEU D 54 -37.68 -4.41 25.96
CA LEU D 54 -38.74 -3.40 25.98
C LEU D 54 -38.24 -2.10 26.66
N VAL D 55 -37.38 -2.26 27.66
CA VAL D 55 -36.84 -1.13 28.39
C VAL D 55 -36.12 -0.13 27.51
N GLY D 56 -36.55 1.12 27.57
CA GLY D 56 -35.92 2.16 26.77
C GLY D 56 -36.41 2.18 25.34
N VAL D 57 -37.34 1.28 25.02
CA VAL D 57 -37.90 1.23 23.68
C VAL D 57 -39.34 1.70 23.69
N SER D 58 -40.16 1.03 24.49
CA SER D 58 -41.57 1.35 24.58
C SER D 58 -42.06 1.51 26.04
N HIS D 59 -41.27 1.01 26.98
CA HIS D 59 -41.61 1.08 28.40
C HIS D 59 -40.41 1.43 29.27
N THR D 60 -40.67 1.72 30.54
CA THR D 60 -39.62 2.07 31.49
C THR D 60 -39.13 0.79 32.18
N ASN D 61 -37.96 0.88 32.79
CA ASN D 61 -37.40 -0.26 33.50
C ASN D 61 -38.37 -0.77 34.55
N GLU D 62 -39.08 0.16 35.21
CA GLU D 62 -40.06 -0.18 36.25
C GLU D 62 -41.28 -0.88 35.68
N GLU D 63 -41.86 -0.31 34.61
CA GLU D 63 -43.04 -0.89 33.95
C GLU D 63 -42.82 -2.33 33.48
N VAL D 64 -41.66 -2.58 32.88
CA VAL D 64 -41.35 -3.91 32.39
C VAL D 64 -41.19 -4.89 33.55
N ARG D 65 -40.55 -4.45 34.63
CA ARG D 65 -40.37 -5.33 35.78
C ARG D 65 -41.70 -5.80 36.33
N ASN D 66 -42.68 -4.88 36.41
CA ASN D 66 -44.01 -5.22 36.90
C ASN D 66 -44.68 -6.24 35.99
N MET D 67 -44.57 -6.02 34.68
CA MET D 67 -45.15 -6.91 33.69
C MET D 67 -44.59 -8.32 33.74
N ALA D 68 -43.28 -8.43 33.92
CA ALA D 68 -42.62 -9.73 33.98
C ALA D 68 -43.03 -10.50 35.21
N GLU D 69 -43.13 -9.80 36.34
CA GLU D 69 -43.50 -10.41 37.61
C GLU D 69 -44.92 -10.97 37.67
N GLU D 70 -45.77 -10.58 36.72
CA GLU D 70 -47.14 -11.08 36.66
C GLU D 70 -47.16 -12.53 36.16
N PHE D 71 -46.01 -13.03 35.71
CA PHE D 71 -45.91 -14.40 35.20
C PHE D 71 -44.97 -15.23 36.05
N GLU D 72 -45.29 -16.51 36.17
CA GLU D 72 -44.47 -17.44 36.93
C GLU D 72 -43.63 -18.26 35.97
N TYR D 73 -42.39 -18.50 36.34
CA TYR D 73 -41.48 -19.29 35.52
C TYR D 73 -40.86 -20.36 36.41
N ASP D 74 -40.45 -21.47 35.82
CA ASP D 74 -39.81 -22.54 36.58
C ASP D 74 -38.52 -22.03 37.20
N ASP D 75 -38.29 -22.36 38.46
CA ASP D 75 -37.07 -21.94 39.14
C ASP D 75 -36.26 -23.18 39.45
N GLU D 76 -35.11 -22.98 40.07
CA GLU D 76 -34.23 -24.08 40.43
C GLU D 76 -34.82 -24.81 41.64
N PRO D 77 -34.71 -26.14 41.67
CA PRO D 77 -35.26 -26.92 42.79
C PRO D 77 -34.68 -26.52 44.13
N ASP D 78 -35.49 -26.62 45.18
CA ASP D 78 -35.07 -26.26 46.54
C ASP D 78 -34.02 -27.20 47.13
N GLU D 79 -33.63 -26.90 48.38
CA GLU D 79 -32.64 -27.67 49.12
C GLU D 79 -32.91 -29.18 49.10
N GLN D 80 -34.20 -29.55 49.05
CA GLN D 80 -34.60 -30.94 49.04
C GLN D 80 -34.86 -31.58 47.67
N GLY D 81 -34.77 -30.78 46.62
CA GLY D 81 -34.96 -31.31 45.28
C GLY D 81 -36.32 -31.19 44.64
N ASN D 82 -37.33 -30.76 45.39
CA ASN D 82 -38.69 -30.60 44.85
C ASN D 82 -38.74 -29.34 43.99
N PRO D 83 -39.49 -29.38 42.88
CA PRO D 83 -39.61 -28.21 41.99
C PRO D 83 -40.32 -27.01 42.63
N LYS D 84 -40.01 -25.82 42.14
CA LYS D 84 -40.62 -24.60 42.67
C LYS D 84 -40.66 -23.49 41.62
N LYS D 85 -41.72 -22.69 41.67
CA LYS D 85 -41.91 -21.58 40.74
C LYS D 85 -41.23 -20.29 41.19
N ARG D 86 -41.39 -19.25 40.39
CA ARG D 86 -40.78 -17.95 40.66
C ARG D 86 -41.38 -16.88 39.75
N PRO D 87 -41.55 -15.66 40.27
CA PRO D 87 -42.10 -14.59 39.43
C PRO D 87 -41.06 -14.26 38.33
N GLY D 88 -41.50 -13.66 37.23
CA GLY D 88 -40.59 -13.35 36.15
C GLY D 88 -39.63 -12.19 36.37
N LYS D 89 -38.50 -12.23 35.70
CA LYS D 89 -37.49 -11.16 35.77
C LYS D 89 -37.20 -10.61 34.38
N LEU D 90 -36.42 -9.55 34.29
CA LEU D 90 -36.12 -8.96 32.99
C LEU D 90 -35.36 -9.88 32.03
N SER D 91 -34.60 -10.84 32.55
CA SER D 91 -33.85 -11.76 31.71
C SER D 91 -34.73 -12.80 31.03
N ASP D 92 -35.99 -12.89 31.45
CA ASP D 92 -36.91 -13.87 30.86
C ASP D 92 -37.50 -13.45 29.53
N TYR D 93 -38.01 -14.45 28.81
CA TYR D 93 -38.65 -14.23 27.52
C TYR D 93 -40.16 -14.23 27.72
N ILE D 94 -40.83 -13.34 27.00
CA ILE D 94 -42.29 -13.21 27.03
C ILE D 94 -42.89 -14.61 26.84
N PRO D 95 -43.68 -15.08 27.83
CA PRO D 95 -44.30 -16.40 27.77
C PRO D 95 -45.45 -16.51 26.79
N GLY D 96 -45.65 -17.73 26.27
CA GLY D 96 -46.71 -17.96 25.32
C GLY D 96 -47.95 -18.55 25.95
N PRO D 97 -49.10 -18.46 25.26
CA PRO D 97 -50.38 -18.98 25.77
C PRO D 97 -50.50 -20.50 25.89
N TYR D 98 -49.77 -21.25 25.09
CA TYR D 98 -49.87 -22.71 25.13
C TYR D 98 -48.58 -23.39 25.57
N PRO D 99 -48.69 -24.52 26.28
CA PRO D 99 -47.54 -25.29 26.77
C PRO D 99 -46.81 -26.09 25.66
N ASN D 100 -47.55 -26.46 24.62
CA ASN D 100 -46.98 -27.20 23.49
C ASN D 100 -47.85 -27.07 22.25
N GLU D 101 -47.33 -27.54 21.12
CA GLU D 101 -48.03 -27.46 19.85
C GLU D 101 -49.42 -28.10 19.86
N GLN D 102 -49.51 -29.32 20.42
CA GLN D 102 -50.76 -30.08 20.51
C GLN D 102 -51.88 -29.33 21.25
N ALA D 103 -51.52 -28.59 22.29
CA ALA D 103 -52.49 -27.82 23.06
C ALA D 103 -52.95 -26.58 22.31
N ALA D 104 -52.09 -26.08 21.43
CA ALA D 104 -52.38 -24.89 20.64
C ALA D 104 -53.34 -25.23 19.49
N ARG D 105 -53.14 -26.41 18.90
CA ARG D 105 -53.99 -26.87 17.82
C ARG D 105 -55.41 -27.17 18.32
N ALA D 106 -55.49 -27.81 19.49
CA ALA D 106 -56.76 -28.17 20.12
C ALA D 106 -57.63 -26.93 20.38
N ALA D 107 -56.99 -25.83 20.76
CA ALA D 107 -57.71 -24.59 21.03
C ALA D 107 -58.04 -23.77 19.79
N ASN D 108 -57.67 -24.27 18.60
CA ASN D 108 -57.93 -23.52 17.37
C ASN D 108 -58.41 -24.35 16.20
N GLN D 109 -59.31 -25.28 16.47
CA GLN D 109 -59.89 -26.14 15.43
C GLN D 109 -58.81 -26.94 14.70
N GLY D 110 -57.70 -27.19 15.36
CA GLY D 110 -56.61 -27.95 14.74
C GLY D 110 -55.55 -27.09 14.03
N ALA D 111 -55.75 -25.78 14.02
CA ALA D 111 -54.81 -24.87 13.37
C ALA D 111 -53.72 -24.41 14.35
N LEU D 112 -52.58 -23.98 13.83
CA LEU D 112 -51.48 -23.55 14.68
C LEU D 112 -51.14 -22.08 14.48
N PRO D 113 -51.45 -21.24 15.49
CA PRO D 113 -51.14 -19.81 15.38
C PRO D 113 -49.63 -19.66 15.45
N PRO D 114 -49.00 -19.13 14.38
CA PRO D 114 -47.55 -18.98 14.42
C PRO D 114 -47.06 -17.96 15.43
N ASP D 115 -45.81 -18.12 15.82
CA ASP D 115 -45.16 -17.20 16.72
C ASP D 115 -45.01 -15.91 15.91
N LEU D 116 -45.13 -14.76 16.56
CA LEU D 116 -45.08 -13.50 15.82
C LEU D 116 -43.76 -12.73 15.91
N SER D 117 -42.73 -13.34 16.50
CA SER D 117 -41.45 -12.67 16.67
C SER D 117 -40.81 -12.23 15.38
N LEU D 118 -41.02 -13.00 14.33
CA LEU D 118 -40.43 -12.72 13.03
C LEU D 118 -41.44 -12.56 11.92
N ILE D 119 -42.72 -12.69 12.27
CA ILE D 119 -43.80 -12.62 11.28
C ILE D 119 -43.68 -11.53 10.22
N VAL D 120 -43.17 -10.36 10.59
CA VAL D 120 -43.01 -9.26 9.63
C VAL D 120 -41.96 -9.57 8.56
N LYS D 121 -40.90 -10.27 8.96
CA LYS D 121 -39.86 -10.63 8.00
C LYS D 121 -40.16 -11.96 7.32
N ALA D 122 -41.01 -12.79 7.92
CA ALA D 122 -41.35 -14.09 7.33
C ALA D 122 -42.52 -14.09 6.34
N ARG D 123 -42.83 -12.94 5.74
CA ARG D 123 -43.92 -12.84 4.78
C ARG D 123 -43.64 -11.75 3.76
N HIS D 124 -43.94 -12.02 2.49
CA HIS D 124 -43.79 -11.01 1.44
C HIS D 124 -44.82 -9.91 1.75
N GLY D 125 -44.42 -8.66 1.61
CA GLY D 125 -45.34 -7.59 1.91
C GLY D 125 -45.04 -6.90 3.23
N GLY D 126 -44.39 -7.63 4.14
CA GLY D 126 -44.04 -7.05 5.43
C GLY D 126 -45.19 -6.41 6.17
N CYS D 127 -45.00 -5.16 6.60
CA CYS D 127 -46.03 -4.43 7.34
C CYS D 127 -47.32 -4.29 6.55
N ASP D 128 -47.20 -3.95 5.27
CA ASP D 128 -48.34 -3.81 4.39
C ASP D 128 -49.21 -5.07 4.40
N TYR D 129 -48.58 -6.23 4.40
CA TYR D 129 -49.33 -7.48 4.39
C TYR D 129 -50.08 -7.69 5.71
N ILE D 130 -49.34 -7.68 6.82
CA ILE D 130 -49.92 -7.89 8.16
C ILE D 130 -51.08 -6.93 8.41
N PHE D 131 -50.87 -5.65 8.13
CA PHE D 131 -51.90 -4.67 8.33
C PHE D 131 -53.13 -5.00 7.49
N SER D 132 -52.92 -5.16 6.19
CA SER D 132 -53.99 -5.47 5.26
C SER D 132 -54.77 -6.72 5.65
N LEU D 133 -54.06 -7.74 6.12
CA LEU D 133 -54.73 -8.97 6.53
C LEU D 133 -55.71 -8.69 7.68
N LEU D 134 -55.23 -7.98 8.70
CA LEU D 134 -56.01 -7.66 9.88
C LEU D 134 -57.23 -6.76 9.65
N THR D 135 -57.16 -5.92 8.62
CA THR D 135 -58.23 -5.00 8.30
C THR D 135 -58.96 -5.42 7.03
N GLY D 136 -58.65 -6.61 6.52
CA GLY D 136 -59.25 -7.04 5.28
C GLY D 136 -60.29 -8.14 5.31
N TYR D 137 -60.90 -8.40 6.45
CA TYR D 137 -61.95 -9.42 6.53
C TYR D 137 -63.28 -8.81 6.07
N PRO D 138 -63.85 -9.33 4.97
CA PRO D 138 -65.13 -8.79 4.51
C PRO D 138 -66.23 -9.40 5.37
N ASP D 139 -67.33 -8.67 5.57
CA ASP D 139 -68.44 -9.19 6.37
C ASP D 139 -68.99 -10.48 5.77
N GLU D 140 -68.89 -10.59 4.45
CA GLU D 140 -69.35 -11.78 3.73
C GLU D 140 -68.42 -12.09 2.56
N PRO D 141 -68.11 -13.38 2.33
CA PRO D 141 -67.22 -13.79 1.23
C PRO D 141 -67.87 -13.54 -0.13
N PRO D 142 -67.07 -13.29 -1.18
CA PRO D 142 -67.63 -13.05 -2.51
C PRO D 142 -68.49 -14.22 -2.98
N ALA D 143 -69.53 -13.89 -3.74
CA ALA D 143 -70.49 -14.87 -4.24
C ALA D 143 -69.86 -16.08 -4.94
N GLY D 144 -70.30 -17.27 -4.53
CA GLY D 144 -69.81 -18.50 -5.13
C GLY D 144 -68.72 -19.19 -4.35
N VAL D 145 -68.06 -18.46 -3.46
CA VAL D 145 -67.00 -19.03 -2.65
C VAL D 145 -67.56 -19.95 -1.56
N ALA D 146 -67.24 -21.23 -1.69
CA ALA D 146 -67.68 -22.25 -0.74
C ALA D 146 -66.61 -22.36 0.34
N LEU D 147 -66.83 -21.63 1.42
CA LEU D 147 -65.91 -21.59 2.55
C LEU D 147 -66.12 -22.75 3.51
N PRO D 148 -65.08 -23.58 3.73
CA PRO D 148 -65.14 -24.73 4.64
C PRO D 148 -65.56 -24.34 6.06
N PRO D 149 -66.19 -25.28 6.79
CA PRO D 149 -66.63 -25.00 8.17
C PRO D 149 -65.43 -24.66 9.05
N GLY D 150 -65.59 -23.62 9.86
CA GLY D 150 -64.50 -23.19 10.74
C GLY D 150 -63.48 -22.26 10.10
N SER D 151 -63.58 -22.09 8.78
CA SER D 151 -62.66 -21.21 8.06
C SER D 151 -63.25 -19.82 7.91
N ASN D 152 -62.39 -18.88 7.54
CA ASN D 152 -62.80 -17.50 7.34
C ASN D 152 -62.22 -17.02 6.03
N TYR D 153 -62.89 -16.05 5.42
CA TYR D 153 -62.41 -15.52 4.17
C TYR D 153 -61.65 -14.22 4.39
N ASN D 154 -60.55 -14.07 3.65
CA ASN D 154 -59.71 -12.88 3.70
C ASN D 154 -59.05 -12.89 2.33
N PRO D 155 -59.26 -11.83 1.53
CA PRO D 155 -58.68 -11.75 0.20
C PRO D 155 -57.14 -11.68 0.13
N TYR D 156 -56.51 -11.17 1.20
CA TYR D 156 -55.06 -11.04 1.22
C TYR D 156 -54.28 -12.32 1.53
N PHE D 157 -54.95 -13.32 2.11
CA PHE D 157 -54.33 -14.59 2.43
C PHE D 157 -54.41 -15.49 1.19
N PRO D 158 -53.31 -16.18 0.85
CA PRO D 158 -53.26 -17.08 -0.32
C PRO D 158 -54.32 -18.15 -0.21
N GLY D 159 -55.17 -18.27 -1.23
CA GLY D 159 -56.24 -19.25 -1.19
C GLY D 159 -57.52 -18.74 -0.54
N GLY D 160 -57.45 -17.53 0.04
CA GLY D 160 -58.59 -16.89 0.67
C GLY D 160 -59.16 -17.48 1.95
N SER D 161 -58.90 -18.76 2.19
CA SER D 161 -59.41 -19.43 3.37
C SER D 161 -58.41 -19.47 4.54
N ILE D 162 -58.62 -18.60 5.53
CA ILE D 162 -57.73 -18.51 6.69
C ILE D 162 -58.41 -18.97 7.98
N ALA D 163 -57.64 -19.68 8.82
CA ALA D 163 -58.17 -20.23 10.08
C ALA D 163 -58.29 -19.24 11.24
N MET D 164 -57.89 -18.00 11.02
CA MET D 164 -57.99 -16.98 12.05
C MET D 164 -59.14 -16.08 11.65
N ALA D 165 -60.09 -15.91 12.57
CA ALA D 165 -61.23 -15.04 12.31
C ALA D 165 -60.82 -13.61 12.60
N ARG D 166 -61.63 -12.64 12.17
CA ARG D 166 -61.35 -11.25 12.44
C ARG D 166 -61.37 -11.10 13.97
N VAL D 167 -60.38 -10.41 14.52
CA VAL D 167 -60.33 -10.22 15.98
C VAL D 167 -60.28 -8.77 16.42
N LEU D 168 -60.07 -7.85 15.48
CA LEU D 168 -60.01 -6.45 15.82
C LEU D 168 -61.37 -5.81 15.53
N PHE D 169 -61.91 -5.13 16.53
CA PHE D 169 -63.19 -4.43 16.43
C PHE D 169 -62.99 -3.10 17.13
N ASP D 170 -63.69 -2.07 16.65
CA ASP D 170 -63.56 -0.71 17.22
C ASP D 170 -63.73 -0.66 18.74
N ASP D 171 -62.84 0.09 19.38
CA ASP D 171 -62.86 0.30 20.83
C ASP D 171 -62.83 -0.94 21.73
N MET D 172 -62.15 -2.01 21.31
CA MET D 172 -62.08 -3.21 22.16
C MET D 172 -60.90 -3.09 23.12
N VAL D 173 -60.16 -2.00 22.98
CA VAL D 173 -59.00 -1.69 23.79
C VAL D 173 -59.08 -0.23 24.20
N GLU D 174 -58.67 0.07 25.42
CA GLU D 174 -58.68 1.43 25.93
C GLU D 174 -57.24 1.92 26.01
N TYR D 175 -56.80 2.61 24.96
CA TYR D 175 -55.44 3.13 24.91
C TYR D 175 -55.10 4.02 26.07
N GLU D 176 -54.00 3.67 26.74
CA GLU D 176 -53.51 4.38 27.89
C GLU D 176 -53.20 5.86 27.62
N ASP D 177 -52.90 6.20 26.36
CA ASP D 177 -52.57 7.58 25.99
C ASP D 177 -53.77 8.35 25.39
N GLY D 178 -54.96 7.77 25.53
CA GLY D 178 -56.18 8.38 25.05
C GLY D 178 -56.56 8.28 23.58
N THR D 179 -55.66 7.74 22.77
CA THR D 179 -55.88 7.60 21.32
C THR D 179 -57.13 6.75 21.02
N PRO D 180 -57.94 7.20 20.03
CA PRO D 180 -59.15 6.47 19.65
C PRO D 180 -58.76 5.10 19.10
N ALA D 181 -59.16 4.05 19.81
CA ALA D 181 -58.84 2.70 19.41
C ALA D 181 -59.65 2.09 18.28
N THR D 182 -59.61 2.72 17.10
CA THR D 182 -60.31 2.17 15.95
C THR D 182 -59.56 0.91 15.46
N THR D 183 -60.22 0.07 14.67
CA THR D 183 -59.58 -1.17 14.21
C THR D 183 -58.34 -0.92 13.36
N SER D 184 -58.41 0.06 12.47
CA SER D 184 -57.29 0.37 11.61
C SER D 184 -56.14 1.00 12.41
N GLN D 185 -56.50 1.66 13.51
CA GLN D 185 -55.49 2.28 14.38
C GLN D 185 -54.77 1.20 15.17
N MET D 186 -55.51 0.23 15.67
CA MET D 186 -54.94 -0.86 16.43
C MET D 186 -54.08 -1.74 15.53
N ALA D 187 -54.54 -1.96 14.31
CA ALA D 187 -53.81 -2.76 13.34
C ALA D 187 -52.48 -2.06 13.06
N LYS D 188 -52.55 -0.76 12.83
CA LYS D 188 -51.37 0.06 12.55
C LYS D 188 -50.36 -0.06 13.69
N ASP D 189 -50.85 -0.06 14.93
CA ASP D 189 -49.99 -0.15 16.10
C ASP D 189 -49.33 -1.51 16.35
N VAL D 190 -50.09 -2.61 16.34
CA VAL D 190 -49.47 -3.93 16.58
C VAL D 190 -48.45 -4.21 15.50
N THR D 191 -48.83 -3.88 14.27
CA THR D 191 -47.96 -4.10 13.15
C THR D 191 -46.64 -3.37 13.36
N THR D 192 -46.70 -2.13 13.85
CA THR D 192 -45.47 -1.38 14.10
C THR D 192 -44.69 -2.10 15.20
N PHE D 193 -45.43 -2.59 16.20
CA PHE D 193 -44.83 -3.30 17.33
C PHE D 193 -44.17 -4.61 16.87
N LEU D 194 -44.84 -5.33 15.96
CA LEU D 194 -44.31 -6.58 15.45
C LEU D 194 -43.09 -6.36 14.55
N ASN D 195 -43.03 -5.21 13.88
CA ASN D 195 -41.88 -4.91 13.02
C ASN D 195 -40.65 -4.75 13.92
N TRP D 196 -40.84 -4.11 15.08
CA TRP D 196 -39.78 -3.90 16.06
C TRP D 196 -39.36 -5.23 16.67
N CYS D 197 -40.32 -6.12 16.94
CA CYS D 197 -40.00 -7.44 17.51
C CYS D 197 -39.06 -8.20 16.58
N ALA D 198 -39.36 -8.13 15.29
CA ALA D 198 -38.58 -8.79 14.25
C ALA D 198 -37.27 -8.07 13.90
N GLU D 199 -37.28 -6.73 13.98
CA GLU D 199 -36.09 -5.92 13.65
C GLU D 199 -35.77 -4.93 14.78
N PRO D 200 -35.39 -5.45 15.96
CA PRO D 200 -35.09 -4.52 17.07
C PRO D 200 -33.94 -3.54 16.85
N GLU D 201 -33.07 -3.87 15.89
CA GLU D 201 -31.91 -3.04 15.60
C GLU D 201 -32.19 -1.92 14.60
N HIS D 202 -33.41 -1.91 14.05
CA HIS D 202 -33.86 -0.93 13.05
C HIS D 202 -33.35 0.52 13.16
N ASP D 203 -33.66 1.19 14.27
CA ASP D 203 -33.27 2.60 14.44
C ASP D 203 -31.77 2.83 14.42
N GLU D 204 -31.06 2.00 15.16
CA GLU D 204 -29.61 2.05 15.24
C GLU D 204 -28.97 1.63 13.91
N ARG D 205 -29.54 0.61 13.27
CA ARG D 205 -28.99 0.14 11.99
C ARG D 205 -28.96 1.24 10.94
N LYS D 206 -30.04 2.02 10.84
CA LYS D 206 -30.12 3.09 9.86
C LYS D 206 -29.21 4.28 10.17
N ARG D 207 -28.96 4.49 11.47
CA ARG D 207 -28.10 5.59 11.91
C ARG D 207 -26.66 5.24 11.47
N LEU D 208 -26.27 3.98 11.68
CA LEU D 208 -24.94 3.51 11.28
C LEU D 208 -24.80 3.53 9.76
N GLY D 209 -25.88 3.19 9.07
CA GLY D 209 -25.84 3.19 7.63
C GLY D 209 -25.54 4.57 7.08
N LEU D 210 -26.13 5.58 7.71
CA LEU D 210 -25.94 6.98 7.32
C LEU D 210 -24.47 7.38 7.39
N LYS D 211 -23.80 7.01 8.47
CA LYS D 211 -22.36 7.31 8.63
C LYS D 211 -21.54 6.51 7.63
N THR D 212 -21.86 5.22 7.50
CA THR D 212 -21.13 4.32 6.60
C THR D 212 -21.23 4.79 5.15
N VAL D 213 -22.43 5.15 4.72
CA VAL D 213 -22.62 5.62 3.35
C VAL D 213 -21.95 6.95 3.07
N ILE D 214 -21.90 7.83 4.07
CA ILE D 214 -21.25 9.12 3.86
C ILE D 214 -19.74 8.94 3.69
N ILE D 215 -19.14 8.16 4.58
CA ILE D 215 -17.70 7.92 4.51
C ILE D 215 -17.32 7.20 3.20
N LEU D 216 -18.05 6.13 2.87
CA LEU D 216 -17.75 5.39 1.66
C LEU D 216 -17.94 6.21 0.39
N SER D 217 -18.97 7.05 0.36
CA SER D 217 -19.21 7.90 -0.80
C SER D 217 -18.03 8.83 -1.03
N SER D 218 -17.56 9.44 0.05
CA SER D 218 -16.45 10.37 0.02
C SER D 218 -15.20 9.66 -0.47
N LEU D 219 -14.93 8.50 0.11
CA LEU D 219 -13.76 7.68 -0.24
C LEU D 219 -13.83 7.32 -1.74
N TYR D 220 -15.03 7.04 -2.24
CA TYR D 220 -15.22 6.72 -3.64
C TYR D 220 -14.87 7.92 -4.53
N LEU D 221 -15.50 9.07 -4.26
CA LEU D 221 -15.24 10.29 -5.03
C LEU D 221 -13.77 10.66 -4.99
N LEU D 222 -13.19 10.56 -3.80
CA LEU D 222 -11.78 10.87 -3.55
C LEU D 222 -10.82 9.94 -4.33
N SER D 223 -11.10 8.64 -4.35
CA SER D 223 -10.23 7.69 -5.05
C SER D 223 -10.22 7.93 -6.54
N ILE D 224 -11.34 8.39 -7.08
CA ILE D 224 -11.45 8.69 -8.51
C ILE D 224 -10.44 9.78 -8.84
N TRP D 225 -10.47 10.84 -8.04
CA TRP D 225 -9.58 11.99 -8.19
C TRP D 225 -8.11 11.56 -8.09
N VAL D 226 -7.78 10.78 -7.07
CA VAL D 226 -6.40 10.30 -6.87
C VAL D 226 -5.93 9.41 -8.03
N LYS D 227 -6.82 8.58 -8.54
CA LYS D 227 -6.50 7.70 -9.65
C LYS D 227 -6.19 8.52 -10.90
N LYS D 228 -7.04 9.50 -11.21
CA LYS D 228 -6.82 10.33 -12.38
C LYS D 228 -5.47 11.05 -12.30
N PHE D 229 -5.12 11.53 -11.10
CA PHE D 229 -3.86 12.20 -10.91
C PHE D 229 -2.70 11.25 -11.14
N LYS D 230 -2.76 10.06 -10.54
CA LYS D 230 -1.71 9.07 -10.72
C LYS D 230 -1.56 8.55 -12.13
N TRP D 231 -2.62 8.68 -12.94
CA TRP D 231 -2.60 8.23 -14.33
C TRP D 231 -2.37 9.34 -15.39
N ALA D 232 -2.38 10.61 -14.98
CA ALA D 232 -2.22 11.73 -15.93
C ALA D 232 -1.03 11.63 -16.89
N GLY D 233 0.11 11.18 -16.40
CA GLY D 233 1.25 11.04 -17.27
C GLY D 233 1.04 10.00 -18.36
N ILE D 234 0.36 8.91 -18.03
CA ILE D 234 0.10 7.82 -18.99
C ILE D 234 -0.99 8.18 -20.00
N LYS D 235 -2.06 8.79 -19.50
CA LYS D 235 -3.17 9.17 -20.35
C LYS D 235 -2.82 10.21 -21.41
N THR D 236 -1.99 11.17 -21.05
CA THR D 236 -1.61 12.21 -22.00
C THR D 236 -0.32 11.95 -22.76
N ARG D 237 0.25 10.77 -22.51
CA ARG D 237 1.49 10.35 -23.16
C ARG D 237 1.32 10.42 -24.68
N LYS D 238 2.38 10.79 -25.40
CA LYS D 238 2.32 10.90 -26.86
C LYS D 238 3.47 10.16 -27.54
N PHE D 239 3.14 9.50 -28.65
CA PHE D 239 4.13 8.73 -29.42
C PHE D 239 4.40 9.32 -30.82
N VAL D 240 5.60 9.07 -31.34
CA VAL D 240 5.98 9.49 -32.70
C VAL D 240 6.83 8.39 -33.34
N PHE D 241 6.54 8.07 -34.59
CA PHE D 241 7.28 7.04 -35.28
C PHE D 241 8.08 7.64 -36.45
N ASN D 242 9.36 7.29 -36.51
CA ASN D 242 10.26 7.71 -37.58
C ASN D 242 10.88 6.40 -38.04
N PRO D 243 10.32 5.80 -39.11
CA PRO D 243 10.86 4.54 -39.61
C PRO D 243 12.37 4.54 -39.87
N PRO D 244 13.08 3.56 -39.28
CA PRO D 244 14.52 3.36 -39.39
C PRO D 244 15.01 3.14 -40.81
N LYS D 245 16.12 3.80 -41.14
CA LYS D 245 16.76 3.72 -42.45
C LYS D 245 17.23 2.28 -42.74
N LYS E 1 10.11 13.26 -38.69
CA LYS E 1 10.10 14.42 -37.76
C LYS E 1 11.27 14.35 -36.78
N SER E 2 11.73 15.51 -36.31
CA SER E 2 12.87 15.57 -35.38
C SER E 2 12.44 15.33 -33.94
N THR E 3 13.14 14.39 -33.30
CA THR E 3 12.84 14.03 -31.93
C THR E 3 13.03 15.18 -30.95
N TYR E 4 13.80 16.19 -31.35
CA TYR E 4 14.01 17.36 -30.50
C TYR E 4 12.79 18.30 -30.49
N ARG E 5 11.89 18.10 -31.45
CA ARG E 5 10.67 18.91 -31.55
C ARG E 5 9.56 18.25 -30.73
N THR E 6 9.50 18.61 -29.46
CA THR E 6 8.52 18.05 -28.54
C THR E 6 7.08 18.38 -28.91
N PRO E 7 6.23 17.35 -29.05
CA PRO E 7 4.82 17.56 -29.40
C PRO E 7 4.11 18.51 -28.45
N ASN E 8 2.92 18.96 -28.86
CA ASN E 8 2.11 19.90 -28.09
C ASN E 8 1.36 19.31 -26.90
N PHE E 9 1.58 19.90 -25.74
CA PHE E 9 0.92 19.48 -24.50
C PHE E 9 0.11 20.63 -23.91
N ASP E 10 -0.04 21.72 -24.67
CA ASP E 10 -0.75 22.92 -24.23
C ASP E 10 -2.14 22.67 -23.64
N ASP E 11 -2.87 21.71 -24.21
CA ASP E 11 -4.20 21.37 -23.74
C ASP E 11 -4.21 20.74 -22.34
N VAL E 12 -3.07 20.15 -21.97
CA VAL E 12 -2.91 19.47 -20.69
C VAL E 12 -2.18 20.33 -19.65
N LEU E 13 -1.14 21.04 -20.09
CA LEU E 13 -0.34 21.89 -19.21
C LEU E 13 -1.12 23.08 -18.67
N LYS E 14 -0.87 23.38 -17.40
CA LYS E 14 -1.53 24.51 -16.75
C LYS E 14 -0.67 25.75 -16.91
N GLU E 15 -1.31 26.90 -17.13
CA GLU E 15 -0.57 28.15 -17.27
C GLU E 15 0.00 28.46 -15.89
N ASN E 16 1.23 27.97 -15.68
CA ASN E 16 1.95 28.11 -14.43
C ASN E 16 2.17 29.50 -13.84
N ASN E 17 1.19 29.94 -13.05
CA ASN E 17 1.24 31.21 -12.35
C ASN E 17 1.29 30.83 -10.87
N ASP E 18 0.81 29.62 -10.58
CA ASP E 18 0.80 29.04 -9.24
C ASP E 18 1.48 27.69 -9.43
N ALA E 19 2.78 27.66 -9.12
CA ALA E 19 3.60 26.46 -9.29
C ALA E 19 3.11 25.21 -8.57
N ASP E 20 2.81 25.34 -7.28
CA ASP E 20 2.36 24.22 -6.47
C ASP E 20 0.83 24.10 -6.40
N LYS E 21 0.17 24.32 -7.53
CA LYS E 21 -1.28 24.24 -7.63
C LYS E 21 -1.78 22.80 -7.65
N GLY E 22 -1.25 22.01 -8.58
CA GLY E 22 -1.64 20.62 -8.71
C GLY E 22 -1.17 19.78 -7.53
N ARG E 23 -0.02 20.16 -6.97
CA ARG E 23 0.56 19.47 -5.83
C ARG E 23 -0.30 19.62 -4.57
N SER E 24 -0.76 20.83 -4.30
CA SER E 24 -1.59 21.09 -3.12
C SER E 24 -2.92 20.34 -3.20
N TYR E 25 -3.49 20.29 -4.41
CA TYR E 25 -4.76 19.59 -4.63
C TYR E 25 -4.57 18.09 -4.47
N ALA E 26 -3.50 17.56 -5.06
CA ALA E 26 -3.22 16.14 -5.00
C ALA E 26 -2.95 15.68 -3.57
N TYR E 27 -2.13 16.45 -2.86
CA TYR E 27 -1.78 16.12 -1.49
C TYR E 27 -2.95 16.27 -0.53
N PHE E 28 -3.88 17.15 -0.85
CA PHE E 28 -5.05 17.32 0.01
C PHE E 28 -5.96 16.10 -0.18
N MET E 29 -6.13 15.69 -1.43
CA MET E 29 -6.94 14.54 -1.77
C MET E 29 -6.34 13.27 -1.15
N VAL E 30 -5.06 13.06 -1.39
CA VAL E 30 -4.34 11.92 -0.83
C VAL E 30 -4.43 11.92 0.69
N GLY E 31 -4.27 13.09 1.29
CA GLY E 31 -4.37 13.23 2.73
C GLY E 31 -5.76 12.97 3.27
N ALA E 32 -6.78 13.44 2.57
CA ALA E 32 -8.16 13.21 3.02
C ALA E 32 -8.55 11.73 2.88
N MET E 33 -8.09 11.08 1.81
CA MET E 33 -8.38 9.68 1.58
C MET E 33 -7.72 8.86 2.70
N GLY E 34 -6.52 9.29 3.09
CA GLY E 34 -5.78 8.61 4.16
C GLY E 34 -6.47 8.75 5.50
N LEU E 35 -7.12 9.89 5.71
CA LEU E 35 -7.83 10.19 6.96
C LEU E 35 -9.11 9.39 7.07
N LEU E 36 -9.98 9.47 6.06
CA LEU E 36 -11.24 8.74 6.09
C LEU E 36 -11.05 7.22 6.09
N SER E 37 -9.94 6.73 5.51
CA SER E 37 -9.64 5.31 5.50
C SER E 37 -9.29 4.82 6.88
N SER E 38 -8.40 5.55 7.55
CA SER E 38 -7.95 5.22 8.90
C SER E 38 -9.12 5.20 9.88
N ALA E 39 -10.03 6.15 9.73
CA ALA E 39 -11.19 6.20 10.60
C ALA E 39 -12.10 5.00 10.26
N GLY E 40 -12.18 4.67 8.97
CA GLY E 40 -12.98 3.55 8.53
C GLY E 40 -12.44 2.23 9.04
N ALA E 41 -11.13 2.03 8.92
CA ALA E 41 -10.47 0.83 9.38
C ALA E 41 -10.64 0.66 10.88
N LYS E 42 -10.52 1.77 11.61
CA LYS E 42 -10.66 1.77 13.04
C LYS E 42 -12.06 1.30 13.43
N SER E 43 -13.06 1.89 12.77
CA SER E 43 -14.46 1.53 13.02
C SER E 43 -14.76 0.07 12.69
N THR E 44 -14.18 -0.43 11.60
CA THR E 44 -14.38 -1.82 11.17
C THR E 44 -13.79 -2.77 12.20
N VAL E 45 -12.57 -2.49 12.64
CA VAL E 45 -11.88 -3.30 13.65
C VAL E 45 -12.65 -3.33 14.98
N GLU E 46 -13.16 -2.18 15.41
CA GLU E 46 -13.92 -2.10 16.67
C GLU E 46 -15.25 -2.87 16.58
N THR E 47 -15.88 -2.83 15.40
CA THR E 47 -17.12 -3.54 15.18
C THR E 47 -16.90 -5.03 15.41
N PHE E 48 -15.87 -5.58 14.79
CA PHE E 48 -15.53 -6.99 14.92
C PHE E 48 -15.08 -7.35 16.32
N ILE E 49 -14.22 -6.50 16.90
CA ILE E 49 -13.72 -6.77 18.24
C ILE E 49 -14.82 -6.75 19.26
N SER E 50 -15.76 -5.81 19.14
CA SER E 50 -16.82 -5.74 20.11
C SER E 50 -17.83 -6.88 20.01
N SER E 51 -17.89 -7.58 18.85
CA SER E 51 -18.83 -8.70 18.72
C SER E 51 -18.45 -9.81 19.67
N MET E 52 -17.20 -9.79 20.13
CA MET E 52 -16.73 -10.80 21.08
C MET E 52 -17.00 -10.45 22.56
N THR E 53 -17.46 -9.23 22.85
CA THR E 53 -17.74 -8.85 24.24
C THR E 53 -19.04 -9.50 24.67
N ALA E 54 -19.21 -9.65 25.98
CA ALA E 54 -20.40 -10.26 26.59
C ALA E 54 -21.69 -9.88 25.86
N THR E 55 -22.48 -10.90 25.51
CA THR E 55 -23.73 -10.68 24.78
C THR E 55 -24.81 -10.13 25.69
N ALA E 56 -25.74 -9.40 25.09
CA ALA E 56 -26.86 -8.79 25.78
C ALA E 56 -27.61 -9.74 26.71
N ASP E 57 -27.74 -10.99 26.30
CA ASP E 57 -28.47 -11.99 27.09
C ASP E 57 -27.70 -12.66 28.23
N VAL E 58 -26.41 -12.36 28.39
CA VAL E 58 -25.64 -12.99 29.46
C VAL E 58 -25.22 -12.06 30.59
N LEU E 59 -25.68 -10.82 30.54
CA LEU E 59 -25.36 -9.84 31.57
C LEU E 59 -26.42 -9.86 32.68
N ALA E 60 -26.64 -11.04 33.26
CA ALA E 60 -27.63 -11.24 34.31
C ALA E 60 -27.11 -10.82 35.68
N MET E 61 -27.83 -9.90 36.34
CA MET E 61 -27.47 -9.42 37.68
C MET E 61 -28.06 -10.30 38.77
N ALA E 62 -27.31 -11.33 39.16
CA ALA E 62 -27.74 -12.28 40.18
C ALA E 62 -27.74 -11.70 41.59
N LYS E 63 -28.41 -12.42 42.47
CA LYS E 63 -28.52 -12.05 43.88
C LYS E 63 -28.88 -13.35 44.57
N VAL E 64 -27.94 -13.89 45.34
CA VAL E 64 -28.18 -15.15 46.02
C VAL E 64 -28.44 -14.98 47.52
N GLU E 65 -29.37 -15.78 48.03
CA GLU E 65 -29.72 -15.76 49.44
C GLU E 65 -29.26 -17.08 50.03
N VAL E 66 -28.49 -17.00 51.11
CA VAL E 66 -27.99 -18.21 51.76
C VAL E 66 -28.56 -18.24 53.17
N ASN E 67 -29.02 -19.40 53.61
CA ASN E 67 -29.58 -19.54 54.94
C ASN E 67 -28.52 -19.96 55.95
N LEU E 68 -27.99 -18.96 56.67
CA LEU E 68 -26.93 -19.18 57.66
C LEU E 68 -27.30 -20.15 58.78
N ALA E 69 -28.58 -20.22 59.09
CA ALA E 69 -29.08 -21.11 60.15
C ALA E 69 -28.86 -22.59 59.81
N ALA E 70 -28.71 -22.87 58.51
CA ALA E 70 -28.50 -24.24 58.04
C ALA E 70 -27.04 -24.69 58.16
N ILE E 71 -26.12 -23.73 58.17
CA ILE E 71 -24.69 -24.04 58.26
C ILE E 71 -24.24 -24.34 59.69
N PRO E 72 -23.67 -25.55 59.91
CA PRO E 72 -23.17 -26.06 61.20
C PRO E 72 -22.02 -25.21 61.76
N LEU E 73 -21.37 -25.70 62.82
CA LEU E 73 -20.29 -24.96 63.45
C LEU E 73 -19.09 -24.67 62.55
N GLY E 74 -18.08 -25.54 62.55
CA GLY E 74 -16.91 -25.31 61.73
C GLY E 74 -16.96 -25.95 60.35
N LYS E 75 -17.93 -25.55 59.55
CA LYS E 75 -18.11 -26.11 58.21
C LYS E 75 -18.09 -25.06 57.10
N ASN E 76 -17.64 -25.49 55.92
CA ASN E 76 -17.56 -24.63 54.73
C ASN E 76 -18.72 -24.93 53.80
N VAL E 77 -19.30 -23.88 53.23
CA VAL E 77 -20.39 -24.05 52.28
C VAL E 77 -20.01 -23.22 51.05
N VAL E 78 -20.23 -23.81 49.87
CA VAL E 78 -19.91 -23.16 48.61
C VAL E 78 -21.22 -22.98 47.85
N VAL E 79 -21.48 -21.76 47.39
CA VAL E 79 -22.70 -21.49 46.63
C VAL E 79 -22.39 -20.65 45.41
N LYS E 80 -23.10 -20.91 44.30
CA LYS E 80 -22.88 -20.18 43.05
C LYS E 80 -23.53 -18.80 43.03
N TRP E 81 -22.80 -17.82 42.50
CA TRP E 81 -23.28 -16.45 42.37
C TRP E 81 -22.59 -15.88 41.14
N GLN E 82 -23.38 -15.62 40.10
CA GLN E 82 -22.87 -15.08 38.83
C GLN E 82 -21.78 -15.98 38.26
N GLY E 83 -22.00 -17.29 38.32
CA GLY E 83 -21.03 -18.24 37.81
C GLY E 83 -19.75 -18.40 38.63
N LYS E 84 -19.61 -17.57 39.67
CA LYS E 84 -18.43 -17.59 40.54
C LYS E 84 -18.78 -18.25 41.86
N PRO E 85 -17.85 -19.04 42.45
CA PRO E 85 -18.10 -19.71 43.73
C PRO E 85 -17.91 -18.75 44.93
N VAL E 86 -18.88 -18.77 45.83
CA VAL E 86 -18.83 -17.94 47.02
C VAL E 86 -18.60 -18.84 48.21
N PHE E 87 -17.51 -18.58 48.92
CA PHE E 87 -17.12 -19.34 50.10
C PHE E 87 -17.75 -18.73 51.36
N ILE E 88 -18.31 -19.59 52.20
CA ILE E 88 -18.93 -19.15 53.44
C ILE E 88 -18.54 -20.11 54.54
N ARG E 89 -17.85 -19.61 55.55
CA ARG E 89 -17.47 -20.46 56.68
C ARG E 89 -18.04 -19.88 57.96
N HIS E 90 -18.61 -20.77 58.77
CA HIS E 90 -19.14 -20.41 60.08
C HIS E 90 -17.91 -20.66 60.95
N ARG E 91 -17.16 -19.60 61.24
CA ARG E 91 -15.94 -19.72 62.02
C ARG E 91 -16.11 -20.06 63.50
N THR E 92 -15.15 -20.79 64.06
CA THR E 92 -15.15 -21.16 65.48
C THR E 92 -14.47 -20.04 66.25
N PRO E 93 -14.75 -19.93 67.56
CA PRO E 93 -14.14 -18.89 68.38
C PRO E 93 -12.62 -18.87 68.26
N HIS E 94 -12.00 -20.05 68.23
CA HIS E 94 -10.55 -20.15 68.12
C HIS E 94 -10.00 -19.61 66.78
N GLU E 95 -10.76 -19.83 65.71
CA GLU E 95 -10.35 -19.35 64.38
C GLU E 95 -10.42 -17.83 64.34
N ILE E 96 -11.50 -17.29 64.91
CA ILE E 96 -11.70 -15.85 64.95
C ILE E 96 -10.52 -15.16 65.64
N GLN E 97 -9.97 -15.79 66.67
CA GLN E 97 -8.83 -15.22 67.38
C GLN E 97 -7.58 -15.33 66.51
N GLU E 98 -7.43 -16.50 65.87
CA GLU E 98 -6.29 -16.78 64.99
C GLU E 98 -6.23 -15.75 63.87
N ALA E 99 -7.39 -15.41 63.34
CA ALA E 99 -7.51 -14.43 62.27
C ALA E 99 -7.17 -13.01 62.71
N ASN E 100 -7.70 -12.56 63.85
CA ASN E 100 -7.44 -11.20 64.32
C ASN E 100 -6.15 -10.99 65.14
N SER E 101 -5.30 -12.01 65.22
CA SER E 101 -4.04 -11.93 65.96
C SER E 101 -2.80 -12.06 65.06
N VAL E 102 -2.92 -11.63 63.81
CA VAL E 102 -1.80 -11.72 62.87
C VAL E 102 -1.27 -10.34 62.55
N ASP E 103 0.05 -10.17 62.64
CA ASP E 103 0.67 -8.89 62.36
C ASP E 103 0.81 -8.59 60.87
N MET E 104 0.46 -7.35 60.49
CA MET E 104 0.50 -6.91 59.09
C MET E 104 1.85 -7.15 58.42
N SER E 105 2.93 -7.15 59.20
CA SER E 105 4.28 -7.34 58.68
C SER E 105 4.42 -8.69 57.97
N ALA E 106 3.57 -9.65 58.33
CA ALA E 106 3.61 -10.98 57.74
C ALA E 106 2.64 -11.15 56.57
N LEU E 107 2.07 -10.06 56.07
CA LEU E 107 1.09 -10.11 54.97
C LEU E 107 1.48 -9.26 53.77
N LYS E 108 1.53 -9.89 52.59
CA LYS E 108 1.88 -9.18 51.35
C LYS E 108 0.73 -8.28 50.92
N ASP E 109 -0.46 -8.55 51.44
CA ASP E 109 -1.66 -7.75 51.17
C ASP E 109 -2.31 -7.51 52.54
N PRO E 110 -1.80 -6.49 53.28
CA PRO E 110 -2.19 -6.04 54.61
C PRO E 110 -3.65 -5.70 54.86
N GLN E 111 -4.34 -6.57 55.56
CA GLN E 111 -5.74 -6.36 55.90
C GLN E 111 -6.06 -7.01 57.25
N THR E 112 -6.79 -6.31 58.09
CA THR E 112 -7.19 -6.88 59.37
C THR E 112 -8.38 -7.75 59.06
N ASP E 113 -8.70 -8.68 59.96
CA ASP E 113 -9.83 -9.57 59.78
C ASP E 113 -11.12 -8.76 59.77
N ALA E 114 -11.10 -7.61 60.46
CA ALA E 114 -12.27 -6.75 60.54
C ALA E 114 -12.50 -5.96 59.24
N ASP E 115 -11.43 -5.71 58.52
CA ASP E 115 -11.52 -5.01 57.24
C ASP E 115 -12.17 -5.93 56.21
N ARG E 116 -12.18 -7.23 56.52
CA ARG E 116 -12.69 -8.27 55.63
C ARG E 116 -14.03 -8.90 56.00
N VAL E 117 -14.44 -8.82 57.27
CA VAL E 117 -15.72 -9.39 57.70
C VAL E 117 -16.54 -8.41 58.54
N LYS E 118 -17.86 -8.52 58.43
CA LYS E 118 -18.77 -7.65 59.17
C LYS E 118 -19.13 -8.25 60.52
N ASP E 119 -19.34 -9.56 60.53
CA ASP E 119 -19.65 -10.32 61.72
C ASP E 119 -18.58 -11.41 61.73
N PRO E 120 -17.67 -11.39 62.72
CA PRO E 120 -16.56 -12.33 62.90
C PRO E 120 -16.90 -13.81 62.82
N GLN E 121 -18.19 -14.12 62.92
CA GLN E 121 -18.65 -15.49 62.87
C GLN E 121 -18.78 -15.99 61.42
N TRP E 122 -19.01 -15.05 60.50
CA TRP E 122 -19.21 -15.38 59.10
C TRP E 122 -18.17 -14.85 58.12
N LEU E 123 -17.36 -15.77 57.60
CA LEU E 123 -16.36 -15.40 56.61
C LEU E 123 -17.07 -15.61 55.27
N ILE E 124 -17.24 -14.53 54.52
CA ILE E 124 -17.90 -14.55 53.23
C ILE E 124 -17.01 -13.96 52.15
N MET E 125 -16.55 -14.80 51.24
CA MET E 125 -15.65 -14.36 50.17
C MET E 125 -15.79 -15.10 48.84
N LEU E 126 -15.23 -14.52 47.78
CA LEU E 126 -15.25 -15.14 46.48
C LEU E 126 -14.14 -16.18 46.47
N GLY E 127 -14.49 -17.43 46.26
CA GLY E 127 -13.51 -18.49 46.22
C GLY E 127 -12.76 -18.59 44.90
N ILE E 128 -12.16 -17.47 44.48
CA ILE E 128 -11.39 -17.38 43.23
C ILE E 128 -9.96 -16.99 43.57
N CYS E 129 -9.03 -17.92 43.39
CA CYS E 129 -7.62 -17.66 43.65
C CYS E 129 -7.19 -16.44 42.85
N THR E 130 -6.51 -15.49 43.51
CA THR E 130 -6.14 -14.25 42.84
C THR E 130 -4.97 -14.34 41.88
N HIS E 131 -4.36 -15.51 41.86
CA HIS E 131 -3.25 -15.76 40.95
C HIS E 131 -3.83 -15.96 39.52
N LEU E 132 -4.33 -17.16 39.24
CA LEU E 132 -4.85 -17.47 37.90
C LEU E 132 -6.26 -18.03 37.82
N GLY E 133 -7.04 -17.79 38.88
CA GLY E 133 -8.43 -18.20 38.91
C GLY E 133 -8.93 -19.55 39.36
N CYS E 134 -8.09 -20.45 39.85
CA CYS E 134 -8.59 -21.75 40.32
C CYS E 134 -9.35 -21.53 41.60
N VAL E 135 -10.09 -22.56 42.01
CA VAL E 135 -10.87 -22.50 43.23
C VAL E 135 -10.07 -23.17 44.31
N PRO E 136 -9.71 -22.41 45.36
CA PRO E 136 -8.92 -22.96 46.48
C PRO E 136 -9.70 -24.06 47.23
N ILE E 137 -8.95 -25.04 47.73
CA ILE E 137 -9.49 -26.17 48.48
C ILE E 137 -9.61 -25.83 49.97
N GLY E 138 -10.79 -26.07 50.53
CA GLY E 138 -11.05 -25.77 51.93
C GLY E 138 -10.39 -26.70 52.92
N GLU E 139 -10.04 -26.14 54.08
CA GLU E 139 -9.41 -26.88 55.17
C GLU E 139 -8.15 -27.59 54.73
N ALA E 140 -7.30 -26.84 54.04
CA ALA E 140 -6.04 -27.37 53.54
C ALA E 140 -5.00 -26.26 53.55
N GLY E 141 -3.73 -26.63 53.40
CA GLY E 141 -2.68 -25.64 53.43
C GLY E 141 -1.90 -25.61 54.75
N ASP E 142 -0.90 -24.74 54.79
CA ASP E 142 -0.04 -24.57 55.96
C ASP E 142 -0.46 -23.45 56.89
N PHE E 143 -1.62 -22.85 56.64
CA PHE E 143 -2.10 -21.75 57.47
C PHE E 143 -3.54 -21.89 57.92
N GLY E 144 -3.99 -23.13 58.07
CA GLY E 144 -5.33 -23.39 58.55
C GLY E 144 -6.53 -22.89 57.76
N GLY E 145 -6.32 -22.56 56.49
CA GLY E 145 -7.42 -22.07 55.67
C GLY E 145 -7.63 -22.84 54.38
N TRP E 146 -7.32 -22.19 53.26
CA TRP E 146 -7.49 -22.77 51.93
C TRP E 146 -6.16 -22.91 51.19
N PHE E 147 -6.08 -23.93 50.33
CA PHE E 147 -4.89 -24.18 49.52
C PHE E 147 -5.30 -24.24 48.04
N CYS E 148 -4.58 -23.52 47.18
CA CYS E 148 -4.89 -23.58 45.75
C CYS E 148 -3.98 -24.60 45.10
N PRO E 149 -4.56 -25.71 44.63
CA PRO E 149 -3.79 -26.79 43.98
C PRO E 149 -3.11 -26.42 42.68
N CYS E 150 -3.57 -25.37 42.01
CA CYS E 150 -2.98 -24.98 40.74
C CYS E 150 -1.52 -24.59 40.75
N HIS E 151 -1.14 -23.68 41.63
CA HIS E 151 0.26 -23.28 41.73
C HIS E 151 0.73 -23.12 43.19
N GLY E 152 -0.03 -23.68 44.12
CA GLY E 152 0.35 -23.62 45.52
C GLY E 152 0.26 -22.33 46.29
N SER E 153 -0.91 -21.72 46.33
CA SER E 153 -1.11 -20.51 47.10
C SER E 153 -1.82 -20.91 48.39
N HIS E 154 -1.30 -20.45 49.52
CA HIS E 154 -1.91 -20.73 50.81
C HIS E 154 -2.61 -19.51 51.39
N TYR E 155 -3.84 -19.70 51.82
CA TYR E 155 -4.64 -18.64 52.42
C TYR E 155 -4.90 -18.97 53.90
N ASP E 156 -4.98 -17.94 54.76
CA ASP E 156 -5.24 -18.20 56.18
C ASP E 156 -6.72 -18.25 56.48
N ILE E 157 -7.07 -18.30 57.77
CA ILE E 157 -8.46 -18.40 58.20
C ILE E 157 -9.29 -17.15 57.91
N SER E 158 -8.65 -16.09 57.44
CA SER E 158 -9.36 -14.87 57.05
C SER E 158 -9.37 -14.83 55.51
N GLY E 159 -8.74 -15.85 54.91
CA GLY E 159 -8.66 -15.90 53.46
C GLY E 159 -7.63 -14.93 52.91
N ARG E 160 -6.60 -14.58 53.68
CA ARG E 160 -5.57 -13.68 53.17
C ARG E 160 -4.44 -14.52 52.58
N ILE E 161 -3.77 -13.96 51.57
CA ILE E 161 -2.66 -14.65 50.94
C ILE E 161 -1.45 -14.67 51.88
N ARG E 162 -0.94 -15.87 52.16
CA ARG E 162 0.19 -16.03 53.06
C ARG E 162 1.43 -16.58 52.40
N LYS E 163 1.27 -17.32 51.31
CA LYS E 163 2.40 -17.90 50.61
C LYS E 163 1.98 -18.35 49.23
N GLY E 164 2.84 -18.11 48.24
CA GLY E 164 2.51 -18.50 46.89
C GLY E 164 2.51 -17.31 45.96
N PRO E 165 2.30 -17.56 44.66
CA PRO E 165 2.27 -16.52 43.63
C PRO E 165 1.06 -15.59 43.64
N ALA E 166 -0.03 -15.98 44.28
CA ALA E 166 -1.21 -15.11 44.33
C ALA E 166 -0.82 -13.76 44.99
N PRO E 167 -1.18 -12.63 44.35
CA PRO E 167 -0.80 -11.36 44.97
C PRO E 167 -1.79 -10.74 45.95
N LEU E 168 -3.03 -11.22 45.97
CA LEU E 168 -4.04 -10.64 46.85
C LEU E 168 -4.85 -11.62 47.68
N ASN E 169 -5.54 -11.07 48.67
CA ASN E 169 -6.38 -11.85 49.55
C ASN E 169 -7.64 -12.16 48.76
N LEU E 170 -8.35 -13.22 49.14
CA LEU E 170 -9.60 -13.57 48.47
C LEU E 170 -10.54 -12.38 48.58
N GLU E 171 -11.10 -11.97 47.45
CA GLU E 171 -12.00 -10.83 47.41
C GLU E 171 -13.29 -11.03 48.19
N ILE E 172 -13.77 -9.95 48.79
CA ILE E 172 -15.01 -10.00 49.56
C ILE E 172 -16.09 -9.32 48.73
N PRO E 173 -17.17 -10.05 48.40
CA PRO E 173 -18.25 -9.47 47.62
C PRO E 173 -19.16 -8.67 48.56
N ALA E 174 -20.05 -7.86 47.99
CA ALA E 174 -20.98 -7.06 48.76
C ALA E 174 -22.09 -7.96 49.31
N TYR E 175 -22.40 -7.80 50.59
CA TYR E 175 -23.44 -8.61 51.23
C TYR E 175 -24.07 -7.91 52.45
N GLU E 176 -25.33 -8.24 52.71
CA GLU E 176 -26.07 -7.69 53.83
C GLU E 176 -26.74 -8.83 54.58
N PHE E 177 -26.88 -8.69 55.89
CA PHE E 177 -27.53 -9.72 56.69
C PHE E 177 -29.01 -9.40 56.85
N ASP E 178 -29.80 -10.42 57.15
CA ASP E 178 -31.24 -10.29 57.35
C ASP E 178 -31.67 -11.51 58.14
N GLY E 179 -31.57 -11.40 59.46
CA GLY E 179 -31.96 -12.50 60.34
C GLY E 179 -31.03 -13.69 60.22
N ASP E 180 -31.62 -14.84 59.90
CA ASP E 180 -30.87 -16.09 59.74
C ASP E 180 -30.32 -16.29 58.33
N LYS E 181 -30.48 -15.28 57.48
CA LYS E 181 -30.00 -15.40 56.11
C LYS E 181 -29.25 -14.16 55.60
N VAL E 182 -28.21 -14.41 54.81
CA VAL E 182 -27.40 -13.36 54.21
C VAL E 182 -27.72 -13.25 52.72
N ILE E 183 -27.64 -12.04 52.19
CA ILE E 183 -27.95 -11.80 50.79
C ILE E 183 -26.73 -11.26 50.04
N VAL E 184 -26.05 -12.18 49.34
CA VAL E 184 -24.84 -11.87 48.56
C VAL E 184 -25.18 -11.26 47.21
N GLY E 185 -24.62 -10.08 46.93
CA GLY E 185 -24.88 -9.43 45.67
C GLY E 185 -24.70 -7.92 45.74
N VAL F 1 -64.81 6.79 17.89
CA VAL F 1 -65.23 7.36 16.57
C VAL F 1 -65.46 6.19 15.60
N THR F 2 -65.66 6.51 14.32
CA THR F 2 -65.88 5.51 13.28
C THR F 2 -64.53 5.16 12.62
N ASP F 3 -64.34 3.87 12.30
CA ASP F 3 -63.09 3.42 11.68
C ASP F 3 -62.72 4.22 10.43
N GLN F 4 -61.48 4.72 10.43
CA GLN F 4 -60.94 5.55 9.35
C GLN F 4 -60.83 4.86 8.00
N LEU F 5 -60.54 3.57 8.01
CA LEU F 5 -60.41 2.80 6.77
C LEU F 5 -61.80 2.55 6.16
N GLU F 6 -62.74 2.11 6.98
CA GLU F 6 -64.11 1.85 6.53
C GLU F 6 -64.71 3.12 5.93
N ASP F 7 -64.35 4.25 6.52
CA ASP F 7 -64.82 5.55 6.07
C ASP F 7 -64.34 5.81 4.64
N LEU F 8 -63.01 5.76 4.43
CA LEU F 8 -62.41 5.99 3.12
C LEU F 8 -62.87 4.97 2.07
N ARG F 9 -63.15 3.74 2.49
CA ARG F 9 -63.62 2.72 1.57
C ARG F 9 -65.02 3.09 1.08
N GLU F 10 -65.93 3.29 2.03
CA GLU F 10 -67.32 3.66 1.74
C GLU F 10 -67.31 4.87 0.80
N HIS F 11 -66.50 5.86 1.14
CA HIS F 11 -66.38 7.06 0.33
C HIS F 11 -66.01 6.73 -1.13
N PHE F 12 -65.02 5.84 -1.32
CA PHE F 12 -64.57 5.48 -2.67
C PHE F 12 -65.48 4.52 -3.43
N LYS F 13 -66.24 3.71 -2.71
CA LYS F 13 -67.18 2.80 -3.35
C LYS F 13 -68.27 3.63 -4.05
N ASN F 14 -68.37 4.91 -3.68
CA ASN F 14 -69.37 5.82 -4.24
C ASN F 14 -68.90 6.84 -5.27
N THR F 15 -67.72 6.63 -5.84
CA THR F 15 -67.21 7.51 -6.88
C THR F 15 -67.69 6.87 -8.18
N GLU F 16 -67.48 7.52 -9.32
CA GLU F 16 -67.94 6.92 -10.57
C GLU F 16 -67.29 5.57 -10.81
N GLU F 17 -65.97 5.50 -10.61
CA GLU F 17 -65.20 4.28 -10.81
C GLU F 17 -65.61 3.18 -9.83
N GLY F 18 -65.85 3.59 -8.58
CA GLY F 18 -66.25 2.66 -7.55
C GLY F 18 -67.60 2.03 -7.82
N LYS F 19 -68.56 2.83 -8.29
CA LYS F 19 -69.90 2.34 -8.61
C LYS F 19 -69.85 1.37 -9.77
N ALA F 20 -69.08 1.70 -10.80
CA ALA F 20 -68.91 0.84 -11.97
C ALA F 20 -68.38 -0.54 -11.56
N LEU F 21 -67.43 -0.56 -10.60
CA LEU F 21 -66.83 -1.79 -10.10
C LEU F 21 -67.75 -2.62 -9.23
N VAL F 22 -68.54 -1.96 -8.36
CA VAL F 22 -69.46 -2.73 -7.52
C VAL F 22 -70.59 -3.28 -8.39
N HIS F 23 -70.90 -2.54 -9.46
CA HIS F 23 -71.94 -2.95 -10.40
C HIS F 23 -71.51 -4.28 -11.04
N HIS F 24 -70.30 -4.33 -11.61
CA HIS F 24 -69.80 -5.54 -12.23
C HIS F 24 -69.72 -6.69 -11.24
N TYR F 25 -69.37 -6.38 -10.00
CA TYR F 25 -69.30 -7.42 -8.97
C TYR F 25 -70.72 -7.88 -8.68
N GLU F 26 -71.65 -6.92 -8.65
CA GLU F 26 -73.05 -7.18 -8.36
C GLU F 26 -73.69 -8.03 -9.46
N GLU F 27 -73.42 -7.66 -10.71
CA GLU F 27 -73.94 -8.39 -11.85
C GLU F 27 -73.44 -9.84 -11.83
N CYS F 28 -72.27 -10.04 -11.21
CA CYS F 28 -71.69 -11.37 -11.10
C CYS F 28 -72.39 -12.15 -9.99
N ALA F 29 -72.60 -11.48 -8.85
CA ALA F 29 -73.26 -12.09 -7.69
C ALA F 29 -74.67 -12.56 -8.03
N GLU F 30 -75.38 -11.76 -8.83
CA GLU F 30 -76.73 -12.06 -9.26
C GLU F 30 -76.72 -13.36 -10.05
N ARG F 31 -75.87 -13.38 -11.08
CA ARG F 31 -75.72 -14.53 -11.96
C ARG F 31 -75.39 -15.82 -11.20
N VAL F 32 -74.66 -15.68 -10.09
CA VAL F 32 -74.27 -16.84 -9.28
C VAL F 32 -75.40 -17.48 -8.48
N LYS F 33 -76.17 -16.68 -7.74
CA LYS F 33 -77.27 -17.24 -6.94
C LYS F 33 -78.35 -17.89 -7.81
N ILE F 34 -78.48 -17.41 -9.04
CA ILE F 34 -79.45 -17.94 -9.99
C ILE F 34 -79.04 -19.35 -10.42
N GLN F 35 -77.73 -19.61 -10.42
CA GLN F 35 -77.19 -20.91 -10.80
C GLN F 35 -77.27 -21.92 -9.66
N GLN F 36 -77.27 -21.41 -8.43
CA GLN F 36 -77.33 -22.25 -7.23
C GLN F 36 -78.71 -22.85 -6.98
N GLN F 37 -79.75 -22.07 -7.29
CA GLN F 37 -81.13 -22.50 -7.09
C GLN F 37 -81.63 -23.43 -8.19
N GLN F 38 -80.76 -23.80 -9.12
CA GLN F 38 -81.12 -24.69 -10.21
C GLN F 38 -80.65 -26.11 -9.90
N PRO F 39 -81.40 -27.12 -10.40
CA PRO F 39 -81.08 -28.54 -10.19
C PRO F 39 -79.71 -28.98 -10.69
N GLY F 40 -79.00 -29.72 -9.84
CA GLY F 40 -77.68 -30.22 -10.18
C GLY F 40 -76.51 -29.30 -9.91
N TYR F 41 -76.67 -28.39 -8.97
CA TYR F 41 -75.59 -27.46 -8.64
C TYR F 41 -74.47 -28.16 -7.88
N ALA F 42 -74.82 -29.15 -7.07
CA ALA F 42 -73.84 -29.91 -6.29
C ALA F 42 -72.84 -30.64 -7.18
N ASP F 43 -73.35 -31.24 -8.26
CA ASP F 43 -72.51 -31.97 -9.20
C ASP F 43 -72.44 -31.17 -10.50
N LEU F 44 -71.51 -30.22 -10.56
CA LEU F 44 -71.37 -29.38 -11.74
C LEU F 44 -69.91 -29.21 -12.18
N GLU F 45 -68.99 -29.27 -11.21
CA GLU F 45 -67.54 -29.11 -11.45
C GLU F 45 -67.21 -27.95 -12.41
N HIS F 46 -68.06 -26.93 -12.41
CA HIS F 46 -67.90 -25.77 -13.27
C HIS F 46 -68.57 -24.56 -12.59
N LYS F 47 -68.60 -24.58 -11.26
CA LYS F 47 -69.21 -23.51 -10.47
C LYS F 47 -68.42 -22.21 -10.58
N GLU F 48 -69.12 -21.14 -10.91
CA GLU F 48 -68.51 -19.83 -11.04
C GLU F 48 -68.56 -19.06 -9.72
N ASP F 49 -67.49 -18.32 -9.45
CA ASP F 49 -67.43 -17.49 -8.24
C ASP F 49 -67.13 -16.07 -8.70
N CYS F 50 -67.17 -15.11 -7.78
CA CYS F 50 -66.95 -13.73 -8.15
C CYS F 50 -65.71 -13.08 -7.50
N VAL F 51 -64.70 -13.92 -7.22
CA VAL F 51 -63.45 -13.48 -6.62
C VAL F 51 -62.77 -12.43 -7.50
N GLU F 52 -62.67 -12.74 -8.78
CA GLU F 52 -62.05 -11.87 -9.75
C GLU F 52 -62.67 -10.47 -9.71
N GLU F 53 -64.00 -10.41 -9.85
CA GLU F 53 -64.74 -9.15 -9.83
C GLU F 53 -64.54 -8.47 -8.47
N PHE F 54 -64.52 -9.28 -7.41
CA PHE F 54 -64.30 -8.76 -6.06
C PHE F 54 -62.90 -8.14 -5.92
N PHE F 55 -61.89 -8.86 -6.45
CA PHE F 55 -60.50 -8.39 -6.40
C PHE F 55 -60.33 -7.06 -7.13
N HIS F 56 -61.03 -6.87 -8.24
CA HIS F 56 -60.94 -5.61 -8.99
C HIS F 56 -61.46 -4.46 -8.15
N LEU F 57 -62.51 -4.73 -7.38
CA LEU F 57 -63.13 -3.74 -6.53
C LEU F 57 -62.14 -3.40 -5.43
N GLN F 58 -61.74 -4.43 -4.69
CA GLN F 58 -60.79 -4.28 -3.59
C GLN F 58 -59.49 -3.63 -4.03
N HIS F 59 -59.01 -3.98 -5.23
CA HIS F 59 -57.78 -3.39 -5.73
C HIS F 59 -57.95 -1.89 -5.90
N TYR F 60 -59.05 -1.49 -6.54
CA TYR F 60 -59.35 -0.07 -6.75
C TYR F 60 -59.39 0.67 -5.41
N LEU F 61 -60.09 0.07 -4.45
CA LEU F 61 -60.22 0.67 -3.12
C LEU F 61 -58.85 0.80 -2.43
N ASP F 62 -58.03 -0.25 -2.53
CA ASP F 62 -56.70 -0.25 -1.93
C ASP F 62 -55.85 0.89 -2.51
N THR F 63 -55.86 1.01 -3.83
CA THR F 63 -55.10 2.03 -4.54
C THR F 63 -55.49 3.44 -4.13
N ALA F 64 -56.76 3.64 -3.74
CA ALA F 64 -57.24 4.95 -3.34
C ALA F 64 -57.13 5.23 -1.84
N THR F 65 -57.32 4.19 -1.03
CA THR F 65 -57.26 4.35 0.42
C THR F 65 -55.86 4.29 1.02
N ALA F 66 -55.01 3.43 0.48
CA ALA F 66 -53.64 3.25 0.98
C ALA F 66 -52.77 4.50 1.14
N PRO F 67 -52.78 5.41 0.15
CA PRO F 67 -51.94 6.61 0.30
C PRO F 67 -52.51 7.71 1.21
N ARG F 68 -53.72 7.50 1.71
CA ARG F 68 -54.39 8.49 2.55
C ARG F 68 -54.69 8.07 3.97
N LEU F 69 -54.92 6.78 4.18
CA LEU F 69 -55.27 6.27 5.50
C LEU F 69 -54.43 6.73 6.70
N PHE F 70 -53.10 6.74 6.54
CA PHE F 70 -52.23 7.12 7.66
C PHE F 70 -52.22 8.60 8.07
N ASP F 71 -52.60 9.50 7.16
CA ASP F 71 -52.66 10.91 7.50
C ASP F 71 -53.82 11.12 8.49
N LYS F 72 -54.73 10.15 8.54
CA LYS F 72 -55.88 10.22 9.43
C LYS F 72 -55.63 9.46 10.73
N LEU F 73 -54.57 8.66 10.78
CA LEU F 73 -54.24 7.90 11.96
C LEU F 73 -53.18 8.60 12.79
N LYS F 74 -53.03 8.16 14.04
CA LYS F 74 -52.05 8.72 14.94
C LYS F 74 -50.85 7.77 15.02
N GLN G 3 -8.91 -22.71 -36.32
CA GLN G 3 -9.01 -22.81 -37.81
C GLN G 3 -7.73 -22.29 -38.45
N SER G 4 -7.14 -23.12 -39.30
CA SER G 4 -5.90 -22.76 -39.98
C SER G 4 -6.12 -21.73 -41.07
N PHE G 5 -5.08 -20.96 -41.36
CA PHE G 5 -5.17 -19.98 -42.43
C PHE G 5 -5.25 -20.65 -43.80
N THR G 6 -4.73 -21.88 -43.90
CA THR G 6 -4.78 -22.62 -45.14
C THR G 6 -6.25 -22.88 -45.45
N SER G 7 -7.01 -23.21 -44.41
CA SER G 7 -8.43 -23.47 -44.55
C SER G 7 -9.25 -22.22 -44.84
N ILE G 8 -8.90 -21.11 -44.21
CA ILE G 8 -9.62 -19.87 -44.44
C ILE G 8 -9.36 -19.46 -45.90
N ALA G 9 -8.12 -19.67 -46.36
CA ALA G 9 -7.73 -19.32 -47.74
C ALA G 9 -8.47 -20.19 -48.77
N ARG G 10 -8.58 -21.49 -48.48
CA ARG G 10 -9.28 -22.43 -49.36
C ARG G 10 -10.70 -21.90 -49.60
N ILE G 11 -11.48 -21.77 -48.52
CA ILE G 11 -12.85 -21.27 -48.60
C ILE G 11 -12.94 -19.87 -49.22
N GLY G 12 -12.10 -18.96 -48.74
CA GLY G 12 -12.12 -17.60 -49.25
C GLY G 12 -11.83 -17.48 -50.73
N ASP G 13 -10.82 -18.22 -51.21
CA ASP G 13 -10.44 -18.17 -52.62
C ASP G 13 -11.52 -18.75 -53.53
N TYR G 14 -12.20 -19.80 -53.06
CA TYR G 14 -13.27 -20.45 -53.80
C TYR G 14 -14.39 -19.45 -54.02
N ILE G 15 -14.65 -18.63 -53.01
CA ILE G 15 -15.71 -17.63 -53.09
C ILE G 15 -15.27 -16.50 -54.01
N LEU G 16 -14.01 -16.09 -53.89
CA LEU G 16 -13.46 -15.00 -54.69
C LEU G 16 -13.37 -15.29 -56.20
N LYS G 17 -13.24 -16.57 -56.56
CA LYS G 17 -13.15 -16.96 -57.97
C LYS G 17 -14.51 -17.04 -58.65
N SER G 18 -15.48 -17.68 -57.99
CA SER G 18 -16.83 -17.81 -58.51
C SER G 18 -17.54 -16.46 -58.53
N PRO G 19 -17.88 -15.95 -59.73
CA PRO G 19 -18.56 -14.65 -59.90
C PRO G 19 -19.92 -14.57 -59.24
N VAL G 20 -20.50 -15.73 -58.94
CA VAL G 20 -21.81 -15.81 -58.29
C VAL G 20 -21.63 -15.34 -56.83
N LEU G 21 -20.77 -16.07 -56.10
CA LEU G 21 -20.49 -15.78 -54.70
C LEU G 21 -19.72 -14.47 -54.52
N SER G 22 -18.69 -14.28 -55.34
CA SER G 22 -17.86 -13.08 -55.29
C SER G 22 -18.61 -11.76 -55.26
N LYS G 23 -19.70 -11.66 -56.01
CA LYS G 23 -20.49 -10.43 -56.07
C LYS G 23 -21.49 -10.35 -54.91
N LEU G 24 -21.83 -11.50 -54.35
CA LEU G 24 -22.78 -11.59 -53.25
C LEU G 24 -22.14 -11.35 -51.87
N CYS G 25 -21.00 -12.00 -51.61
CA CYS G 25 -20.29 -11.93 -50.34
C CYS G 25 -19.37 -10.73 -50.07
N VAL G 26 -18.43 -10.45 -50.98
CA VAL G 26 -17.49 -9.35 -50.79
C VAL G 26 -18.13 -8.07 -50.24
N PRO G 27 -19.24 -7.61 -50.84
CA PRO G 27 -19.85 -6.39 -50.28
C PRO G 27 -20.25 -6.60 -48.81
N VAL G 28 -20.74 -7.79 -48.47
CA VAL G 28 -21.11 -8.08 -47.09
C VAL G 28 -19.84 -8.01 -46.23
N ALA G 29 -18.80 -8.70 -46.68
CA ALA G 29 -17.51 -8.73 -46.00
C ALA G 29 -16.91 -7.34 -45.81
N ASN G 30 -17.02 -6.49 -46.83
CA ASN G 30 -16.50 -5.12 -46.77
C ASN G 30 -17.20 -4.32 -45.68
N GLN G 31 -18.50 -4.54 -45.54
CA GLN G 31 -19.31 -3.85 -44.56
C GLN G 31 -18.97 -4.37 -43.15
N PHE G 32 -18.70 -5.66 -43.07
CA PHE G 32 -18.33 -6.28 -41.80
C PHE G 32 -17.01 -5.67 -41.31
N ILE G 33 -16.04 -5.54 -42.22
CA ILE G 33 -14.75 -4.97 -41.89
C ILE G 33 -14.82 -3.52 -41.38
N ASN G 34 -15.70 -2.72 -41.97
CA ASN G 34 -15.85 -1.33 -41.54
C ASN G 34 -16.49 -1.23 -40.17
N LEU G 35 -17.44 -2.13 -39.89
CA LEU G 35 -18.13 -2.15 -38.60
C LEU G 35 -17.21 -2.65 -37.48
N ALA G 36 -16.27 -3.53 -37.84
CA ALA G 36 -15.28 -4.09 -36.92
C ALA G 36 -14.61 -2.92 -36.17
N GLY G 37 -14.21 -1.89 -36.92
CA GLY G 37 -13.61 -0.72 -36.32
C GLY G 37 -12.11 -0.68 -36.06
N TYR G 38 -11.42 -1.78 -36.28
CA TYR G 38 -9.99 -1.82 -36.02
C TYR G 38 -9.17 -0.77 -36.79
N LYS G 39 -9.67 -0.38 -37.97
CA LYS G 39 -8.98 0.61 -38.78
C LYS G 39 -9.00 2.00 -38.16
N LYS G 40 -10.00 2.26 -37.30
CA LYS G 40 -10.10 3.55 -36.61
C LYS G 40 -9.07 3.68 -35.47
N LEU G 41 -8.47 2.54 -35.09
CA LEU G 41 -7.44 2.50 -34.06
C LEU G 41 -6.06 2.49 -34.69
N GLY G 42 -6.02 2.45 -36.02
CA GLY G 42 -4.76 2.45 -36.74
C GLY G 42 -4.17 1.08 -36.97
N LEU G 43 -5.01 0.07 -36.89
CA LEU G 43 -4.56 -1.31 -37.08
C LEU G 43 -4.92 -1.88 -38.43
N LYS G 44 -4.17 -2.92 -38.80
CA LYS G 44 -4.40 -3.64 -40.02
C LYS G 44 -4.89 -4.97 -39.48
N PHE G 45 -5.75 -5.66 -40.23
CA PHE G 45 -6.25 -6.92 -39.74
C PHE G 45 -5.18 -7.88 -39.26
N ASP G 46 -4.10 -8.04 -40.04
CA ASP G 46 -3.03 -8.97 -39.66
C ASP G 46 -2.40 -8.67 -38.30
N ASP G 47 -2.50 -7.42 -37.82
CA ASP G 47 -1.97 -7.03 -36.51
C ASP G 47 -2.81 -7.66 -35.39
N LEU G 48 -4.05 -8.03 -35.73
CA LEU G 48 -5.01 -8.62 -34.82
C LEU G 48 -4.91 -10.13 -34.60
N ILE G 49 -4.14 -10.82 -35.42
CA ILE G 49 -4.02 -12.27 -35.27
C ILE G 49 -3.37 -12.69 -33.94
N ALA G 50 -4.00 -13.60 -33.20
CA ALA G 50 -3.43 -14.09 -31.93
C ALA G 50 -2.06 -14.72 -32.24
N GLU G 51 -1.02 -14.21 -31.57
CA GLU G 51 0.36 -14.66 -31.81
C GLU G 51 0.97 -15.72 -30.90
N GLU G 52 0.26 -16.10 -29.83
CA GLU G 52 0.81 -17.08 -28.89
C GLU G 52 0.72 -18.56 -29.29
N ASN G 53 1.37 -18.89 -30.41
CA ASN G 53 1.43 -20.24 -30.93
C ASN G 53 2.68 -20.31 -31.83
N PRO G 54 3.23 -21.52 -32.06
CA PRO G 54 4.42 -21.65 -32.90
C PRO G 54 4.36 -21.13 -34.35
N ILE G 55 3.23 -21.30 -35.02
CA ILE G 55 3.10 -20.83 -36.41
C ILE G 55 3.29 -19.31 -36.44
N MET G 56 2.52 -18.60 -35.63
CA MET G 56 2.64 -17.16 -35.60
C MET G 56 4.01 -16.66 -35.14
N GLN G 57 4.72 -17.45 -34.32
CA GLN G 57 6.04 -17.00 -33.87
C GLN G 57 7.05 -17.18 -35.00
N THR G 58 6.94 -18.28 -35.72
CA THR G 58 7.79 -18.55 -36.85
C THR G 58 7.56 -17.41 -37.87
N ALA G 59 6.28 -17.09 -38.12
CA ALA G 59 5.92 -16.06 -39.08
C ALA G 59 6.45 -14.66 -38.73
N LEU G 60 6.24 -14.24 -37.49
CA LEU G 60 6.71 -12.93 -37.02
C LEU G 60 8.23 -12.84 -37.03
N ARG G 61 8.88 -13.98 -36.87
CA ARG G 61 10.34 -14.07 -36.85
C ARG G 61 10.90 -13.79 -38.25
N ARG G 62 10.18 -14.30 -39.26
CA ARG G 62 10.54 -14.16 -40.66
C ARG G 62 10.18 -12.86 -41.35
N LEU G 63 9.39 -12.04 -40.67
CA LEU G 63 8.96 -10.75 -41.18
C LEU G 63 10.13 -9.76 -41.34
N PRO G 64 10.25 -9.11 -42.51
CA PRO G 64 11.36 -8.16 -42.66
C PRO G 64 11.29 -7.02 -41.63
N GLU G 65 12.47 -6.56 -41.20
CA GLU G 65 12.63 -5.50 -40.21
C GLU G 65 11.67 -4.34 -40.26
N ASP G 66 11.59 -3.72 -41.42
CA ASP G 66 10.75 -2.55 -41.62
C ASP G 66 9.28 -2.76 -41.33
N GLU G 67 8.77 -3.94 -41.71
CA GLU G 67 7.38 -4.27 -41.44
C GLU G 67 7.24 -4.56 -39.93
N SER G 68 8.28 -5.17 -39.37
CA SER G 68 8.28 -5.50 -37.95
C SER G 68 8.21 -4.25 -37.07
N TYR G 69 9.02 -3.25 -37.37
CA TYR G 69 9.00 -2.01 -36.58
C TYR G 69 7.66 -1.31 -36.76
N ALA G 70 7.09 -1.44 -37.96
CA ALA G 70 5.81 -0.81 -38.29
C ALA G 70 4.67 -1.45 -37.48
N ARG G 71 4.63 -2.78 -37.43
CA ARG G 71 3.62 -3.50 -36.67
C ARG G 71 3.72 -3.06 -35.19
N ALA G 72 4.95 -2.95 -34.70
CA ALA G 72 5.20 -2.54 -33.32
C ALA G 72 4.60 -1.18 -33.00
N TYR G 73 4.82 -0.22 -33.88
CA TYR G 73 4.28 1.12 -33.69
C TYR G 73 2.76 1.12 -33.73
N ARG G 74 2.17 0.37 -34.68
CA ARG G 74 0.72 0.32 -34.81
C ARG G 74 0.07 -0.27 -33.56
N ILE G 75 0.68 -1.33 -33.04
CA ILE G 75 0.17 -1.99 -31.84
C ILE G 75 0.26 -1.06 -30.60
N ILE G 76 1.41 -0.41 -30.45
CA ILE G 76 1.57 0.50 -29.31
C ILE G 76 0.59 1.66 -29.41
N ARG G 77 0.46 2.22 -30.61
CA ARG G 77 -0.45 3.34 -30.84
C ARG G 77 -1.92 2.94 -30.56
N ALA G 78 -2.27 1.69 -30.91
CA ALA G 78 -3.62 1.20 -30.65
C ALA G 78 -3.90 1.09 -29.13
N HIS G 79 -2.93 0.58 -28.35
CA HIS G 79 -3.13 0.46 -26.91
C HIS G 79 -3.31 1.82 -26.24
N GLN G 80 -2.47 2.78 -26.63
CA GLN G 80 -2.55 4.13 -26.09
C GLN G 80 -3.89 4.80 -26.41
N THR G 81 -4.35 4.63 -27.65
CA THR G 81 -5.62 5.22 -28.03
C THR G 81 -6.75 4.52 -27.28
N GLU G 82 -6.69 3.19 -27.22
CA GLU G 82 -7.72 2.44 -26.50
C GLU G 82 -7.82 2.94 -25.06
N LEU G 83 -6.68 3.08 -24.38
CA LEU G 83 -6.69 3.53 -22.99
C LEU G 83 -7.19 4.95 -22.79
N THR G 84 -7.18 5.77 -23.83
CA THR G 84 -7.69 7.14 -23.70
C THR G 84 -9.16 7.23 -24.07
N HIS G 85 -9.74 6.10 -24.45
CA HIS G 85 -11.14 5.98 -24.87
C HIS G 85 -11.52 6.86 -26.03
N HIS G 86 -10.59 7.02 -26.96
CA HIS G 86 -10.79 7.81 -28.17
C HIS G 86 -10.44 6.95 -29.36
N LEU G 87 -10.62 7.53 -30.54
CA LEU G 87 -10.26 6.88 -31.79
C LEU G 87 -9.24 7.87 -32.33
N LEU G 88 -8.47 7.45 -33.32
CA LEU G 88 -7.48 8.34 -33.90
C LEU G 88 -8.19 9.34 -34.81
N PRO G 89 -7.54 10.46 -35.13
CA PRO G 89 -8.17 11.44 -36.02
C PRO G 89 -8.36 10.72 -37.35
N ARG G 90 -9.50 10.92 -38.00
CA ARG G 90 -9.83 10.24 -39.26
C ARG G 90 -8.70 10.15 -40.27
N ASN G 91 -7.92 11.22 -40.40
CA ASN G 91 -6.82 11.24 -41.36
C ASN G 91 -5.70 10.25 -41.03
N GLU G 92 -5.76 9.68 -39.83
CA GLU G 92 -4.76 8.70 -39.40
C GLU G 92 -5.24 7.26 -39.51
N TRP G 93 -6.53 7.07 -39.77
CA TRP G 93 -7.07 5.72 -39.90
C TRP G 93 -6.37 4.95 -41.00
N ILE G 94 -6.42 3.63 -40.93
CA ILE G 94 -5.80 2.82 -41.97
C ILE G 94 -6.79 2.79 -43.13
N LYS G 95 -6.29 3.01 -44.34
CA LYS G 95 -7.13 2.98 -45.52
C LYS G 95 -7.17 1.56 -46.06
N ALA G 96 -8.25 1.24 -46.77
CA ALA G 96 -8.44 -0.09 -47.33
C ALA G 96 -7.29 -0.54 -48.21
N GLN G 97 -6.66 0.40 -48.89
CA GLN G 97 -5.53 0.08 -49.77
C GLN G 97 -4.34 -0.38 -48.93
N GLU G 98 -4.25 0.15 -47.72
CA GLU G 98 -3.17 -0.19 -46.78
C GLU G 98 -3.45 -1.46 -45.97
N ASP G 99 -4.72 -1.78 -45.77
CA ASP G 99 -5.12 -2.95 -44.99
C ASP G 99 -4.87 -4.26 -45.74
N VAL G 100 -3.60 -4.47 -46.08
CA VAL G 100 -3.14 -5.63 -46.83
C VAL G 100 -2.73 -6.82 -45.96
N PRO G 101 -2.94 -8.06 -46.44
CA PRO G 101 -2.54 -9.21 -45.64
C PRO G 101 -1.02 -9.43 -45.74
N TYR G 102 -0.25 -8.55 -45.09
CA TYR G 102 1.21 -8.61 -45.08
C TYR G 102 1.86 -9.79 -44.36
N LEU G 103 1.18 -10.36 -43.37
CA LEU G 103 1.74 -11.49 -42.63
C LEU G 103 1.25 -12.82 -43.18
N LEU G 104 0.13 -12.79 -43.89
CA LEU G 104 -0.47 -13.99 -44.47
C LEU G 104 0.48 -14.94 -45.22
N PRO G 105 1.30 -14.43 -46.16
CA PRO G 105 2.20 -15.34 -46.87
C PRO G 105 3.18 -16.10 -45.96
N TYR G 106 3.69 -15.42 -44.94
CA TYR G 106 4.60 -16.06 -43.99
C TYR G 106 3.87 -17.15 -43.17
N ILE G 107 2.62 -16.88 -42.80
CA ILE G 107 1.80 -17.84 -42.04
C ILE G 107 1.50 -19.09 -42.89
N LEU G 108 1.04 -18.87 -44.11
CA LEU G 108 0.72 -19.99 -45.02
C LEU G 108 1.93 -20.87 -45.28
N GLU G 109 3.08 -20.24 -45.48
CA GLU G 109 4.32 -20.96 -45.70
C GLU G 109 4.67 -21.84 -44.50
N ALA G 110 4.57 -21.27 -43.29
CA ALA G 110 4.84 -22.02 -42.07
C ALA G 110 3.85 -23.17 -41.85
N GLU G 111 2.56 -22.95 -42.14
CA GLU G 111 1.59 -24.04 -41.97
C GLU G 111 1.87 -25.21 -42.91
N ALA G 112 2.28 -24.91 -44.13
CA ALA G 112 2.61 -25.93 -45.13
C ALA G 112 3.82 -26.71 -44.64
N ALA G 113 4.87 -26.00 -44.22
CA ALA G 113 6.08 -26.67 -43.71
C ALA G 113 5.71 -27.59 -42.54
N ALA G 114 4.88 -27.09 -41.64
CA ALA G 114 4.42 -27.85 -40.48
C ALA G 114 3.61 -29.08 -40.88
N LYS G 115 2.67 -28.90 -41.80
CA LYS G 115 1.84 -30.01 -42.27
C LYS G 115 2.67 -31.12 -42.94
N GLU G 116 3.69 -30.72 -43.70
CA GLU G 116 4.55 -31.70 -44.35
C GLU G 116 5.32 -32.54 -43.30
N LYS G 117 5.81 -31.88 -42.25
CA LYS G 117 6.54 -32.59 -41.20
C LYS G 117 5.62 -33.60 -40.53
N ASP G 118 4.39 -33.18 -40.29
CA ASP G 118 3.42 -34.06 -39.66
C ASP G 118 3.15 -35.26 -40.57
N GLU G 119 3.10 -35.02 -41.89
CA GLU G 119 2.87 -36.08 -42.87
C GLU G 119 4.04 -37.04 -42.93
N LEU G 120 5.25 -36.49 -43.04
CA LEU G 120 6.45 -37.30 -43.10
C LEU G 120 6.74 -38.10 -41.82
N ASP G 121 6.42 -37.55 -40.64
CA ASP G 121 6.65 -38.26 -39.37
C ASP G 121 5.69 -39.44 -39.24
N ASN G 122 4.60 -39.42 -40.01
CA ASN G 122 3.62 -40.49 -39.93
C ASN G 122 3.43 -41.31 -41.20
N ILE G 123 4.37 -41.19 -42.16
CA ILE G 123 4.24 -41.94 -43.42
C ILE G 123 4.28 -43.45 -43.23
N GLU G 124 3.29 -44.15 -43.80
CA GLU G 124 3.27 -45.60 -43.74
C GLU G 124 4.06 -46.10 -44.94
N VAL G 125 4.43 -47.37 -44.93
CA VAL G 125 5.19 -47.94 -46.03
C VAL G 125 4.55 -49.24 -46.50
N SER G 126 4.48 -49.42 -47.82
CA SER G 126 3.90 -50.63 -48.39
C SER G 126 4.89 -51.38 -49.26
N LYS G 127 5.07 -52.67 -48.95
CA LYS G 127 5.99 -53.53 -49.70
C LYS G 127 5.24 -54.45 -50.66
N GLY H 2 18.58 -21.92 -9.88
CA GLY H 2 17.27 -22.56 -9.61
C GLY H 2 16.89 -23.58 -10.68
N PRO H 3 15.73 -24.26 -10.51
CA PRO H 3 15.22 -25.27 -11.44
C PRO H 3 14.76 -24.66 -12.77
N PRO H 4 14.98 -25.38 -13.88
CA PRO H 4 14.59 -24.92 -15.22
C PRO H 4 13.10 -24.56 -15.32
N SER H 5 12.83 -23.41 -15.94
CA SER H 5 11.45 -22.93 -16.11
C SER H 5 10.96 -23.06 -17.56
N GLY H 6 9.70 -23.45 -17.73
CA GLY H 6 9.12 -23.60 -19.06
C GLY H 6 8.95 -22.27 -19.80
N LYS H 7 9.16 -22.30 -21.12
CA LYS H 7 9.04 -21.10 -21.97
C LYS H 7 7.57 -20.63 -22.02
N THR H 8 7.40 -19.32 -21.87
CA THR H 8 6.08 -18.70 -21.88
C THR H 8 6.01 -17.61 -22.94
N TYR H 9 4.93 -16.84 -22.93
CA TYR H 9 4.77 -15.76 -23.89
C TYR H 9 4.89 -14.39 -23.24
N MET H 10 5.43 -14.36 -22.02
CA MET H 10 5.67 -13.12 -21.29
C MET H 10 6.96 -13.26 -20.46
N GLY H 11 7.83 -12.26 -20.53
CA GLY H 11 9.06 -12.28 -19.76
C GLY H 11 8.94 -11.29 -18.61
N TRP H 12 9.95 -10.44 -18.44
CA TRP H 12 9.92 -9.45 -17.36
C TRP H 12 10.65 -8.22 -17.86
N TRP H 13 10.64 -7.15 -17.07
CA TRP H 13 11.31 -5.90 -17.44
C TRP H 13 12.70 -6.12 -18.00
N GLY H 14 12.90 -5.71 -19.26
CA GLY H 14 14.19 -5.89 -19.90
C GLY H 14 14.18 -7.06 -20.88
N HIS H 15 13.25 -7.99 -20.71
CA HIS H 15 13.12 -9.14 -21.62
C HIS H 15 11.65 -9.59 -21.67
N MET H 16 10.77 -8.64 -21.99
CA MET H 16 9.34 -8.89 -22.03
C MET H 16 8.90 -9.93 -23.03
N GLY H 17 9.68 -10.10 -24.10
CA GLY H 17 9.34 -11.08 -25.11
C GLY H 17 8.69 -10.48 -26.36
N GLY H 18 8.63 -9.15 -26.41
CA GLY H 18 8.08 -8.48 -27.57
C GLY H 18 9.14 -8.41 -28.64
N PRO H 19 8.80 -7.87 -29.83
CA PRO H 19 9.77 -7.77 -30.92
C PRO H 19 10.69 -6.58 -30.61
N LYS H 20 11.84 -6.52 -31.27
CA LYS H 20 12.77 -5.41 -31.05
C LYS H 20 12.18 -4.09 -31.54
N GLN H 21 12.13 -3.10 -30.66
CA GLN H 21 11.56 -1.80 -31.01
C GLN H 21 12.64 -0.82 -31.43
N LYS H 22 12.37 -0.05 -32.47
CA LYS H 22 13.30 0.94 -32.99
C LYS H 22 12.48 1.98 -33.77
N GLY H 23 12.83 3.25 -33.62
CA GLY H 23 12.12 4.29 -34.33
C GLY H 23 10.97 4.96 -33.61
N ILE H 24 10.47 4.34 -32.55
CA ILE H 24 9.36 4.90 -31.78
C ILE H 24 9.94 5.73 -30.64
N THR H 25 9.47 6.97 -30.50
CA THR H 25 9.92 7.87 -29.46
C THR H 25 8.69 8.32 -28.68
N SER H 26 8.72 8.20 -27.36
CA SER H 26 7.56 8.62 -26.57
C SER H 26 7.86 9.83 -25.72
N TYR H 27 6.81 10.57 -25.38
CA TYR H 27 6.98 11.78 -24.57
C TYR H 27 5.88 11.80 -23.54
N ALA H 28 6.17 12.37 -22.36
CA ALA H 28 5.18 12.48 -21.31
C ALA H 28 5.53 13.66 -20.41
N VAL H 29 4.56 14.10 -19.62
CA VAL H 29 4.72 15.23 -18.74
C VAL H 29 4.21 14.88 -17.34
N SER H 30 4.97 15.27 -16.33
CA SER H 30 4.61 15.00 -14.95
C SER H 30 3.19 15.42 -14.61
N PRO H 31 2.46 14.55 -13.89
CA PRO H 31 1.09 14.81 -13.47
C PRO H 31 1.10 16.05 -12.59
N TYR H 32 2.24 16.31 -11.95
CA TYR H 32 2.38 17.47 -11.08
C TYR H 32 2.27 18.79 -11.86
N ALA H 33 2.83 18.78 -13.06
CA ALA H 33 2.84 19.94 -13.94
C ALA H 33 1.54 20.12 -14.73
N GLN H 34 0.61 19.17 -14.59
CA GLN H 34 -0.63 19.22 -15.32
C GLN H 34 -1.75 19.92 -14.58
N LYS H 35 -2.68 20.46 -15.36
CA LYS H 35 -3.83 21.17 -14.85
C LYS H 35 -4.65 20.24 -13.96
N PRO H 36 -4.76 20.57 -12.65
CA PRO H 36 -5.51 19.76 -11.69
C PRO H 36 -6.91 19.42 -12.18
N LEU H 37 -7.31 18.18 -11.95
CA LEU H 37 -8.60 17.64 -12.37
C LEU H 37 -9.81 18.57 -12.28
N GLN H 38 -10.16 19.14 -13.43
CA GLN H 38 -11.29 20.05 -13.59
C GLN H 38 -11.52 20.29 -15.08
N GLY H 39 -10.49 19.99 -15.88
CA GLY H 39 -10.57 20.18 -17.31
C GLY H 39 -11.34 19.11 -18.06
N ILE H 40 -11.78 18.07 -17.34
CA ILE H 40 -12.53 16.98 -17.96
C ILE H 40 -14.00 17.39 -18.14
N PHE H 41 -14.17 18.48 -18.91
CA PHE H 41 -15.45 19.07 -19.25
C PHE H 41 -15.15 20.17 -20.26
N HIS H 42 -16.13 20.50 -21.11
CA HIS H 42 -15.99 21.51 -22.16
C HIS H 42 -15.16 20.93 -23.31
N ASN H 43 -14.11 20.18 -22.94
CA ASN H 43 -13.24 19.53 -23.91
C ASN H 43 -13.43 18.02 -23.88
N ALA H 44 -13.76 17.50 -22.70
CA ALA H 44 -13.99 16.07 -22.53
C ALA H 44 -15.38 15.79 -21.97
N VAL H 45 -16.39 15.99 -22.83
CA VAL H 45 -17.78 15.76 -22.45
C VAL H 45 -18.59 15.30 -23.67
N PHE H 46 -18.51 16.06 -24.76
CA PHE H 46 -19.19 15.73 -26.00
C PHE H 46 -18.45 14.56 -26.65
N ASN H 47 -17.15 14.50 -26.40
CA ASN H 47 -16.29 13.45 -26.91
C ASN H 47 -16.66 12.12 -26.25
N SER H 48 -17.08 12.20 -24.99
CA SER H 48 -17.48 11.02 -24.23
C SER H 48 -18.81 10.47 -24.75
N PHE H 49 -19.30 9.40 -24.12
CA PHE H 49 -20.55 8.75 -24.53
C PHE H 49 -20.46 8.15 -25.93
N ARG H 50 -19.25 8.13 -26.48
CA ARG H 50 -19.00 7.59 -27.81
C ARG H 50 -18.82 6.07 -27.78
N ARG H 51 -18.26 5.54 -26.71
CA ARG H 51 -18.06 4.09 -26.59
C ARG H 51 -19.31 3.36 -26.08
N PHE H 52 -20.46 3.84 -26.55
CA PHE H 52 -21.76 3.25 -26.20
C PHE H 52 -22.76 3.59 -27.30
N LYS H 53 -22.37 4.51 -28.19
CA LYS H 53 -23.19 4.93 -29.32
C LYS H 53 -22.92 3.93 -30.46
N SER H 54 -21.78 3.25 -30.34
CA SER H 54 -21.36 2.24 -31.31
C SER H 54 -21.76 0.87 -30.79
N GLN H 55 -21.94 0.77 -29.49
CA GLN H 55 -22.27 -0.48 -28.83
C GLN H 55 -23.73 -0.73 -28.44
N PHE H 56 -24.48 0.33 -28.16
CA PHE H 56 -25.86 0.17 -27.71
C PHE H 56 -26.75 -0.75 -28.54
N LEU H 57 -26.50 -0.83 -29.84
CA LEU H 57 -27.30 -1.71 -30.70
C LEU H 57 -27.05 -3.18 -30.41
N TYR H 58 -25.79 -3.53 -30.16
CA TYR H 58 -25.42 -4.91 -29.84
C TYR H 58 -26.06 -5.33 -28.52
N VAL H 59 -26.28 -4.36 -27.64
CA VAL H 59 -26.90 -4.63 -26.34
C VAL H 59 -28.43 -4.51 -26.43
N LEU H 60 -28.91 -3.39 -26.99
CA LEU H 60 -30.35 -3.11 -27.11
C LEU H 60 -31.21 -4.11 -27.89
N ILE H 61 -30.77 -4.50 -29.08
CA ILE H 61 -31.54 -5.44 -29.89
C ILE H 61 -31.77 -6.78 -29.20
N PRO H 62 -30.71 -7.42 -28.66
CA PRO H 62 -30.89 -8.70 -27.97
C PRO H 62 -31.74 -8.45 -26.72
N ALA H 63 -31.56 -7.29 -26.08
CA ALA H 63 -32.34 -6.94 -24.88
C ALA H 63 -33.81 -6.81 -25.25
N GLY H 64 -34.08 -6.06 -26.32
CA GLY H 64 -35.43 -5.85 -26.82
C GLY H 64 -36.14 -7.16 -27.13
N ILE H 65 -35.46 -8.01 -27.92
CA ILE H 65 -35.99 -9.31 -28.29
C ILE H 65 -36.41 -10.09 -27.05
N TYR H 66 -35.53 -10.13 -26.04
CA TYR H 66 -35.82 -10.85 -24.81
C TYR H 66 -36.87 -10.22 -23.90
N TRP H 67 -36.91 -8.89 -23.87
CA TRP H 67 -37.91 -8.23 -23.03
C TRP H 67 -39.30 -8.44 -23.63
N TYR H 68 -39.40 -8.32 -24.95
CA TYR H 68 -40.66 -8.52 -25.64
C TYR H 68 -41.14 -9.94 -25.43
N TRP H 69 -40.24 -10.90 -25.63
CA TRP H 69 -40.55 -12.32 -25.48
C TRP H 69 -41.03 -12.59 -24.06
N TRP H 70 -40.41 -11.93 -23.08
CA TRP H 70 -40.80 -12.12 -21.69
C TRP H 70 -42.19 -11.54 -21.40
N LYS H 71 -42.40 -10.30 -21.83
CA LYS H 71 -43.68 -9.60 -21.63
C LYS H 71 -44.84 -10.37 -22.23
N ASN H 72 -44.62 -10.90 -23.42
CA ASN H 72 -45.64 -11.66 -24.11
C ASN H 72 -46.07 -12.91 -23.36
N GLY H 73 -45.11 -13.75 -22.97
CA GLY H 73 -45.44 -14.97 -22.26
C GLY H 73 -46.12 -14.73 -20.93
N ASN H 74 -45.76 -13.61 -20.31
CA ASN H 74 -46.30 -13.24 -19.01
C ASN H 74 -47.78 -12.87 -19.14
N GLU H 75 -48.07 -11.98 -20.09
CA GLU H 75 -49.42 -11.52 -20.36
C GLU H 75 -50.31 -12.65 -20.81
N TYR H 76 -49.72 -13.65 -21.45
CA TYR H 76 -50.48 -14.79 -21.91
C TYR H 76 -50.85 -15.66 -20.71
N ASN H 77 -49.94 -15.76 -19.74
CA ASN H 77 -50.15 -16.57 -18.55
C ASN H 77 -51.26 -15.94 -17.71
N GLU H 78 -51.26 -14.61 -17.64
CA GLU H 78 -52.25 -13.85 -16.90
C GLU H 78 -53.62 -14.12 -17.50
N PHE H 79 -53.71 -14.08 -18.83
CA PHE H 79 -54.96 -14.35 -19.52
C PHE H 79 -55.44 -15.78 -19.20
N LEU H 80 -54.55 -16.75 -19.33
CA LEU H 80 -54.91 -18.14 -19.07
C LEU H 80 -55.51 -18.40 -17.68
N TYR H 81 -55.09 -17.64 -16.68
CA TYR H 81 -55.58 -17.84 -15.32
C TYR H 81 -56.72 -16.90 -14.87
N SER H 82 -57.25 -16.14 -15.82
CA SER H 82 -58.37 -15.24 -15.55
C SER H 82 -59.63 -16.02 -16.00
N LYS H 83 -60.81 -15.46 -15.72
CA LYS H 83 -62.06 -16.11 -16.10
C LYS H 83 -62.15 -16.30 -17.60
N ALA H 84 -61.92 -15.20 -18.32
CA ALA H 84 -61.98 -15.18 -19.78
C ALA H 84 -61.17 -16.27 -20.48
N GLY H 85 -60.10 -16.73 -19.84
CA GLY H 85 -59.26 -17.74 -20.45
C GLY H 85 -59.29 -19.16 -19.93
N ARG H 86 -60.19 -19.47 -19.01
CA ARG H 86 -60.26 -20.82 -18.44
C ARG H 86 -60.59 -21.88 -19.49
N GLU H 87 -61.19 -21.44 -20.58
CA GLU H 87 -61.56 -22.33 -21.67
C GLU H 87 -60.28 -22.73 -22.41
N GLU H 88 -59.48 -21.72 -22.76
CA GLU H 88 -58.21 -21.92 -23.44
C GLU H 88 -57.22 -22.66 -22.52
N LEU H 89 -57.32 -22.41 -21.23
CA LEU H 89 -56.46 -23.05 -20.23
C LEU H 89 -56.62 -24.57 -20.29
N GLU H 90 -57.85 -25.05 -20.28
CA GLU H 90 -58.11 -26.50 -20.33
C GLU H 90 -57.56 -27.13 -21.61
N ARG H 91 -57.54 -26.34 -22.67
CA ARG H 91 -57.05 -26.78 -23.97
C ARG H 91 -55.51 -26.91 -24.01
N VAL H 92 -54.81 -25.83 -23.70
CA VAL H 92 -53.34 -25.83 -23.73
C VAL H 92 -52.63 -26.52 -22.56
N ASN H 93 -53.32 -26.65 -21.44
CA ASN H 93 -52.73 -27.27 -20.24
C ASN H 93 -52.13 -28.66 -20.46
N VAL H 94 -52.84 -29.70 -20.01
CA VAL H 94 -52.35 -31.07 -20.17
C VAL H 94 -52.28 -31.47 -21.64
N SER I 4 -4.03 26.36 -4.14
CA SER I 4 -4.62 26.68 -2.81
C SER I 4 -3.52 26.91 -1.79
N SER I 5 -3.31 28.17 -1.42
CA SER I 5 -2.28 28.53 -0.45
C SER I 5 -2.66 28.15 0.98
N LEU I 6 -3.89 27.68 1.18
CA LEU I 6 -4.35 27.26 2.50
C LEU I 6 -3.60 25.98 2.91
N TYR I 7 -3.22 25.20 1.91
CA TYR I 7 -2.48 23.95 2.14
C TYR I 7 -1.02 24.24 2.52
N LYS I 8 -0.39 25.14 1.76
CA LYS I 8 1.01 25.51 1.98
C LYS I 8 1.30 26.19 3.32
N THR I 9 0.25 26.58 4.05
CA THR I 9 0.44 27.23 5.35
C THR I 9 0.65 26.15 6.43
N PHE I 10 -0.16 25.10 6.35
CA PHE I 10 -0.11 24.00 7.30
C PHE I 10 0.94 22.93 6.99
N PHE I 11 0.96 22.48 5.74
CA PHE I 11 1.87 21.41 5.33
C PHE I 11 3.04 21.78 4.42
N LYS I 12 3.02 23.02 3.92
CA LYS I 12 4.07 23.57 3.06
C LYS I 12 4.65 22.63 2.00
N ARG I 13 3.93 22.49 0.88
CA ARG I 13 4.34 21.64 -0.24
C ARG I 13 4.58 20.14 0.02
N ASN I 14 4.62 19.73 1.29
CA ASN I 14 4.82 18.34 1.63
C ASN I 14 3.49 17.66 1.89
N ALA I 15 3.47 16.34 1.68
CA ALA I 15 2.25 15.56 1.92
C ALA I 15 1.98 15.45 3.42
N VAL I 16 0.73 15.16 3.78
CA VAL I 16 0.36 15.00 5.18
C VAL I 16 0.95 13.66 5.65
N PHE I 17 1.62 13.68 6.81
CA PHE I 17 2.26 12.50 7.37
C PHE I 17 1.29 11.64 8.18
N VAL I 18 1.51 10.32 8.15
CA VAL I 18 0.65 9.35 8.86
C VAL I 18 0.29 9.70 10.29
N GLY I 19 1.25 10.25 11.04
CA GLY I 19 1.01 10.63 12.43
C GLY I 19 -0.11 11.64 12.52
N THR I 20 -0.08 12.63 11.63
CA THR I 20 -1.10 13.67 11.58
C THR I 20 -2.43 13.10 11.07
N ILE I 21 -2.34 12.14 10.15
CA ILE I 21 -3.51 11.47 9.57
C ILE I 21 -4.21 10.67 10.66
N PHE I 22 -3.44 9.89 11.42
CA PHE I 22 -4.00 9.07 12.50
C PHE I 22 -4.65 9.97 13.54
N ALA I 23 -3.96 11.04 13.92
CA ALA I 23 -4.47 11.99 14.92
C ALA I 23 -5.77 12.65 14.46
N GLY I 24 -5.80 13.05 13.18
CA GLY I 24 -6.99 13.67 12.63
C GLY I 24 -8.16 12.70 12.60
N ALA I 25 -7.87 11.42 12.38
CA ALA I 25 -8.90 10.37 12.31
C ALA I 25 -9.62 10.17 13.65
N PHE I 26 -8.87 10.20 14.75
CA PHE I 26 -9.45 10.05 16.10
C PHE I 26 -10.41 11.21 16.38
N VAL I 27 -10.01 12.41 15.95
CA VAL I 27 -10.80 13.62 16.13
C VAL I 27 -12.08 13.51 15.33
N PHE I 28 -11.92 13.18 14.04
CA PHE I 28 -13.03 13.03 13.11
C PHE I 28 -14.08 12.08 13.66
N GLN I 29 -13.64 10.89 14.08
CA GLN I 29 -14.53 9.88 14.60
C GLN I 29 -15.53 10.43 15.62
N THR I 30 -15.04 11.21 16.58
CA THR I 30 -15.87 11.77 17.62
C THR I 30 -16.80 12.88 17.11
N VAL I 31 -16.22 13.85 16.40
CA VAL I 31 -16.97 14.97 15.84
C VAL I 31 -18.08 14.50 14.92
N PHE I 32 -17.70 13.68 13.94
CA PHE I 32 -18.63 13.14 12.95
C PHE I 32 -19.81 12.39 13.57
N ASP I 33 -19.52 11.58 14.59
CA ASP I 33 -20.56 10.80 15.25
C ASP I 33 -21.60 11.68 15.92
N THR I 34 -21.15 12.73 16.61
CA THR I 34 -22.06 13.65 17.30
C THR I 34 -22.91 14.40 16.28
N ALA I 35 -22.27 14.90 15.22
CA ALA I 35 -22.98 15.62 14.17
C ALA I 35 -24.11 14.78 13.55
N ILE I 36 -23.83 13.50 13.30
CA ILE I 36 -24.81 12.58 12.70
C ILE I 36 -25.90 12.21 13.69
N THR I 37 -25.52 11.85 14.91
CA THR I 37 -26.52 11.50 15.93
C THR I 37 -27.47 12.68 16.16
N SER I 38 -26.92 13.88 16.19
CA SER I 38 -27.72 15.09 16.40
C SER I 38 -28.76 15.26 15.31
N TRP I 39 -28.29 15.27 14.06
CA TRP I 39 -29.18 15.42 12.92
C TRP I 39 -30.25 14.31 12.93
N TYR I 40 -29.81 13.08 13.12
CA TYR I 40 -30.71 11.93 13.12
C TYR I 40 -31.82 12.03 14.17
N GLU I 41 -31.44 12.32 15.42
CA GLU I 41 -32.42 12.45 16.49
C GLU I 41 -33.38 13.63 16.29
N ASN I 42 -32.87 14.72 15.72
CA ASN I 42 -33.68 15.90 15.44
C ASN I 42 -34.67 15.58 14.31
N HIS I 43 -34.16 14.97 13.24
CA HIS I 43 -35.01 14.60 12.10
C HIS I 43 -36.16 13.70 12.55
N ASN I 44 -35.93 12.91 13.60
CA ASN I 44 -36.95 12.00 14.11
C ASN I 44 -37.64 12.44 15.41
N LYS I 45 -37.63 13.75 15.65
CA LYS I 45 -38.24 14.33 16.84
C LYS I 45 -39.73 13.95 16.91
N GLY I 46 -40.16 13.51 18.09
CA GLY I 46 -41.55 13.10 18.27
C GLY I 46 -41.74 11.61 18.28
N LYS I 47 -40.89 10.89 17.52
CA LYS I 47 -40.99 9.44 17.40
C LYS I 47 -40.12 8.67 18.39
N LEU I 48 -39.04 9.31 18.84
CA LEU I 48 -38.10 8.70 19.79
C LEU I 48 -38.68 8.36 21.15
N TRP I 49 -38.01 7.43 21.84
CA TRP I 49 -38.44 7.06 23.19
C TRP I 49 -38.25 8.23 24.16
N LYS I 50 -37.25 9.07 23.90
CA LYS I 50 -36.98 10.25 24.74
C LYS I 50 -38.24 11.10 24.77
N ASP I 51 -38.80 11.32 23.58
CA ASP I 51 -40.00 12.12 23.40
C ASP I 51 -41.23 11.48 24.02
N VAL I 52 -41.34 10.17 23.89
CA VAL I 52 -42.49 9.46 24.45
C VAL I 52 -42.45 9.46 25.98
N LYS I 53 -41.25 9.38 26.55
CA LYS I 53 -41.10 9.36 28.00
C LYS I 53 -41.49 10.70 28.64
N ALA I 54 -41.35 11.79 27.88
CA ALA I 54 -41.69 13.13 28.35
C ALA I 54 -43.20 13.27 28.55
N ARG I 55 -43.98 12.56 27.72
CA ARG I 55 -45.43 12.58 27.81
C ARG I 55 -45.98 11.46 28.68
N ILE I 56 -45.13 10.91 29.55
CA ILE I 56 -45.52 9.83 30.46
C ILE I 56 -45.13 10.19 31.89
N ALA I 57 -45.97 9.80 32.84
CA ALA I 57 -45.74 10.06 34.26
C ALA I 57 -46.39 8.98 35.12
N ALA I 58 -45.58 8.01 35.54
CA ALA I 58 -46.07 6.89 36.37
C ALA I 58 -45.03 6.51 37.43
N GLU J 1 0.61 -15.45 69.13
CA GLU J 1 -0.13 -14.96 70.33
C GLU J 1 0.30 -13.54 70.75
N VAL J 2 -0.67 -12.77 71.23
CA VAL J 2 -0.40 -11.41 71.68
C VAL J 2 -0.21 -11.36 73.20
N LYS J 3 0.76 -10.55 73.63
CA LYS J 3 1.07 -10.41 75.04
C LYS J 3 1.22 -8.93 75.44
N LEU J 4 0.61 -8.57 76.56
CA LEU J 4 0.70 -7.20 77.08
C LEU J 4 1.39 -7.21 78.44
N GLN J 5 2.54 -6.55 78.53
CA GLN J 5 3.29 -6.46 79.78
C GLN J 5 3.28 -5.03 80.28
N GLU J 6 2.74 -4.83 81.48
CA GLU J 6 2.65 -3.50 82.08
C GLU J 6 3.80 -3.24 83.06
N SER J 7 4.22 -1.99 83.13
CA SER J 7 5.29 -1.60 84.04
C SER J 7 5.19 -0.11 84.38
N GLY J 8 5.85 0.29 85.46
CA GLY J 8 5.83 1.68 85.88
C GLY J 8 5.77 1.85 87.38
N ALA J 9 5.76 3.09 87.84
CA ALA J 9 5.73 3.42 89.26
C ALA J 9 4.48 2.91 89.99
N GLY J 10 4.69 1.97 90.91
CA GLY J 10 3.59 1.41 91.67
C GLY J 10 3.21 2.24 92.89
N LEU J 11 3.68 3.48 92.94
CA LEU J 11 3.40 4.39 94.05
C LEU J 11 3.83 5.82 93.73
N VAL J 12 2.87 6.74 93.69
CA VAL J 12 3.16 8.15 93.42
C VAL J 12 2.58 9.04 94.51
N GLN J 13 3.20 10.20 94.68
CA GLN J 13 2.76 11.16 95.68
C GLN J 13 1.71 12.07 95.07
N PRO J 14 0.66 12.42 95.85
CA PRO J 14 -0.41 13.30 95.35
C PRO J 14 0.11 14.58 94.71
N SER J 15 -0.67 15.13 93.78
CA SER J 15 -0.33 16.35 93.04
C SER J 15 0.67 16.09 91.90
N GLN J 16 1.23 14.89 91.85
CA GLN J 16 2.19 14.52 90.81
C GLN J 16 1.53 13.76 89.65
N SER J 17 2.35 13.33 88.69
CA SER J 17 1.86 12.61 87.51
C SER J 17 2.17 11.11 87.51
N LEU J 18 1.13 10.31 87.36
CA LEU J 18 1.25 8.85 87.30
C LEU J 18 1.56 8.44 85.86
N SER J 19 2.62 7.65 85.68
CA SER J 19 3.01 7.20 84.34
C SER J 19 3.16 5.69 84.25
N LEU J 20 2.32 5.09 83.40
CA LEU J 20 2.33 3.64 83.19
C LEU J 20 2.61 3.29 81.73
N THR J 21 3.46 2.30 81.52
CA THR J 21 3.80 1.86 80.18
C THR J 21 3.26 0.45 79.91
N CYS J 22 2.68 0.28 78.72
CA CYS J 22 2.10 -1.00 78.30
C CYS J 22 2.84 -1.54 77.06
N SER J 23 3.71 -2.52 77.29
CA SER J 23 4.50 -3.14 76.23
C SER J 23 3.75 -4.27 75.53
N VAL J 24 3.65 -4.18 74.21
CA VAL J 24 2.95 -5.21 73.43
C VAL J 24 3.92 -6.00 72.55
N THR J 25 3.79 -7.33 72.58
CA THR J 25 4.64 -8.21 71.77
C THR J 25 3.75 -9.19 71.03
N GLY J 26 4.11 -9.48 69.78
CA GLY J 26 3.36 -10.42 68.96
C GLY J 26 2.29 -9.78 68.10
N TYR J 27 2.30 -8.45 68.00
CA TYR J 27 1.32 -7.71 67.20
C TYR J 27 1.60 -6.22 67.35
N SER J 28 1.73 -5.51 66.23
CA SER J 28 2.00 -4.07 66.28
C SER J 28 0.79 -3.21 66.59
N ILE J 29 1.06 -2.11 67.30
CA ILE J 29 0.04 -1.14 67.71
C ILE J 29 -0.55 -0.45 66.50
N THR J 30 0.32 -0.24 65.50
CA THR J 30 -0.04 0.42 64.25
C THR J 30 -0.78 -0.52 63.29
N SER J 31 -0.68 -1.82 63.54
CA SER J 31 -1.32 -2.82 62.70
C SER J 31 -2.84 -2.82 62.69
N GLY J 32 -3.48 -2.52 63.83
CA GLY J 32 -4.93 -2.56 63.82
C GLY J 32 -5.82 -1.84 64.82
N TYR J 33 -6.53 -2.65 65.59
CA TYR J 33 -7.54 -2.21 66.56
C TYR J 33 -7.32 -1.06 67.56
N TYR J 34 -7.99 -1.13 68.70
CA TYR J 34 -7.90 -0.09 69.75
C TYR J 34 -7.12 -0.49 71.00
N TRP J 35 -6.31 0.45 71.50
CA TRP J 35 -5.47 0.23 72.67
C TRP J 35 -5.95 1.04 73.88
N ASN J 36 -6.59 0.34 74.80
CA ASN J 36 -7.19 0.93 75.99
C ASN J 36 -6.46 0.85 77.32
N TRP J 37 -6.93 1.71 78.23
CA TRP J 37 -6.45 1.79 79.60
C TRP J 37 -7.69 1.83 80.47
N ILE J 38 -7.73 0.99 81.49
CA ILE J 38 -8.85 0.98 82.43
C ILE J 38 -8.28 0.79 83.85
N ARG J 39 -9.04 1.20 84.87
CA ARG J 39 -8.59 1.08 86.25
C ARG J 39 -9.61 0.35 87.12
N LEU J 40 -9.12 -0.43 88.08
CA LEU J 40 -10.00 -1.16 89.00
C LEU J 40 -9.85 -0.61 90.42
N PHE J 41 -10.89 0.06 90.89
CA PHE J 41 -10.91 0.63 92.24
C PHE J 41 -11.15 -0.47 93.28
N PRO J 42 -10.66 -0.26 94.51
CA PRO J 42 -10.81 -1.22 95.61
C PRO J 42 -12.27 -1.56 95.92
N GLY J 43 -13.17 -0.64 95.58
CA GLY J 43 -14.60 -0.85 95.78
C GLY J 43 -15.21 -1.63 94.63
N ASN J 44 -14.36 -2.30 93.87
CA ASN J 44 -14.75 -3.12 92.72
C ASN J 44 -15.67 -2.47 91.69
N LYS J 45 -15.17 -1.41 91.06
CA LYS J 45 -15.93 -0.69 90.04
C LYS J 45 -15.00 -0.30 88.89
N LEU J 46 -14.95 -1.14 87.86
CA LEU J 46 -14.11 -0.89 86.70
C LEU J 46 -14.51 0.39 85.98
N GLU J 47 -13.52 1.14 85.54
CA GLU J 47 -13.76 2.39 84.82
C GLU J 47 -12.88 2.46 83.58
N TRP J 48 -13.52 2.79 82.45
CA TRP J 48 -12.79 2.92 81.19
C TRP J 48 -12.12 4.30 81.17
N VAL J 49 -10.80 4.29 81.04
CA VAL J 49 -10.02 5.51 81.03
C VAL J 49 -9.93 6.16 79.64
N GLY J 50 -9.58 5.38 78.64
CA GLY J 50 -9.47 5.90 77.28
C GLY J 50 -8.66 5.00 76.35
N TYR J 51 -8.37 5.50 75.15
CA TYR J 51 -7.58 4.73 74.19
C TYR J 51 -6.85 5.55 73.14
N ILE J 52 -6.06 4.83 72.35
CA ILE J 52 -5.32 5.39 71.23
C ILE J 52 -5.44 4.32 70.13
N SER J 53 -5.84 4.75 68.93
CA SER J 53 -5.99 3.82 67.81
C SER J 53 -4.67 3.54 67.12
N ASN J 54 -4.71 2.70 66.10
CA ASN J 54 -3.52 2.35 65.34
C ASN J 54 -3.06 3.53 64.50
N VAL J 55 -3.98 4.46 64.26
CA VAL J 55 -3.71 5.67 63.50
C VAL J 55 -3.05 6.70 64.42
N GLY J 56 -3.49 6.73 65.67
CA GLY J 56 -2.95 7.68 66.64
C GLY J 56 -4.01 8.61 67.19
N ASP J 57 -5.27 8.27 66.97
CA ASP J 57 -6.40 9.07 67.45
C ASP J 57 -6.72 8.69 68.89
N ASN J 58 -7.00 9.70 69.71
CA ASN J 58 -7.32 9.48 71.11
C ASN J 58 -8.82 9.57 71.37
N ASN J 59 -9.24 8.94 72.46
CA ASN J 59 -10.64 8.93 72.87
C ASN J 59 -10.61 8.70 74.38
N TYR J 60 -10.91 9.75 75.13
CA TYR J 60 -10.87 9.69 76.58
C TYR J 60 -12.25 9.78 77.25
N ASN J 61 -12.34 9.21 78.44
CA ASN J 61 -13.56 9.25 79.25
C ASN J 61 -13.69 10.71 79.69
N PRO J 62 -14.88 11.33 79.49
CA PRO J 62 -15.09 12.74 79.88
C PRO J 62 -14.84 13.02 81.37
N SER J 63 -14.87 11.96 82.17
CA SER J 63 -14.64 12.05 83.60
C SER J 63 -13.19 12.44 83.92
N LEU J 64 -12.26 12.00 83.08
CA LEU J 64 -10.84 12.29 83.28
C LEU J 64 -10.16 12.95 82.08
N LYS J 65 -10.93 13.23 81.04
CA LYS J 65 -10.42 13.82 79.79
C LYS J 65 -9.44 14.99 79.85
N ASP J 66 -9.61 15.88 80.83
CA ASP J 66 -8.75 17.04 80.98
C ASP J 66 -7.40 16.80 81.67
N ARG J 67 -7.23 15.60 82.24
CA ARG J 67 -6.00 15.26 82.95
C ARG J 67 -5.06 14.27 82.26
N LEU J 68 -5.62 13.15 81.78
CA LEU J 68 -4.83 12.12 81.13
C LEU J 68 -4.27 12.44 79.74
N SER J 69 -3.32 11.61 79.33
CA SER J 69 -2.65 11.73 78.04
C SER J 69 -2.12 10.36 77.65
N ILE J 70 -2.78 9.74 76.67
CA ILE J 70 -2.38 8.42 76.20
C ILE J 70 -1.59 8.54 74.89
N THR J 71 -0.27 8.36 75.00
CA THR J 71 0.62 8.45 73.84
C THR J 71 1.20 7.07 73.50
N ARG J 72 2.08 7.03 72.49
CA ARG J 72 2.69 5.77 72.09
C ARG J 72 4.07 5.96 71.45
N ASP J 73 4.75 4.85 71.22
CA ASP J 73 6.07 4.83 70.59
C ASP J 73 6.14 3.60 69.71
N THR J 74 5.80 3.79 68.43
CA THR J 74 5.78 2.73 67.42
C THR J 74 7.07 1.91 67.35
N SER J 75 8.21 2.58 67.55
CA SER J 75 9.52 1.95 67.51
C SER J 75 9.67 0.81 68.51
N LYS J 76 9.31 1.06 69.77
CA LYS J 76 9.41 0.06 70.83
C LYS J 76 8.15 -0.77 71.02
N ASN J 77 7.07 -0.35 70.33
CA ASN J 77 5.77 -1.02 70.36
C ASN J 77 5.14 -1.05 71.75
N GLN J 78 4.80 0.14 72.25
CA GLN J 78 4.20 0.28 73.57
C GLN J 78 3.49 1.61 73.71
N PHE J 79 2.34 1.60 74.39
CA PHE J 79 1.59 2.84 74.63
C PHE J 79 1.62 3.18 76.13
N PHE J 80 1.43 4.46 76.44
CA PHE J 80 1.50 4.92 77.82
C PHE J 80 0.30 5.71 78.34
N LEU J 81 0.12 5.68 79.67
CA LEU J 81 -0.93 6.44 80.35
C LEU J 81 -0.23 7.48 81.23
N LYS J 82 -0.76 8.70 81.24
CA LYS J 82 -0.20 9.77 82.05
C LYS J 82 -1.34 10.56 82.70
N LEU J 83 -1.66 10.21 83.93
CA LEU J 83 -2.72 10.87 84.70
C LEU J 83 -2.12 11.97 85.58
N ASN J 84 -2.37 13.22 85.20
CA ASN J 84 -1.85 14.39 85.93
C ASN J 84 -2.53 14.69 87.25
N SER J 85 -1.82 15.42 88.11
CA SER J 85 -2.28 15.84 89.44
C SER J 85 -3.14 14.81 90.15
N VAL J 86 -2.53 13.68 90.49
CA VAL J 86 -3.23 12.60 91.15
C VAL J 86 -3.73 12.92 92.55
N THR J 87 -4.70 12.13 93.01
CA THR J 87 -5.31 12.31 94.32
C THR J 87 -5.52 10.91 94.90
N THR J 88 -5.93 10.83 96.16
CA THR J 88 -6.19 9.53 96.79
C THR J 88 -7.30 8.81 96.03
N GLU J 89 -8.00 9.59 95.20
CA GLU J 89 -9.09 9.10 94.34
C GLU J 89 -8.52 8.10 93.33
N ASP J 90 -7.42 8.49 92.70
CA ASP J 90 -6.72 7.70 91.68
C ASP J 90 -6.00 6.46 92.19
N THR J 91 -6.39 5.94 93.34
CA THR J 91 -5.77 4.74 93.88
C THR J 91 -6.51 3.54 93.32
N ALA J 92 -5.89 2.84 92.38
CA ALA J 92 -6.50 1.68 91.76
C ALA J 92 -5.47 0.87 91.00
N THR J 93 -5.86 -0.35 90.62
CA THR J 93 -4.99 -1.21 89.82
C THR J 93 -5.35 -0.88 88.37
N TYR J 94 -4.34 -0.46 87.60
CA TYR J 94 -4.56 -0.11 86.20
C TYR J 94 -4.27 -1.24 85.23
N TYR J 95 -5.12 -1.34 84.21
CA TYR J 95 -5.00 -2.37 83.18
C TYR J 95 -4.99 -1.78 81.77
N CYS J 96 -4.11 -2.30 80.93
CA CYS J 96 -4.07 -1.86 79.54
C CYS J 96 -4.64 -3.05 78.77
N ALA J 97 -5.47 -2.78 77.77
CA ALA J 97 -6.08 -3.86 77.00
C ALA J 97 -6.41 -3.50 75.56
N ARG J 98 -6.37 -4.50 74.69
CA ARG J 98 -6.71 -4.30 73.28
C ARG J 98 -8.18 -4.63 73.08
N SER J 99 -8.84 -3.82 72.26
CA SER J 99 -10.23 -4.08 71.93
C SER J 99 -10.37 -4.16 70.42
N GLU J 100 -11.04 -5.20 69.96
CA GLU J 100 -11.27 -5.37 68.52
C GLU J 100 -12.51 -4.57 68.21
N TYR J 101 -12.84 -4.50 66.93
CA TYR J 101 -14.03 -3.81 66.49
C TYR J 101 -14.49 -4.36 65.16
N TYR J 102 -15.70 -4.93 65.18
CA TYR J 102 -16.35 -5.50 64.02
C TYR J 102 -17.64 -4.70 63.87
N SER J 103 -17.93 -4.23 62.65
CA SER J 103 -19.12 -3.41 62.40
C SER J 103 -20.46 -3.96 62.92
N VAL J 104 -20.53 -5.27 63.13
CA VAL J 104 -21.75 -5.88 63.65
C VAL J 104 -21.72 -6.05 65.17
N THR J 105 -20.76 -6.86 65.66
CA THR J 105 -20.63 -7.14 67.09
C THR J 105 -20.06 -6.01 67.97
N GLY J 106 -19.55 -4.95 67.35
CA GLY J 106 -18.98 -3.84 68.09
C GLY J 106 -17.62 -4.16 68.72
N TYR J 107 -17.25 -3.38 69.74
CA TYR J 107 -15.98 -3.53 70.44
C TYR J 107 -15.99 -4.67 71.45
N ALA J 108 -14.78 -5.11 71.82
CA ALA J 108 -14.58 -6.20 72.77
C ALA J 108 -13.10 -6.29 73.12
N MET J 109 -12.79 -6.15 74.41
CA MET J 109 -11.40 -6.22 74.85
C MET J 109 -10.97 -7.68 75.04
N ASP J 110 -10.16 -8.14 74.09
CA ASP J 110 -9.70 -9.53 74.04
C ASP J 110 -8.35 -9.85 74.64
N TYR J 111 -7.47 -8.86 74.72
CA TYR J 111 -6.14 -9.06 75.28
C TYR J 111 -5.89 -8.07 76.42
N TRP J 112 -5.69 -8.63 77.62
CA TRP J 112 -5.46 -7.83 78.82
C TRP J 112 -4.05 -7.89 79.37
N GLY J 113 -3.63 -6.77 79.96
CA GLY J 113 -2.33 -6.68 80.59
C GLY J 113 -2.37 -7.34 81.96
N GLN J 114 -1.19 -7.55 82.55
CA GLN J 114 -1.05 -8.20 83.87
C GLN J 114 -1.74 -7.43 85.00
N GLY J 115 -1.70 -6.11 84.91
CA GLY J 115 -2.32 -5.26 85.91
C GLY J 115 -1.30 -4.66 86.85
N THR J 116 -1.19 -3.34 86.85
CA THR J 116 -0.26 -2.65 87.73
C THR J 116 -1.00 -1.87 88.83
N THR J 117 -0.79 -2.29 90.09
CA THR J 117 -1.43 -1.66 91.25
C THR J 117 -0.71 -0.38 91.67
N VAL J 118 -1.41 0.76 91.60
CA VAL J 118 -0.81 2.04 92.01
C VAL J 118 -1.48 2.63 93.24
N THR J 119 -0.66 3.19 94.13
CA THR J 119 -1.15 3.80 95.35
C THR J 119 -0.68 5.25 95.45
N VAL J 120 -1.62 6.14 95.69
CA VAL J 120 -1.31 7.57 95.84
C VAL J 120 -1.10 7.82 97.33
N SER J 121 0.13 7.58 97.77
CA SER J 121 0.52 7.76 99.17
C SER J 121 1.55 8.87 99.28
N SER J 122 1.60 9.51 100.44
CA SER J 122 2.56 10.59 100.66
C SER J 122 3.92 10.05 101.11
N ALA J 123 3.96 8.72 101.29
CA ALA J 123 5.17 8.01 101.73
C ALA J 123 6.36 8.18 100.79
N TRP J 124 7.52 7.83 101.30
CA TRP J 124 8.77 7.91 100.53
C TRP J 124 9.09 6.51 100.01
N ARG J 125 9.61 6.44 98.80
CA ARG J 125 9.97 5.17 98.18
C ARG J 125 11.26 5.30 97.39
N HIS J 126 12.13 4.29 97.51
CA HIS J 126 13.42 4.29 96.82
C HIS J 126 13.26 4.13 95.31
N PRO J 127 13.64 5.15 94.53
CA PRO J 127 13.55 5.13 93.06
C PRO J 127 14.59 4.24 92.36
N ASP K 1 -24.79 9.55 80.49
CA ASP K 1 -23.98 8.31 80.69
C ASP K 1 -24.83 7.16 81.19
N ILE K 2 -24.61 5.98 80.61
CA ILE K 2 -25.34 4.77 80.96
C ILE K 2 -24.65 4.09 82.15
N GLU K 3 -25.42 3.31 82.91
CA GLU K 3 -24.87 2.59 84.06
C GLU K 3 -25.58 1.26 84.26
N LEU K 4 -24.79 0.21 84.46
CA LEU K 4 -25.34 -1.13 84.65
C LEU K 4 -25.46 -1.48 86.13
N THR K 5 -26.34 -2.43 86.45
CA THR K 5 -26.57 -2.86 87.81
C THR K 5 -26.50 -4.40 87.90
N GLN K 6 -25.34 -4.90 88.32
CA GLN K 6 -25.15 -6.34 88.45
C GLN K 6 -25.79 -6.94 89.69
N THR K 7 -26.82 -7.74 89.46
CA THR K 7 -27.55 -8.40 90.53
C THR K 7 -27.78 -9.86 90.16
N PRO K 8 -27.66 -10.78 91.14
CA PRO K 8 -27.33 -10.57 92.55
C PRO K 8 -25.90 -10.08 92.78
N VAL K 9 -25.71 -9.33 93.86
CA VAL K 9 -24.40 -8.80 94.21
C VAL K 9 -23.66 -9.79 95.11
N SER K 10 -22.60 -10.38 94.58
CA SER K 10 -21.76 -11.33 95.30
C SER K 10 -22.49 -12.49 95.97
N LEU K 11 -23.19 -13.30 95.16
CA LEU K 11 -23.92 -14.45 95.67
C LEU K 11 -23.11 -15.74 95.50
N ALA K 12 -23.19 -16.62 96.48
CA ALA K 12 -22.46 -17.89 96.46
C ALA K 12 -23.35 -19.08 96.06
N ALA K 13 -22.72 -20.22 95.83
CA ALA K 13 -23.43 -21.44 95.43
C ALA K 13 -22.64 -22.68 95.83
N SER K 14 -23.06 -23.84 95.32
CA SER K 14 -22.40 -25.11 95.65
C SER K 14 -21.19 -25.46 94.76
N LEU K 15 -20.78 -26.72 94.80
CA LEU K 15 -19.63 -27.21 94.03
C LEU K 15 -19.95 -27.69 92.61
N GLY K 16 -21.12 -27.30 92.09
CA GLY K 16 -21.48 -27.72 90.75
C GLY K 16 -22.97 -27.63 90.43
N ASP K 17 -23.42 -26.43 90.08
CA ASP K 17 -24.82 -26.19 89.74
C ASP K 17 -25.02 -24.85 89.03
N ARG K 18 -26.13 -24.73 88.30
CA ARG K 18 -26.44 -23.52 87.56
C ARG K 18 -26.55 -22.24 88.38
N VAL K 19 -26.22 -21.11 87.75
CA VAL K 19 -26.26 -19.80 88.39
C VAL K 19 -26.55 -18.73 87.32
N THR K 20 -27.43 -17.79 87.65
CA THR K 20 -27.81 -16.74 86.71
C THR K 20 -27.60 -15.30 87.24
N ILE K 21 -26.61 -14.62 86.66
CA ILE K 21 -26.31 -13.24 87.02
C ILE K 21 -26.98 -12.36 85.96
N SER K 22 -27.17 -11.08 86.26
CA SER K 22 -27.82 -10.18 85.29
C SER K 22 -27.17 -8.80 85.21
N CYS K 23 -27.55 -8.04 84.19
CA CYS K 23 -27.04 -6.68 83.97
C CYS K 23 -28.09 -5.81 83.30
N ARG K 24 -28.65 -4.87 84.07
CA ARG K 24 -29.66 -3.96 83.56
C ARG K 24 -29.07 -2.55 83.41
N ALA K 25 -29.20 -1.98 82.21
CA ALA K 25 -28.67 -0.65 81.95
C ALA K 25 -29.74 0.44 82.08
N SER K 26 -29.30 1.66 82.38
CA SER K 26 -30.21 2.78 82.53
C SER K 26 -30.91 3.11 81.21
N GLN K 27 -30.11 3.20 80.14
CA GLN K 27 -30.62 3.49 78.81
C GLN K 27 -30.74 2.17 78.04
N ASP K 28 -31.07 2.24 76.75
CA ASP K 28 -31.20 1.05 75.94
C ASP K 28 -29.98 0.75 75.06
N ILE K 29 -29.40 -0.43 75.26
CA ILE K 29 -28.25 -0.89 74.51
C ILE K 29 -28.72 -2.06 73.64
N ASN K 30 -28.44 -2.00 72.33
CA ASN K 30 -28.85 -3.03 71.38
C ASN K 30 -28.62 -4.43 71.92
N ASN K 31 -27.37 -4.87 71.85
CA ASN K 31 -26.95 -6.17 72.35
C ASN K 31 -25.46 -6.07 72.62
N PHE K 32 -24.95 -4.85 72.53
CA PHE K 32 -23.55 -4.54 72.74
C PHE K 32 -23.19 -4.68 74.21
N LEU K 33 -23.20 -5.92 74.70
CA LEU K 33 -22.90 -6.20 76.09
C LEU K 33 -21.89 -7.33 76.24
N ASN K 34 -20.73 -7.01 76.79
CA ASN K 34 -19.67 -7.99 76.99
C ASN K 34 -19.59 -8.40 78.46
N TRP K 35 -18.94 -9.53 78.71
CA TRP K 35 -18.77 -10.05 80.07
C TRP K 35 -17.32 -10.44 80.32
N TYR K 36 -16.77 -9.98 81.44
CA TYR K 36 -15.39 -10.28 81.79
C TYR K 36 -15.26 -11.09 83.07
N GLN K 37 -14.20 -11.88 83.15
CA GLN K 37 -13.93 -12.71 84.32
C GLN K 37 -12.64 -12.26 84.98
N GLN K 38 -12.74 -11.78 86.22
CA GLN K 38 -11.57 -11.34 86.97
C GLN K 38 -11.20 -12.38 88.01
N LYS K 39 -10.12 -13.12 87.73
CA LYS K 39 -9.62 -14.15 88.62
C LYS K 39 -9.17 -13.53 89.95
N PRO K 40 -9.22 -14.30 91.04
CA PRO K 40 -8.79 -13.84 92.38
C PRO K 40 -7.37 -13.29 92.36
N ASP K 41 -6.55 -13.86 91.49
CA ASP K 41 -5.14 -13.46 91.34
C ASP K 41 -4.95 -12.19 90.53
N GLY K 42 -6.05 -11.55 90.13
CA GLY K 42 -5.97 -10.31 89.37
C GLY K 42 -5.97 -10.42 87.85
N THR K 43 -6.02 -11.65 87.34
CA THR K 43 -6.03 -11.90 85.91
C THR K 43 -7.44 -11.75 85.35
N ILE K 44 -7.62 -10.77 84.46
CA ILE K 44 -8.92 -10.52 83.85
C ILE K 44 -8.99 -11.03 82.40
N LYS K 45 -10.07 -11.76 82.10
CA LYS K 45 -10.29 -12.36 80.78
C LYS K 45 -11.67 -12.04 80.19
N LEU K 46 -11.76 -12.10 78.85
CA LEU K 46 -13.02 -11.86 78.14
C LEU K 46 -13.74 -13.22 78.07
N LEU K 47 -15.04 -13.21 78.34
CA LEU K 47 -15.83 -14.44 78.33
C LEU K 47 -16.94 -14.46 77.28
N ILE K 48 -17.63 -13.33 77.15
CA ILE K 48 -18.73 -13.19 76.22
C ILE K 48 -18.79 -11.78 75.64
N TYR K 49 -19.06 -11.69 74.34
CA TYR K 49 -19.19 -10.40 73.66
C TYR K 49 -20.46 -10.44 72.82
N TYR K 50 -21.05 -9.27 72.58
CA TYR K 50 -22.29 -9.15 71.82
C TYR K 50 -23.38 -10.05 72.40
N THR K 51 -23.57 -9.93 73.71
CA THR K 51 -24.56 -10.68 74.50
C THR K 51 -24.64 -12.21 74.46
N SER K 52 -24.01 -12.86 73.48
CA SER K 52 -24.09 -14.32 73.39
C SER K 52 -22.91 -15.04 72.76
N ARG K 53 -22.04 -14.30 72.08
CA ARG K 53 -20.88 -14.90 71.42
C ARG K 53 -19.73 -15.22 72.36
N LEU K 54 -19.34 -16.49 72.38
CA LEU K 54 -18.24 -16.98 73.22
C LEU K 54 -16.88 -16.60 72.65
N HIS K 55 -15.91 -16.41 73.54
CA HIS K 55 -14.55 -16.07 73.15
C HIS K 55 -13.73 -17.36 73.08
N ALA K 56 -12.53 -17.27 72.52
CA ALA K 56 -11.65 -18.42 72.39
C ALA K 56 -11.17 -18.92 73.74
N GLY K 57 -11.42 -20.21 74.00
CA GLY K 57 -10.98 -20.80 75.25
C GLY K 57 -12.03 -20.97 76.33
N VAL K 58 -13.08 -20.15 76.30
CA VAL K 58 -14.14 -20.25 77.31
C VAL K 58 -14.95 -21.53 77.08
N PRO K 59 -15.10 -22.37 78.11
CA PRO K 59 -15.85 -23.63 78.04
C PRO K 59 -17.30 -23.47 77.59
N SER K 60 -17.83 -24.53 76.99
CA SER K 60 -19.20 -24.57 76.48
C SER K 60 -20.28 -24.31 77.52
N ARG K 61 -19.97 -24.60 78.78
CA ARG K 61 -20.91 -24.40 79.88
C ARG K 61 -21.36 -22.97 80.15
N PHE K 62 -20.81 -22.02 79.40
CA PHE K 62 -21.17 -20.61 79.54
C PHE K 62 -22.20 -20.21 78.48
N SER K 63 -23.24 -19.50 78.90
CA SER K 63 -24.28 -19.04 77.99
C SER K 63 -24.30 -17.51 78.00
N GLY K 64 -25.37 -16.94 77.46
CA GLY K 64 -25.50 -15.49 77.42
C GLY K 64 -26.74 -15.16 76.63
N SER K 65 -27.69 -14.48 77.27
CA SER K 65 -28.94 -14.11 76.62
C SER K 65 -29.40 -12.71 76.99
N GLY K 66 -30.62 -12.37 76.56
CA GLY K 66 -31.16 -11.06 76.85
C GLY K 66 -31.14 -10.12 75.67
N SER K 67 -31.71 -8.93 75.87
CA SER K 67 -31.78 -7.89 74.84
C SER K 67 -32.36 -6.62 75.44
N GLY K 68 -32.45 -5.58 74.63
CA GLY K 68 -33.01 -4.31 75.08
C GLY K 68 -32.27 -3.65 76.23
N THR K 69 -32.59 -4.07 77.46
CA THR K 69 -31.95 -3.50 78.64
C THR K 69 -31.68 -4.55 79.74
N ASP K 70 -32.20 -5.75 79.55
CA ASP K 70 -32.01 -6.85 80.52
C ASP K 70 -31.12 -7.93 79.92
N TYR K 71 -30.11 -8.36 80.68
CA TYR K 71 -29.19 -9.39 80.20
C TYR K 71 -28.94 -10.52 81.20
N SER K 72 -28.15 -11.51 80.78
CA SER K 72 -27.87 -12.67 81.63
C SER K 72 -26.50 -13.30 81.39
N LEU K 73 -26.15 -14.27 82.23
CA LEU K 73 -24.89 -15.00 82.17
C LEU K 73 -25.10 -16.27 82.98
N THR K 74 -25.49 -17.36 82.31
CA THR K 74 -25.75 -18.63 82.96
C THR K 74 -24.53 -19.55 82.91
N ILE K 75 -24.46 -20.50 83.85
CA ILE K 75 -23.37 -21.47 83.92
C ILE K 75 -23.96 -22.87 84.15
N SER K 76 -23.27 -23.89 83.65
CA SER K 76 -23.72 -25.28 83.81
C SER K 76 -23.32 -25.81 85.18
N ASN K 77 -22.02 -25.80 85.46
CA ASN K 77 -21.47 -26.26 86.73
C ASN K 77 -20.19 -25.51 87.07
N LEU K 78 -20.05 -25.11 88.34
CA LEU K 78 -18.88 -24.36 88.80
C LEU K 78 -17.66 -25.25 89.06
N GLU K 79 -17.67 -26.45 88.50
CA GLU K 79 -16.60 -27.42 88.67
C GLU K 79 -15.38 -27.21 87.76
N PRO K 80 -14.25 -26.74 88.32
CA PRO K 80 -14.04 -26.38 89.73
C PRO K 80 -13.49 -24.96 89.93
N GLU K 81 -13.07 -24.30 88.85
CA GLU K 81 -12.48 -22.96 88.96
C GLU K 81 -13.30 -21.80 88.38
N ASP K 82 -14.61 -21.82 88.61
CA ASP K 82 -15.49 -20.74 88.13
C ASP K 82 -15.56 -19.62 89.16
N ILE K 83 -14.79 -19.75 90.23
CA ILE K 83 -14.75 -18.77 91.32
C ILE K 83 -13.95 -17.52 90.96
N ALA K 84 -14.67 -16.43 90.70
CA ALA K 84 -14.06 -15.16 90.34
C ALA K 84 -15.13 -14.08 90.32
N THR K 85 -14.72 -12.86 90.01
CA THR K 85 -15.64 -11.73 89.94
C THR K 85 -15.99 -11.51 88.46
N TYR K 86 -17.28 -11.43 88.17
CA TYR K 86 -17.76 -11.24 86.80
C TYR K 86 -18.30 -9.84 86.58
N PHE K 87 -17.83 -9.19 85.51
CA PHE K 87 -18.26 -7.85 85.17
C PHE K 87 -19.03 -7.84 83.86
N CYS K 88 -19.54 -6.67 83.49
CA CYS K 88 -20.29 -6.52 82.24
C CYS K 88 -20.26 -5.08 81.77
N GLN K 89 -19.92 -4.89 80.49
CA GLN K 89 -19.87 -3.55 79.90
C GLN K 89 -20.78 -3.42 78.69
N HIS K 90 -20.95 -2.17 78.26
CA HIS K 90 -21.76 -1.86 77.10
C HIS K 90 -20.83 -1.04 76.20
N HIS K 91 -21.16 -0.96 74.90
CA HIS K 91 -20.34 -0.18 74.00
C HIS K 91 -21.09 0.46 72.84
N ILE K 92 -22.34 0.86 73.10
CA ILE K 92 -23.16 1.49 72.06
C ILE K 92 -22.75 2.95 71.85
N LYS K 93 -22.09 3.52 72.85
CA LYS K 93 -21.63 4.90 72.81
C LYS K 93 -20.57 5.11 73.89
N PHE K 94 -19.68 6.06 73.66
CA PHE K 94 -18.62 6.38 74.61
C PHE K 94 -19.13 7.36 75.66
N PRO K 95 -18.69 7.22 76.93
CA PRO K 95 -17.75 6.21 77.42
C PRO K 95 -18.37 4.86 77.81
N TRP K 96 -17.57 3.80 77.71
CA TRP K 96 -18.02 2.47 78.07
C TRP K 96 -18.09 2.44 79.59
N THR K 97 -19.08 1.71 80.12
CA THR K 97 -19.26 1.61 81.56
C THR K 97 -19.48 0.16 81.93
N PHE K 98 -18.93 -0.25 83.06
CA PHE K 98 -19.06 -1.61 83.54
C PHE K 98 -20.14 -1.73 84.63
N GLY K 99 -20.36 -2.95 85.09
CA GLY K 99 -21.34 -3.18 86.14
C GLY K 99 -20.70 -3.03 87.49
N ALA K 100 -21.49 -3.20 88.54
CA ALA K 100 -21.02 -3.11 89.92
C ALA K 100 -20.08 -4.27 90.27
N GLY K 101 -20.29 -5.39 89.61
CA GLY K 101 -19.48 -6.57 89.87
C GLY K 101 -20.32 -7.64 90.51
N THR K 102 -19.84 -8.88 90.48
CA THR K 102 -20.56 -10.01 91.06
C THR K 102 -19.58 -11.11 91.47
N LYS K 103 -19.24 -11.15 92.75
CA LYS K 103 -18.33 -12.16 93.27
C LYS K 103 -19.04 -13.52 93.32
N LEU K 104 -18.29 -14.58 93.05
CA LEU K 104 -18.85 -15.93 93.08
C LEU K 104 -18.08 -16.74 94.11
N GLU K 105 -18.73 -17.02 95.23
CA GLU K 105 -18.12 -17.78 96.32
C GLU K 105 -18.66 -19.20 96.44
N ILE K 106 -17.90 -20.06 97.12
CA ILE K 106 -18.28 -21.46 97.32
C ILE K 106 -18.42 -21.80 98.81
N LYS K 107 -19.60 -22.27 99.20
CA LYS K 107 -19.88 -22.65 100.59
C LYS K 107 -19.56 -24.12 100.83
FE HEC L . -20.81 -18.83 5.40
CHA HEC L . -23.99 -18.91 6.48
CHB HEC L . -21.91 -18.24 2.15
CHC HEC L . -17.62 -18.80 4.33
CHD HEC L . -19.70 -19.54 8.63
NA HEC L . -22.54 -18.64 4.49
C1A HEC L . -23.78 -18.72 5.12
C2A HEC L . -24.83 -18.48 4.18
C3A HEC L . -24.27 -18.35 2.96
C4A HEC L . -22.84 -18.38 3.16
CMA HEC L . -24.99 -18.17 1.63
CAA HEC L . -26.27 -18.27 4.55
CBA HEC L . -26.56 -16.76 4.69
CGA HEC L . -27.93 -16.46 5.32
O1A HEC L . -28.02 -16.39 6.54
O2A HEC L . -28.90 -16.31 4.59
NB HEC L . -19.97 -18.59 3.59
C1B HEC L . -20.54 -18.34 2.36
C2B HEC L . -19.54 -18.24 1.35
C3B HEC L . -18.35 -18.42 1.96
C4B HEC L . -18.61 -18.61 3.37
CMB HEC L . -19.87 -17.98 -0.17
CAB HEC L . -17.05 -18.48 1.46
CBB HEC L . -16.60 -17.81 0.31
NC HEC L . -19.03 -19.09 6.31
C1C HEC L . -17.80 -19.03 5.68
C2C HEC L . -16.75 -19.38 6.59
C3C HEC L . -17.33 -19.57 7.80
C4C HEC L . -18.75 -19.42 7.62
CMC HEC L . -15.17 -19.64 6.41
CAC HEC L . -16.56 -19.79 8.96
CBC HEC L . -17.16 -20.61 9.94
ND HEC L . -21.66 -19.05 7.21
C1D HEC L . -21.07 -19.35 8.44
C2D HEC L . -22.07 -19.39 9.47
C3D HEC L . -23.27 -19.24 8.87
C4D HEC L . -23.02 -19.07 7.46
CMD HEC L . -21.70 -19.42 10.96
CAD HEC L . -24.63 -19.13 9.58
CBD HEC L . -24.97 -17.65 9.91
CGD HEC L . -25.73 -16.97 8.79
O1D HEC L . -26.80 -17.46 8.43
O2D HEC L . -25.24 -15.96 8.26
FE HEC M . -10.24 -15.32 -12.28
CHA HEC M . -8.07 -13.42 -14.15
CHB HEC M . -9.11 -13.77 -9.43
CHC HEC M . -12.70 -16.91 -10.40
CHD HEC M . -11.34 -16.91 -15.05
NA HEC M . -8.89 -13.83 -11.89
C1A HEC M . -8.12 -13.15 -12.79
C2A HEC M . -7.43 -12.08 -12.12
C3A HEC M . -7.60 -12.26 -10.79
C4A HEC M . -8.55 -13.35 -10.65
CMA HEC M . -6.94 -11.44 -9.65
CAA HEC M . -6.69 -10.92 -12.77
CBA HEC M . -7.53 -9.65 -12.91
CGA HEC M . -8.78 -9.85 -13.75
O1A HEC M . -9.90 -9.60 -13.23
O2A HEC M . -8.64 -10.23 -14.95
NB HEC M . -10.75 -15.40 -10.30
C1B HEC M . -10.12 -14.73 -9.27
C2B HEC M . -10.70 -15.12 -8.00
C3B HEC M . -11.74 -15.95 -8.29
C4B HEC M . -11.80 -16.10 -9.72
CMB HEC M . -10.22 -14.52 -6.65
CAB HEC M . -12.73 -16.58 -7.48
CBB HEC M . -12.89 -16.61 -6.08
NC HEC M . -11.68 -16.72 -12.64
C1C HEC M . -12.65 -17.19 -11.77
C2C HEC M . -13.65 -17.94 -12.50
C3C HEC M . -13.25 -17.97 -13.80
C4C HEC M . -12.02 -17.21 -13.88
CMC HEC M . -14.91 -18.52 -11.84
CAC HEC M . -13.85 -18.60 -14.93
CBC HEC M . -14.75 -19.68 -14.87
ND HEC M . -9.70 -15.27 -14.19
C1D HEC M . -10.26 -16.02 -15.19
C2D HEC M . -9.60 -15.75 -16.44
C3D HEC M . -8.73 -14.73 -16.21
C4D HEC M . -8.80 -14.41 -14.79
CMD HEC M . -9.85 -16.55 -17.71
CAD HEC M . -7.83 -14.03 -17.23
CBD HEC M . -8.56 -12.81 -17.76
CGD HEC M . -7.75 -12.03 -18.78
O1D HEC M . -6.59 -11.66 -18.50
O2D HEC M . -8.27 -11.77 -19.86
C1 UQ6 N . -3.03 -9.44 -9.16
C1M UQ6 N . -2.25 -10.20 -8.08
C2 UQ6 N . -2.67 -9.76 -10.54
O2 UQ6 N . -1.77 -10.59 -10.77
C3 UQ6 N . -3.37 -9.08 -11.65
C4 UQ6 N . -4.34 -8.17 -11.36
C5 UQ6 N . -4.70 -7.87 -9.98
O5 UQ6 N . -5.58 -7.03 -9.74
C6 UQ6 N . -4.02 -8.52 -8.87
O3 UQ6 N . -3.01 -9.40 -12.98
C3M UQ6 N . -1.89 -9.98 -13.57
O4 UQ6 N . -5.05 -7.49 -12.34
C4M UQ6 N . -5.13 -6.08 -12.51
C7 UQ6 N . -4.43 -8.15 -7.38
C8 UQ6 N . -5.44 -9.03 -6.71
C9 UQ6 N . -5.18 -10.03 -5.78
C10 UQ6 N . -3.74 -10.35 -5.33
C11 UQ6 N . -6.25 -10.92 -5.09
C12 UQ6 N . -5.66 -11.94 -4.09
C13 UQ6 N . -6.49 -12.58 -3.05
C14 UQ6 N . -6.23 -13.67 -2.22
C15 UQ6 N . -4.90 -14.45 -2.23
C16 UQ6 N . -7.21 -14.24 -1.17
C17 UQ6 N . -6.69 -15.06 0.03
C18 UQ6 N . -7.69 -15.20 1.07
C19 UQ6 N . -7.81 -15.39 2.47
C20 UQ6 N . -9.21 -15.46 3.07
C21 UQ6 N . -6.66 -15.52 3.51
C22 UQ6 N . -6.96 -16.23 4.85
C23 UQ6 N . -7.22 -15.36 6.02
C24 UQ6 N . -7.39 -15.58 7.38
C25 UQ6 N . -7.32 -16.97 8.05
C26 UQ6 N . -7.66 -14.48 8.43
C27 UQ6 N . -9.03 -14.38 9.10
C28 UQ6 N . -8.94 -14.58 10.54
C29 UQ6 N . -8.73 -13.74 11.63
C30 UQ6 N . -8.54 -12.21 11.50
C31 UQ6 N . -8.67 -14.19 13.11
C32 UQ6 N . -9.64 -13.48 14.05
C33 UQ6 N . -9.56 -13.92 15.47
C34 UQ6 N . -9.32 -13.24 16.67
C35 UQ6 N . -9.07 -11.74 16.79
C36 UQ6 N . -9.27 -13.89 18.06
C2 SMA O . -30.88 -26.05 -7.19
C3 SMA O . -31.81 -26.89 -7.71
C3M SMA O . -31.57 -27.65 -8.97
C4 SMA O . -33.12 -27.09 -7.05
C4A SMA O . -33.32 -26.29 -5.80
C5 SMA O . -34.53 -26.33 -5.02
C5M SMA O . -36.86 -26.63 -5.33
C6 SMA O . -34.68 -25.58 -3.85
C7 SMA O . -33.62 -24.79 -3.40
C7M SMA O . -34.94 -23.75 -1.68
C8 SMA O . -32.40 -24.72 -4.14
C8A SMA O . -32.27 -25.48 -5.34
C9 SMA O . -29.52 -25.72 -7.78
C10 SMA O . -28.37 -26.61 -7.39
C11 SMA O . -27.05 -25.90 -7.73
C12 SMA O . -25.86 -26.86 -7.75
C13 SMA O . -25.72 -27.67 -6.47
C14 SMA O . -24.42 -28.52 -6.49
C15 SMA O . -24.42 -29.47 -5.35
C16 SMA O . -23.52 -29.50 -4.36
C17 SMA O . -23.60 -30.44 -3.26
C18 SMA O . -22.67 -30.52 -2.27
C19 SMA O . -22.69 -31.44 -1.15
C20 SMA O . -21.75 -31.33 -0.20
C21 SMA O . -21.64 -32.19 0.99
C22 SMA O . -27.14 -25.19 -9.08
C23 SMA O . -25.08 -27.75 -9.86
C24 SMA O . -25.76 -26.76 -5.24
C25 SMA O . -22.11 -28.10 -7.08
C26 SMA O . -23.77 -32.48 -1.10
O1 SMA O . -31.07 -25.32 -6.00
O4 SMA O . -33.98 -27.85 -7.52
O5 SMA O . -35.54 -27.11 -5.50
O7 SMA O . -33.66 -24.02 -2.25
O8 SMA O . -31.34 -23.97 -3.78
O12 SMA O . -26.07 -27.80 -8.84
O14 SMA O . -23.29 -27.62 -6.43
FE HEC P . -53.61 -14.63 14.56
CHA HEC P . -52.42 -16.60 12.04
CHB HEC P . -51.69 -12.03 13.35
CHC HEC P . -54.94 -12.53 16.90
CHD HEC P . -55.50 -17.19 15.76
NA HEC P . -52.28 -14.37 13.02
C1A HEC P . -51.91 -15.31 12.09
C2A HEC P . -50.95 -14.76 11.18
C3A HEC P . -50.80 -13.46 11.50
C4A HEC P . -51.60 -13.22 12.67
CMA HEC P . -49.94 -12.41 10.81
CAA HEC P . -50.25 -15.50 10.08
CBA HEC P . -51.00 -15.42 8.79
CGA HEC P . -50.19 -15.95 7.61
O1A HEC P . -49.86 -17.16 7.63
O2A HEC P . -49.88 -15.17 6.68
NB HEC P . -53.32 -12.69 15.06
C1B HEC P . -52.47 -11.79 14.46
C2B HEC P . -52.43 -10.58 15.23
C3B HEC P . -53.39 -10.67 16.16
C4B HEC P . -53.98 -12.00 16.05
CMB HEC P . -51.48 -9.42 15.02
CAB HEC P . -53.85 -9.66 17.21
CBB HEC P . -54.20 -8.32 16.55
NC HEC P . -54.92 -14.83 16.07
C1C HEC P . -55.36 -13.84 16.93
C2C HEC P . -56.15 -14.45 17.97
C3C HEC P . -56.28 -15.76 17.68
C4C HEC P . -55.59 -15.98 16.43
CMC HEC P . -56.65 -13.82 19.27
CAC HEC P . -56.85 -16.96 18.40
CBC HEC P . -58.37 -16.86 18.52
ND HEC P . -53.89 -16.51 14.02
C1D HEC P . -54.71 -17.43 14.65
C2D HEC P . -54.70 -18.65 13.90
C3D HEC P . -53.88 -18.47 12.83
C4D HEC P . -53.35 -17.15 12.93
CMD HEC P . -55.53 -19.86 14.31
CAD HEC P . -53.59 -19.49 11.72
CBD HEC P . -54.03 -19.10 10.30
CGD HEC P . -54.00 -20.27 9.32
O1D HEC P . -53.11 -21.13 9.40
O2D HEC P . -54.89 -20.33 8.45
FE1 FES Q . -4.16 -20.46 42.61
FE2 FES Q . -2.14 -20.23 40.54
S1 FES Q . -2.05 -20.55 42.71
S2 FES Q . -4.29 -20.15 40.47
#